data_4DRV
# 
_entry.id   4DRV 
# 
_audit_conform.dict_name       mmcif_pdbx.dic 
_audit_conform.dict_version    5.379 
_audit_conform.dict_location   http://mmcif.pdb.org/dictionaries/ascii/mmcif_pdbx.dic 
# 
loop_
_database_2.database_id 
_database_2.database_code 
_database_2.pdbx_database_accession 
_database_2.pdbx_DOI 
PDB   4DRV         pdb_00004drv 10.2210/pdb4drv/pdb 
RCSB  RCSB070703   ?            ?                   
WWPDB D_1000070703 ?            ?                   
# 
loop_
_pdbx_database_related.db_name 
_pdbx_database_related.db_id 
_pdbx_database_related.details 
_pdbx_database_related.content_type 
PDB 4DRR 'Cell attachment protein VP8* of rotavirus'                                                                      
unspecified 
PDB 4DS0 'Cell attachment protein VP8* of a human rotavirus specifically interacts with A-type histo-blood group antigen' 
unspecified 
# 
_pdbx_database_status.status_code                     REL 
_pdbx_database_status.entry_id                        4DRV 
_pdbx_database_status.recvd_initial_deposition_date   2012-02-17 
_pdbx_database_status.deposit_site                    RCSB 
_pdbx_database_status.process_site                    RCSB 
_pdbx_database_status.status_code_sf                  REL 
_pdbx_database_status.status_code_mr                  ? 
_pdbx_database_status.SG_entry                        ? 
_pdbx_database_status.status_code_cs                  ? 
_pdbx_database_status.methods_development_category    ? 
_pdbx_database_status.pdb_format_compatible           Y 
_pdbx_database_status.status_code_nmr_data            ? 
# 
loop_
_audit_author.name 
_audit_author.pdbx_ordinal 
'Hu, L.'                1 
'Crawford, S.E.'        2 
'Czako, R.'             3 
'Cortes-Penfield, N.W.' 4 
'Smith, D.F.'           5 
'Le Pendu, J.'          6 
'Estes, M.K.'           7 
'Prasad, B.V.V.'        8 
# 
_citation.id                        primary 
_citation.title                     
'Cell attachment protein VP8* of a human rotavirus specifically interacts with A-type histo-blood group antigen.' 
_citation.journal_abbrev            Nature 
_citation.journal_volume            485 
_citation.page_first                256 
_citation.page_last                 259 
_citation.year                      2012 
_citation.journal_id_ASTM           NATUAS 
_citation.country                   UK 
_citation.journal_id_ISSN           0028-0836 
_citation.journal_id_CSD            0006 
_citation.book_publisher            ? 
_citation.pdbx_database_id_PubMed   22504179 
_citation.pdbx_database_id_DOI      10.1038/nature10996 
# 
loop_
_citation_author.citation_id 
_citation_author.name 
_citation_author.ordinal 
_citation_author.identifier_ORCID 
primary 'Hu, L.'                1 ? 
primary 'Crawford, S.E.'        2 ? 
primary 'Czako, R.'             3 ? 
primary 'Cortes-Penfield, N.W.' 4 ? 
primary 'Smith, D.F.'           5 ? 
primary 'Le Pendu, J.'          6 ? 
primary 'Estes, M.K.'           7 ? 
primary 'Prasad, B.V.'          8 ? 
# 
_cell.entry_id           4DRV 
_cell.length_a           43.720 
_cell.length_b           35.220 
_cell.length_c           43.990 
_cell.angle_alpha        90.00 
_cell.angle_beta         95.45 
_cell.angle_gamma        90.00 
_cell.Z_PDB              2 
_cell.pdbx_unique_axis   ? 
_cell.length_a_esd       ? 
_cell.length_b_esd       ? 
_cell.length_c_esd       ? 
_cell.angle_alpha_esd    ? 
_cell.angle_beta_esd     ? 
_cell.angle_gamma_esd    ? 
# 
_symmetry.entry_id                         4DRV 
_symmetry.space_group_name_H-M             'P 1 21 1' 
_symmetry.pdbx_full_space_group_name_H-M   ? 
_symmetry.cell_setting                     ? 
_symmetry.Int_Tables_number                4 
_symmetry.space_group_name_Hall            ? 
# 
loop_
_entity.id 
_entity.type 
_entity.src_method 
_entity.pdbx_description 
_entity.formula_weight 
_entity.pdbx_number_of_molecules 
_entity.pdbx_ec 
_entity.pdbx_mutation 
_entity.pdbx_fragment 
_entity.details 
1 polymer  man 'Outer capsid protein VP4'                                                                              18567.623 1 
? ? 'UNP residues 64-224' ? 
2 branched man 'alpha-L-fucopyranose-(1-2)-[2-acetamido-2-deoxy-alpha-D-galactopyranose-(1-3)]alpha-D-galactopyranose' 529.490   1 
? ? ?                     ? 
3 water    nat water                                                                                                   18.015    
300 ? ? ?                     ? 
# 
_entity_name_com.entity_id   1 
_entity_name_com.name        'Rotavirus cell attachment protein VP8*' 
# 
_entity_poly.entity_id                      1 
_entity_poly.type                           'polypeptide(L)' 
_entity_poly.nstd_linkage                   no 
_entity_poly.nstd_monomer                   no 
_entity_poly.pdbx_seq_one_letter_code       
;GSTLDGPYQPTTFNLPIDYWMLIAPTQIGRVAEGTNTTDRWFACVLVEPNVQNTQREYVLDGQTVQLQVSNNSSTLWKFI
LFIKLEKNGAYSQYSTLSTSNKLCAWMKREGRVYWYAGTTPNASESYYLTINNDNSNVSCDAEFYLIPRSQTELCTQYIN
NGL
;
_entity_poly.pdbx_seq_one_letter_code_can   
;GSTLDGPYQPTTFNLPIDYWMLIAPTQIGRVAEGTNTTDRWFACVLVEPNVQNTQREYVLDGQTVQLQVSNNSSTLWKFI
LFIKLEKNGAYSQYSTLSTSNKLCAWMKREGRVYWYAGTTPNASESYYLTINNDNSNVSCDAEFYLIPRSQTELCTQYIN
NGL
;
_entity_poly.pdbx_strand_id                 A 
_entity_poly.pdbx_target_identifier         ? 
# 
loop_
_entity_poly_seq.entity_id 
_entity_poly_seq.num 
_entity_poly_seq.mon_id 
_entity_poly_seq.hetero 
1 1   GLY n 
1 2   SER n 
1 3   THR n 
1 4   LEU n 
1 5   ASP n 
1 6   GLY n 
1 7   PRO n 
1 8   TYR n 
1 9   GLN n 
1 10  PRO n 
1 11  THR n 
1 12  THR n 
1 13  PHE n 
1 14  ASN n 
1 15  LEU n 
1 16  PRO n 
1 17  ILE n 
1 18  ASP n 
1 19  TYR n 
1 20  TRP n 
1 21  MET n 
1 22  LEU n 
1 23  ILE n 
1 24  ALA n 
1 25  PRO n 
1 26  THR n 
1 27  GLN n 
1 28  ILE n 
1 29  GLY n 
1 30  ARG n 
1 31  VAL n 
1 32  ALA n 
1 33  GLU n 
1 34  GLY n 
1 35  THR n 
1 36  ASN n 
1 37  THR n 
1 38  THR n 
1 39  ASP n 
1 40  ARG n 
1 41  TRP n 
1 42  PHE n 
1 43  ALA n 
1 44  CYS n 
1 45  VAL n 
1 46  LEU n 
1 47  VAL n 
1 48  GLU n 
1 49  PRO n 
1 50  ASN n 
1 51  VAL n 
1 52  GLN n 
1 53  ASN n 
1 54  THR n 
1 55  GLN n 
1 56  ARG n 
1 57  GLU n 
1 58  TYR n 
1 59  VAL n 
1 60  LEU n 
1 61  ASP n 
1 62  GLY n 
1 63  GLN n 
1 64  THR n 
1 65  VAL n 
1 66  GLN n 
1 67  LEU n 
1 68  GLN n 
1 69  VAL n 
1 70  SER n 
1 71  ASN n 
1 72  ASN n 
1 73  SER n 
1 74  SER n 
1 75  THR n 
1 76  LEU n 
1 77  TRP n 
1 78  LYS n 
1 79  PHE n 
1 80  ILE n 
1 81  LEU n 
1 82  PHE n 
1 83  ILE n 
1 84  LYS n 
1 85  LEU n 
1 86  GLU n 
1 87  LYS n 
1 88  ASN n 
1 89  GLY n 
1 90  ALA n 
1 91  TYR n 
1 92  SER n 
1 93  GLN n 
1 94  TYR n 
1 95  SER n 
1 96  THR n 
1 97  LEU n 
1 98  SER n 
1 99  THR n 
1 100 SER n 
1 101 ASN n 
1 102 LYS n 
1 103 LEU n 
1 104 CYS n 
1 105 ALA n 
1 106 TRP n 
1 107 MET n 
1 108 LYS n 
1 109 ARG n 
1 110 GLU n 
1 111 GLY n 
1 112 ARG n 
1 113 VAL n 
1 114 TYR n 
1 115 TRP n 
1 116 TYR n 
1 117 ALA n 
1 118 GLY n 
1 119 THR n 
1 120 THR n 
1 121 PRO n 
1 122 ASN n 
1 123 ALA n 
1 124 SER n 
1 125 GLU n 
1 126 SER n 
1 127 TYR n 
1 128 TYR n 
1 129 LEU n 
1 130 THR n 
1 131 ILE n 
1 132 ASN n 
1 133 ASN n 
1 134 ASP n 
1 135 ASN n 
1 136 SER n 
1 137 ASN n 
1 138 VAL n 
1 139 SER n 
1 140 CYS n 
1 141 ASP n 
1 142 ALA n 
1 143 GLU n 
1 144 PHE n 
1 145 TYR n 
1 146 LEU n 
1 147 ILE n 
1 148 PRO n 
1 149 ARG n 
1 150 SER n 
1 151 GLN n 
1 152 THR n 
1 153 GLU n 
1 154 LEU n 
1 155 CYS n 
1 156 THR n 
1 157 GLN n 
1 158 TYR n 
1 159 ILE n 
1 160 ASN n 
1 161 ASN n 
1 162 GLY n 
1 163 LEU n 
# 
_entity_src_gen.entity_id                          1 
_entity_src_gen.pdbx_src_id                        1 
_entity_src_gen.pdbx_alt_source_flag               sample 
_entity_src_gen.pdbx_seq_type                      ? 
_entity_src_gen.pdbx_beg_seq_num                   ? 
_entity_src_gen.pdbx_end_seq_num                   ? 
_entity_src_gen.gene_src_common_name               ? 
_entity_src_gen.gene_src_genus                     ? 
_entity_src_gen.pdbx_gene_src_gene                 VP4 
_entity_src_gen.gene_src_species                   ? 
_entity_src_gen.gene_src_strain                    ? 
_entity_src_gen.gene_src_tissue                    ? 
_entity_src_gen.gene_src_tissue_fraction           ? 
_entity_src_gen.gene_src_details                   ? 
_entity_src_gen.pdbx_gene_src_fragment             ? 
_entity_src_gen.pdbx_gene_src_scientific_name      'Rotavirus sp.' 
_entity_src_gen.pdbx_gene_src_ncbi_taxonomy_id     10970 
_entity_src_gen.pdbx_gene_src_variant              ? 
_entity_src_gen.pdbx_gene_src_cell_line            ? 
_entity_src_gen.pdbx_gene_src_atcc                 ? 
_entity_src_gen.pdbx_gene_src_organ                ? 
_entity_src_gen.pdbx_gene_src_organelle            ? 
_entity_src_gen.pdbx_gene_src_cell                 ? 
_entity_src_gen.pdbx_gene_src_cellular_location    ? 
_entity_src_gen.host_org_common_name               ? 
_entity_src_gen.pdbx_host_org_scientific_name      'Escherichia coli' 
_entity_src_gen.pdbx_host_org_ncbi_taxonomy_id     562 
_entity_src_gen.host_org_genus                     ? 
_entity_src_gen.pdbx_host_org_gene                 ? 
_entity_src_gen.pdbx_host_org_organ                ? 
_entity_src_gen.host_org_species                   ? 
_entity_src_gen.pdbx_host_org_tissue               ? 
_entity_src_gen.pdbx_host_org_tissue_fraction      ? 
_entity_src_gen.pdbx_host_org_strain               ? 
_entity_src_gen.pdbx_host_org_variant              ? 
_entity_src_gen.pdbx_host_org_cell_line            ? 
_entity_src_gen.pdbx_host_org_atcc                 ? 
_entity_src_gen.pdbx_host_org_culture_collection   ? 
_entity_src_gen.pdbx_host_org_cell                 ? 
_entity_src_gen.pdbx_host_org_organelle            ? 
_entity_src_gen.pdbx_host_org_cellular_location    ? 
_entity_src_gen.pdbx_host_org_vector_type          ? 
_entity_src_gen.pdbx_host_org_vector               ? 
_entity_src_gen.host_org_details                   ? 
_entity_src_gen.expression_system_id               ? 
_entity_src_gen.plasmid_name                       ? 
_entity_src_gen.plasmid_details                    ? 
_entity_src_gen.pdbx_description                   ? 
# 
_struct_ref.id                         1 
_struct_ref.db_name                    UNP 
_struct_ref.db_code                    Q86169_9REOV 
_struct_ref.pdbx_db_accession          Q86169 
_struct_ref.entity_id                  1 
_struct_ref.pdbx_seq_one_letter_code   
;TLDGPYQPTTFNLPIDYWMLIAPTQIGRVAEGTNTTDRWFACVLVEPNVQNTQREYVLDGQTVQLQVSNNSSTLWKFILF
IKLEKNGAYSQYSTLSTSNKLCAWMKREGRVYWYAGTTPNASESYYLTINNDNSNVSCDAEFYLIPRSQTELCTQYINNG
L
;
_struct_ref.pdbx_align_begin           64 
_struct_ref.pdbx_db_isoform            ? 
# 
_struct_ref_seq.align_id                      1 
_struct_ref_seq.ref_id                        1 
_struct_ref_seq.pdbx_PDB_id_code              4DRV 
_struct_ref_seq.pdbx_strand_id                A 
_struct_ref_seq.seq_align_beg                 3 
_struct_ref_seq.pdbx_seq_align_beg_ins_code   ? 
_struct_ref_seq.seq_align_end                 163 
_struct_ref_seq.pdbx_seq_align_end_ins_code   ? 
_struct_ref_seq.pdbx_db_accession             Q86169 
_struct_ref_seq.db_align_beg                  64 
_struct_ref_seq.pdbx_db_align_beg_ins_code    ? 
_struct_ref_seq.db_align_end                  224 
_struct_ref_seq.pdbx_db_align_end_ins_code    ? 
_struct_ref_seq.pdbx_auth_seq_align_beg       64 
_struct_ref_seq.pdbx_auth_seq_align_end       224 
# 
loop_
_struct_ref_seq_dif.align_id 
_struct_ref_seq_dif.pdbx_pdb_id_code 
_struct_ref_seq_dif.mon_id 
_struct_ref_seq_dif.pdbx_pdb_strand_id 
_struct_ref_seq_dif.seq_num 
_struct_ref_seq_dif.pdbx_pdb_ins_code 
_struct_ref_seq_dif.pdbx_seq_db_name 
_struct_ref_seq_dif.pdbx_seq_db_accession_code 
_struct_ref_seq_dif.db_mon_id 
_struct_ref_seq_dif.pdbx_seq_db_seq_num 
_struct_ref_seq_dif.details 
_struct_ref_seq_dif.pdbx_auth_seq_num 
_struct_ref_seq_dif.pdbx_ordinal 
1 4DRV GLY A 1 ? UNP Q86169 ? ? 'expression tag' 62 1 
1 4DRV SER A 2 ? UNP Q86169 ? ? 'expression tag' 63 2 
# 
loop_
_chem_comp.id 
_chem_comp.type 
_chem_comp.mon_nstd_flag 
_chem_comp.name 
_chem_comp.pdbx_synonyms 
_chem_comp.formula 
_chem_comp.formula_weight 
A2G 'D-saccharide, alpha linking' . 2-acetamido-2-deoxy-alpha-D-galactopyranose 
;N-acetyl-alpha-D-galactosamine; 2-acetamido-2-deoxy-alpha-D-galactose; 2-acetamido-2-deoxy-D-galactose; 2-acetamido-2-deoxy-galactose; N-ACETYL-2-DEOXY-2-AMINO-GALACTOSE
;
'C8 H15 N O6'    221.208 
ALA 'L-peptide linking'           y ALANINE                                     ? 'C3 H7 N O2'     89.093  
ARG 'L-peptide linking'           y ARGININE                                    ? 'C6 H15 N4 O2 1' 175.209 
ASN 'L-peptide linking'           y ASPARAGINE                                  ? 'C4 H8 N2 O3'    132.118 
ASP 'L-peptide linking'           y 'ASPARTIC ACID'                             ? 'C4 H7 N O4'     133.103 
CYS 'L-peptide linking'           y CYSTEINE                                    ? 'C3 H7 N O2 S'   121.158 
FUC 'L-saccharide, alpha linking' . alpha-L-fucopyranose                        
'alpha-L-fucose; 6-deoxy-alpha-L-galactopyranose; L-fucose; fucose' 'C6 H12 O5'      164.156 
GLA 'D-saccharide, alpha linking' . alpha-D-galactopyranose                     
'alpha-D-galactose; D-galactose; galactose; ALPHA D-GALACTOSE' 'C6 H12 O6'      180.156 
GLN 'L-peptide linking'           y GLUTAMINE                                   ? 'C5 H10 N2 O3'   146.144 
GLU 'L-peptide linking'           y 'GLUTAMIC ACID'                             ? 'C5 H9 N O4'     147.129 
GLY 'peptide linking'             y GLYCINE                                     ? 'C2 H5 N O2'     75.067  
HOH non-polymer                   . WATER                                       ? 'H2 O'           18.015  
ILE 'L-peptide linking'           y ISOLEUCINE                                  ? 'C6 H13 N O2'    131.173 
LEU 'L-peptide linking'           y LEUCINE                                     ? 'C6 H13 N O2'    131.173 
LYS 'L-peptide linking'           y LYSINE                                      ? 'C6 H15 N2 O2 1' 147.195 
MET 'L-peptide linking'           y METHIONINE                                  ? 'C5 H11 N O2 S'  149.211 
PHE 'L-peptide linking'           y PHENYLALANINE                               ? 'C9 H11 N O2'    165.189 
PRO 'L-peptide linking'           y PROLINE                                     ? 'C5 H9 N O2'     115.130 
SER 'L-peptide linking'           y SERINE                                      ? 'C3 H7 N O3'     105.093 
THR 'L-peptide linking'           y THREONINE                                   ? 'C4 H9 N O3'     119.119 
TRP 'L-peptide linking'           y TRYPTOPHAN                                  ? 'C11 H12 N2 O2'  204.225 
TYR 'L-peptide linking'           y TYROSINE                                    ? 'C9 H11 N O3'    181.189 
VAL 'L-peptide linking'           y VALINE                                      ? 'C5 H11 N O2'    117.146 
# 
_exptl.entry_id          4DRV 
_exptl.method            'X-RAY DIFFRACTION' 
_exptl.crystals_number   1 
# 
_exptl_crystal.id                    1 
_exptl_crystal.density_meas          ? 
_exptl_crystal.density_Matthews      1.82 
_exptl_crystal.density_percent_sol   32.26 
_exptl_crystal.description           ? 
_exptl_crystal.F_000                 ? 
_exptl_crystal.preparation           ? 
# 
_exptl_crystal_grow.crystal_id      1 
_exptl_crystal_grow.method          ? 
_exptl_crystal_grow.temp            293 
_exptl_crystal_grow.temp_details    ? 
_exptl_crystal_grow.pH              4.5 
_exptl_crystal_grow.pdbx_pH_range   ? 
_exptl_crystal_grow.pdbx_details    
;30% PEG 1500 
Sodium acetate trihydrate, pH 4.5, VAPOR DIFFUSION, HANGING DROP, temperature 293K
;
# 
_diffrn.id                     1 
_diffrn.ambient_temp           293 
_diffrn.ambient_temp_details   ? 
_diffrn.crystal_id             1 
# 
_diffrn_detector.diffrn_id              1 
_diffrn_detector.detector               'IMAGE PLATE' 
_diffrn_detector.type                   'RIGAKU RAXIS HTC' 
_diffrn_detector.pdbx_collection_date   2010-11-25 
_diffrn_detector.details                ? 
# 
_diffrn_radiation.diffrn_id                        1 
_diffrn_radiation.wavelength_id                    1 
_diffrn_radiation.pdbx_monochromatic_or_laue_m_l   M 
_diffrn_radiation.monochromator                    ? 
_diffrn_radiation.pdbx_diffrn_protocol             'SINGLE WAVELENGTH' 
_diffrn_radiation.pdbx_scattering_type             x-ray 
# 
_diffrn_radiation_wavelength.id           1 
_diffrn_radiation_wavelength.wavelength   1.54 
_diffrn_radiation_wavelength.wt           1.0 
# 
_diffrn_source.diffrn_id                   1 
_diffrn_source.source                      'ROTATING ANODE' 
_diffrn_source.type                        'RIGAKU FR-E SUPERBRIGHT' 
_diffrn_source.pdbx_synchrotron_site       ? 
_diffrn_source.pdbx_synchrotron_beamline   ? 
_diffrn_source.pdbx_wavelength             1.54 
_diffrn_source.pdbx_wavelength_list        ? 
# 
_reflns.pdbx_diffrn_id               1 
_reflns.pdbx_ordinal                 1 
_reflns.entry_id                     4DRV 
_reflns.observed_criterion_sigma_I   2.000 
_reflns.observed_criterion_sigma_F   ? 
_reflns.d_resolution_low             27.440 
_reflns.d_resolution_high            1.560 
_reflns.number_obs                   19362 
_reflns.number_all                   ? 
_reflns.percent_possible_obs         99.4 
_reflns.pdbx_Rmerge_I_obs            ? 
_reflns.pdbx_Rsym_value              ? 
_reflns.pdbx_netI_over_sigmaI        ? 
_reflns.B_iso_Wilson_estimate        ? 
_reflns.pdbx_redundancy              ? 
_reflns.R_free_details               ? 
_reflns.limit_h_max                  ? 
_reflns.limit_h_min                  ? 
_reflns.limit_k_max                  ? 
_reflns.limit_k_min                  ? 
_reflns.limit_l_max                  ? 
_reflns.limit_l_min                  ? 
_reflns.observed_criterion_F_max     ? 
_reflns.observed_criterion_F_min     ? 
_reflns.pdbx_chi_squared             ? 
_reflns.pdbx_scaling_rejects         ? 
# 
_reflns_shell.pdbx_diffrn_id         1 
_reflns_shell.pdbx_ordinal           1 
_reflns_shell.d_res_high             1.56 
_reflns_shell.d_res_low              1.64 
_reflns_shell.percent_possible_all   96.1 
_reflns_shell.Rmerge_I_obs           ? 
_reflns_shell.pdbx_Rsym_value        ? 
_reflns_shell.meanI_over_sigI_obs    ? 
_reflns_shell.pdbx_redundancy        ? 
_reflns_shell.percent_possible_obs   ? 
_reflns_shell.number_unique_all      ? 
_reflns_shell.number_measured_all    ? 
_reflns_shell.number_measured_obs    ? 
_reflns_shell.number_unique_obs      ? 
_reflns_shell.pdbx_chi_squared       ? 
# 
_refine.pdbx_refine_id                           'X-RAY DIFFRACTION' 
_refine.entry_id                                 4DRV 
_refine.pdbx_diffrn_id                           1 
_refine.pdbx_TLS_residual_ADP_flag               ? 
_refine.ls_number_reflns_obs                     19351 
_refine.ls_number_reflns_all                     19351 
_refine.pdbx_ls_sigma_I                          ? 
_refine.pdbx_ls_sigma_F                          1.450 
_refine.pdbx_data_cutoff_high_absF               ? 
_refine.pdbx_data_cutoff_low_absF                ? 
_refine.pdbx_data_cutoff_high_rms_absF           ? 
_refine.ls_d_res_low                             27.44 
_refine.ls_d_res_high                            1.56 
_refine.ls_percent_reflns_obs                    99.7 
_refine.ls_R_factor_obs                          0.152 
_refine.ls_R_factor_all                          ? 
_refine.ls_R_factor_R_work                       0.150 
_refine.ls_R_factor_R_free                       0.178 
_refine.ls_R_factor_R_free_error                 ? 
_refine.ls_R_factor_R_free_error_details         ? 
_refine.ls_percent_reflns_R_free                 5.110 
_refine.ls_number_reflns_R_free                  989 
_refine.ls_number_parameters                     ? 
_refine.ls_number_restraints                     ? 
_refine.occupancy_min                            ? 
_refine.occupancy_max                            ? 
_refine.correlation_coeff_Fo_to_Fc               ? 
_refine.correlation_coeff_Fo_to_Fc_free          ? 
_refine.B_iso_mean                               ? 
_refine.aniso_B[1][1]                            0.00000 
_refine.aniso_B[2][2]                            0.00000 
_refine.aniso_B[3][3]                            0.00000 
_refine.aniso_B[1][2]                            0.00000 
_refine.aniso_B[1][3]                            0.00000 
_refine.aniso_B[2][3]                            0.00000 
_refine.solvent_model_details                    'FLAT BULK SOLVENT MODEL' 
_refine.solvent_model_param_ksol                 0.34 
_refine.solvent_model_param_bsol                 25.89 
_refine.pdbx_solvent_vdw_probe_radii             1.11 
_refine.pdbx_solvent_ion_probe_radii             ? 
_refine.pdbx_solvent_shrinkage_radii             0.90 
_refine.pdbx_ls_cross_valid_method               ? 
_refine.details                                  ? 
_refine.pdbx_starting_model                      1KQR 
_refine.pdbx_method_to_determine_struct          'MOLECULAR REPLACEMENT' 
_refine.pdbx_isotropic_thermal_model             ? 
_refine.pdbx_stereochemistry_target_values       ML 
_refine.pdbx_stereochem_target_val_spec_case     ? 
_refine.pdbx_R_Free_selection_details            ? 
_refine.pdbx_overall_ESU_R                       ? 
_refine.pdbx_overall_ESU_R_Free                  ? 
_refine.overall_SU_ML                            0.210 
_refine.pdbx_overall_phase_error                 15.780 
_refine.overall_SU_B                             ? 
_refine.overall_SU_R_Cruickshank_DPI             ? 
_refine.pdbx_overall_SU_R_free_Cruickshank_DPI   ? 
_refine.pdbx_overall_SU_R_Blow_DPI               ? 
_refine.pdbx_overall_SU_R_free_Blow_DPI          ? 
_refine.ls_redundancy_reflns_obs                 ? 
_refine.B_iso_min                                ? 
_refine.B_iso_max                                ? 
_refine.overall_SU_R_free                        ? 
_refine.ls_wR_factor_R_free                      ? 
_refine.ls_wR_factor_R_work                      ? 
_refine.overall_FOM_free_R_set                   ? 
_refine.overall_FOM_work_R_set                   ? 
# 
_refine_hist.pdbx_refine_id                   'X-RAY DIFFRACTION' 
_refine_hist.cycle_id                         LAST 
_refine_hist.pdbx_number_atoms_protein        1307 
_refine_hist.pdbx_number_atoms_nucleic_acid   0 
_refine_hist.pdbx_number_atoms_ligand         36 
_refine_hist.number_atoms_solvent             300 
_refine_hist.number_atoms_total               1643 
_refine_hist.d_res_high                       1.56 
_refine_hist.d_res_low                        27.44 
# 
loop_
_refine_ls_restr.type 
_refine_ls_restr.dev_ideal 
_refine_ls_restr.dev_ideal_target 
_refine_ls_restr.weight 
_refine_ls_restr.number 
_refine_ls_restr.pdbx_refine_id 
_refine_ls_restr.pdbx_restraint_function 
f_bond_d           0.006  ? ? 1377 'X-RAY DIFFRACTION' ? 
f_angle_d          1.037  ? ? 1886 'X-RAY DIFFRACTION' ? 
f_dihedral_angle_d 29.121 ? ? 533  'X-RAY DIFFRACTION' ? 
f_chiral_restr     0.067  ? ? 218  'X-RAY DIFFRACTION' ? 
f_plane_restr      0.004  ? ? 236  'X-RAY DIFFRACTION' ? 
# 
loop_
_refine_ls_shell.pdbx_refine_id 
_refine_ls_shell.pdbx_total_number_of_bins_used 
_refine_ls_shell.d_res_high 
_refine_ls_shell.d_res_low 
_refine_ls_shell.number_reflns_R_work 
_refine_ls_shell.R_factor_R_work 
_refine_ls_shell.percent_reflns_obs 
_refine_ls_shell.R_factor_R_free 
_refine_ls_shell.R_factor_R_free_error 
_refine_ls_shell.percent_reflns_R_free 
_refine_ls_shell.number_reflns_R_free 
_refine_ls_shell.number_reflns_all 
_refine_ls_shell.R_factor_all 
_refine_ls_shell.redundancy_reflns_obs 
_refine_ls_shell.number_reflns_obs 
'X-RAY DIFFRACTION' . 1.56   1.6370  2567 0.2367 98.00  0.2587 . . 123 . . . . 
'X-RAY DIFFRACTION' . 1.6370 1.7395  2610 0.1674 100.00 0.2009 . . 138 . . . . 
'X-RAY DIFFRACTION' . 1.7395 1.8738  2618 0.1551 100.00 0.2175 . . 134 . . . . 
'X-RAY DIFFRACTION' . 1.8738 2.0623  2613 0.1450 100.00 0.1775 . . 151 . . . . 
'X-RAY DIFFRACTION' . 2.0623 2.3606  2605 0.1490 100.00 0.1747 . . 169 . . . . 
'X-RAY DIFFRACTION' . 2.3606 2.9735  2651 0.1482 100.00 0.1671 . . 128 . . . . 
'X-RAY DIFFRACTION' . 2.9735 27.4492 2698 0.1313 100.00 0.1525 . . 146 . . . . 
# 
_struct.entry_id                  4DRV 
_struct.title                     
'Cell attachment protein VP8* of a human rotavirus specifically interacts with A-type histo-blood group antigen' 
_struct.pdbx_model_details        ? 
_struct.pdbx_CASP_flag            ? 
_struct.pdbx_model_type_details   ? 
# 
_struct_keywords.entry_id        4DRV 
_struct_keywords.pdbx_keywords   'VIRAL PROTEIN' 
_struct_keywords.text            'OTAVIRUS, VIRAL PROTEIN, CELL ATTACHMENT FACTOR, HISTO BLOOD GROUP ANTIGEN, GALECTIN-FOLD' 
# 
loop_
_struct_asym.id 
_struct_asym.pdbx_blank_PDB_chainid_flag 
_struct_asym.pdbx_modified 
_struct_asym.entity_id 
_struct_asym.details 
A N N 1 ? 
B N N 2 ? 
C N N 3 ? 
# 
_struct_biol.id        1 
_struct_biol.details   ? 
# 
_struct_conf.conf_type_id            HELX_P 
_struct_conf.id                      HELX_P1 
_struct_conf.pdbx_PDB_helix_id       1 
_struct_conf.beg_label_comp_id       GLN 
_struct_conf.beg_label_asym_id       A 
_struct_conf.beg_label_seq_id        151 
_struct_conf.pdbx_beg_PDB_ins_code   ? 
_struct_conf.end_label_comp_id       GLY 
_struct_conf.end_label_asym_id       A 
_struct_conf.end_label_seq_id        162 
_struct_conf.pdbx_end_PDB_ins_code   ? 
_struct_conf.beg_auth_comp_id        GLN 
_struct_conf.beg_auth_asym_id        A 
_struct_conf.beg_auth_seq_id         212 
_struct_conf.end_auth_comp_id        GLY 
_struct_conf.end_auth_asym_id        A 
_struct_conf.end_auth_seq_id         223 
_struct_conf.pdbx_PDB_helix_class    1 
_struct_conf.details                 ? 
_struct_conf.pdbx_PDB_helix_length   12 
# 
_struct_conf_type.id          HELX_P 
_struct_conf_type.criteria    ? 
_struct_conf_type.reference   ? 
# 
loop_
_struct_conn.id 
_struct_conn.conn_type_id 
_struct_conn.pdbx_leaving_atom_flag 
_struct_conn.pdbx_PDB_id 
_struct_conn.ptnr1_label_asym_id 
_struct_conn.ptnr1_label_comp_id 
_struct_conn.ptnr1_label_seq_id 
_struct_conn.ptnr1_label_atom_id 
_struct_conn.pdbx_ptnr1_label_alt_id 
_struct_conn.pdbx_ptnr1_PDB_ins_code 
_struct_conn.pdbx_ptnr1_standard_comp_id 
_struct_conn.ptnr1_symmetry 
_struct_conn.ptnr2_label_asym_id 
_struct_conn.ptnr2_label_comp_id 
_struct_conn.ptnr2_label_seq_id 
_struct_conn.ptnr2_label_atom_id 
_struct_conn.pdbx_ptnr2_label_alt_id 
_struct_conn.pdbx_ptnr2_PDB_ins_code 
_struct_conn.ptnr1_auth_asym_id 
_struct_conn.ptnr1_auth_comp_id 
_struct_conn.ptnr1_auth_seq_id 
_struct_conn.ptnr2_auth_asym_id 
_struct_conn.ptnr2_auth_comp_id 
_struct_conn.ptnr2_auth_seq_id 
_struct_conn.ptnr2_symmetry 
_struct_conn.pdbx_ptnr3_label_atom_id 
_struct_conn.pdbx_ptnr3_label_seq_id 
_struct_conn.pdbx_ptnr3_label_comp_id 
_struct_conn.pdbx_ptnr3_label_asym_id 
_struct_conn.pdbx_ptnr3_label_alt_id 
_struct_conn.pdbx_ptnr3_PDB_ins_code 
_struct_conn.details 
_struct_conn.pdbx_dist_value 
_struct_conn.pdbx_value_order 
_struct_conn.pdbx_role 
covale1 covale both ? B GLA . O2 ? ? ? 1_555 B FUC . C1 ? ? B GLA 1 B FUC 2 1_555 ? ? ? ? ? ? ? 1.410 ? ? 
covale2 covale both ? B GLA . O3 ? ? ? 1_555 B A2G . C1 ? ? B GLA 1 B A2G 3 1_555 ? ? ? ? ? ? ? 1.361 ? ? 
# 
_struct_conn_type.id          covale 
_struct_conn_type.criteria    ? 
_struct_conn_type.reference   ? 
# 
loop_
_struct_mon_prot_cis.pdbx_id 
_struct_mon_prot_cis.label_comp_id 
_struct_mon_prot_cis.label_seq_id 
_struct_mon_prot_cis.label_asym_id 
_struct_mon_prot_cis.label_alt_id 
_struct_mon_prot_cis.pdbx_PDB_ins_code 
_struct_mon_prot_cis.auth_comp_id 
_struct_mon_prot_cis.auth_seq_id 
_struct_mon_prot_cis.auth_asym_id 
_struct_mon_prot_cis.pdbx_label_comp_id_2 
_struct_mon_prot_cis.pdbx_label_seq_id_2 
_struct_mon_prot_cis.pdbx_label_asym_id_2 
_struct_mon_prot_cis.pdbx_PDB_ins_code_2 
_struct_mon_prot_cis.pdbx_auth_comp_id_2 
_struct_mon_prot_cis.pdbx_auth_seq_id_2 
_struct_mon_prot_cis.pdbx_auth_asym_id_2 
_struct_mon_prot_cis.pdbx_PDB_model_num 
_struct_mon_prot_cis.pdbx_omega_angle 
1 GLY 6   A . ? GLY 67  A PRO 7   A ? PRO 68  A 1 3.99 
2 THR 120 A . ? THR 181 A PRO 121 A ? PRO 182 A 1 4.53 
# 
loop_
_struct_sheet.id 
_struct_sheet.type 
_struct_sheet.number_strands 
_struct_sheet.details 
A ? 11 ? 
B ? 6  ? 
C ? 2  ? 
# 
loop_
_struct_sheet_order.sheet_id 
_struct_sheet_order.range_id_1 
_struct_sheet_order.range_id_2 
_struct_sheet_order.offset 
_struct_sheet_order.sense 
A 1  2  ? anti-parallel 
A 2  3  ? anti-parallel 
A 3  4  ? anti-parallel 
A 4  5  ? anti-parallel 
A 5  6  ? parallel      
A 6  7  ? anti-parallel 
A 7  8  ? anti-parallel 
A 8  9  ? anti-parallel 
A 9  10 ? anti-parallel 
A 10 11 ? anti-parallel 
B 1  2  ? anti-parallel 
B 2  3  ? anti-parallel 
B 3  4  ? anti-parallel 
B 4  5  ? anti-parallel 
B 5  6  ? anti-parallel 
C 1  2  ? anti-parallel 
# 
loop_
_struct_sheet_range.sheet_id 
_struct_sheet_range.id 
_struct_sheet_range.beg_label_comp_id 
_struct_sheet_range.beg_label_asym_id 
_struct_sheet_range.beg_label_seq_id 
_struct_sheet_range.pdbx_beg_PDB_ins_code 
_struct_sheet_range.end_label_comp_id 
_struct_sheet_range.end_label_asym_id 
_struct_sheet_range.end_label_seq_id 
_struct_sheet_range.pdbx_end_PDB_ins_code 
_struct_sheet_range.beg_auth_comp_id 
_struct_sheet_range.beg_auth_asym_id 
_struct_sheet_range.beg_auth_seq_id 
_struct_sheet_range.end_auth_comp_id 
_struct_sheet_range.end_auth_asym_id 
_struct_sheet_range.end_auth_seq_id 
A 1  ASP A 5   ? TYR A 8   ? ASP A 66  TYR A 69  
A 2  GLU A 143 ? PRO A 148 ? GLU A 204 PRO A 209 
A 3  TYR A 19  ? ALA A 24  ? TYR A 80  ALA A 85  
A 4  CYS A 104 ? ARG A 109 ? CYS A 165 ARG A 170 
A 5  ARG A 112 ? THR A 119 ? ARG A 173 THR A 180 
A 6  SER A 92  ? THR A 99  ? SER A 153 THR A 160 
A 7  TRP A 77  ? LYS A 84  ? TRP A 138 LYS A 145 
A 8  TRP A 41  ? VAL A 47  ? TRP A 102 VAL A 108 
A 9  GLY A 29  ? THR A 35  ? GLY A 90  THR A 96  
A 10 ASN A 137 ? CYS A 140 ? ASN A 198 CYS A 201 
A 11 THR A 12  ? PHE A 13  ? THR A 73  PHE A 74  
B 1  ASP A 5   ? TYR A 8   ? ASP A 66  TYR A 69  
B 2  GLU A 143 ? PRO A 148 ? GLU A 204 PRO A 209 
B 3  TYR A 19  ? ALA A 24  ? TYR A 80  ALA A 85  
B 4  CYS A 104 ? ARG A 109 ? CYS A 165 ARG A 170 
B 5  ARG A 112 ? THR A 119 ? ARG A 173 THR A 180 
B 6  SER A 124 ? THR A 130 ? SER A 185 THR A 191 
C 1  VAL A 51  ? LEU A 60  ? VAL A 112 LEU A 121 
C 2  GLN A 63  ? ASN A 71  ? GLN A 124 ASN A 132 
# 
loop_
_pdbx_struct_sheet_hbond.sheet_id 
_pdbx_struct_sheet_hbond.range_id_1 
_pdbx_struct_sheet_hbond.range_id_2 
_pdbx_struct_sheet_hbond.range_1_label_atom_id 
_pdbx_struct_sheet_hbond.range_1_label_comp_id 
_pdbx_struct_sheet_hbond.range_1_label_asym_id 
_pdbx_struct_sheet_hbond.range_1_label_seq_id 
_pdbx_struct_sheet_hbond.range_1_PDB_ins_code 
_pdbx_struct_sheet_hbond.range_1_auth_atom_id 
_pdbx_struct_sheet_hbond.range_1_auth_comp_id 
_pdbx_struct_sheet_hbond.range_1_auth_asym_id 
_pdbx_struct_sheet_hbond.range_1_auth_seq_id 
_pdbx_struct_sheet_hbond.range_2_label_atom_id 
_pdbx_struct_sheet_hbond.range_2_label_comp_id 
_pdbx_struct_sheet_hbond.range_2_label_asym_id 
_pdbx_struct_sheet_hbond.range_2_label_seq_id 
_pdbx_struct_sheet_hbond.range_2_PDB_ins_code 
_pdbx_struct_sheet_hbond.range_2_auth_atom_id 
_pdbx_struct_sheet_hbond.range_2_auth_comp_id 
_pdbx_struct_sheet_hbond.range_2_auth_asym_id 
_pdbx_struct_sheet_hbond.range_2_auth_seq_id 
A 1  2  N TYR A 8   ? N TYR A 69  O PHE A 144 ? O PHE A 205 
A 2  3  O ILE A 147 ? O ILE A 208 N TRP A 20  ? N TRP A 81  
A 3  4  N MET A 21  ? N MET A 82  O TRP A 106 ? O TRP A 167 
A 4  5  N MET A 107 ? N MET A 168 O TYR A 114 ? O TYR A 175 
A 5  6  O GLY A 118 ? O GLY A 179 N SER A 98  ? N SER A 159 
A 6  7  O SER A 95  ? O SER A 156 N LEU A 81  ? N LEU A 142 
A 7  8  O PHE A 82  ? O PHE A 143 N ALA A 43  ? N ALA A 104 
A 8  9  O LEU A 46  ? O LEU A 107 N GLY A 29  ? N GLY A 90  
A 9  10 N GLU A 33  ? N GLU A 94  O SER A 139 ? O SER A 200 
A 10 11 O VAL A 138 ? O VAL A 199 N PHE A 13  ? N PHE A 74  
B 1  2  N TYR A 8   ? N TYR A 69  O PHE A 144 ? O PHE A 205 
B 2  3  O ILE A 147 ? O ILE A 208 N TRP A 20  ? N TRP A 81  
B 3  4  N MET A 21  ? N MET A 82  O TRP A 106 ? O TRP A 167 
B 4  5  N MET A 107 ? N MET A 168 O TYR A 114 ? O TYR A 175 
B 5  6  N ALA A 117 ? N ALA A 178 O SER A 124 ? O SER A 185 
C 1  2  N THR A 54  ? N THR A 115 O VAL A 69  ? O VAL A 130 
# 
_atom_sites.entry_id                    4DRV 
_atom_sites.fract_transf_matrix[1][1]   -0.01174116 
_atom_sites.fract_transf_matrix[1][2]   -0.01901298 
_atom_sites.fract_transf_matrix[1][3]   -0.00534669 
_atom_sites.fract_transf_matrix[2][1]   0.00143005 
_atom_sites.fract_transf_matrix[2][2]   -0.00849152 
_atom_sites.fract_transf_matrix[2][3]   0.02705571 
_atom_sites.fract_transf_matrix[3][1]   -0.02061527 
_atom_sites.fract_transf_matrix[3][2]   0.00900839 
_atom_sites.fract_transf_matrix[3][3]   0.00391695 
_atom_sites.fract_transf_vector[1]      0.686993 
_atom_sites.fract_transf_vector[2]      -0.305046 
_atom_sites.fract_transf_vector[3]      0.756887 
# 
loop_
_atom_type.symbol 
C 
N 
O 
S 
# 
loop_
_atom_site.group_PDB 
_atom_site.id 
_atom_site.type_symbol 
_atom_site.label_atom_id 
_atom_site.label_alt_id 
_atom_site.label_comp_id 
_atom_site.label_asym_id 
_atom_site.label_entity_id 
_atom_site.label_seq_id 
_atom_site.pdbx_PDB_ins_code 
_atom_site.Cartn_x 
_atom_site.Cartn_y 
_atom_site.Cartn_z 
_atom_site.occupancy 
_atom_site.B_iso_or_equiv 
_atom_site.pdbx_formal_charge 
_atom_site.auth_seq_id 
_atom_site.auth_comp_id 
_atom_site.auth_asym_id 
_atom_site.auth_atom_id 
_atom_site.pdbx_PDB_model_num 
ATOM   1    N N   . GLY A 1 1   ? -19.346 8.372   14.374  1.00 15.41 ? 62  GLY A N   1 
ATOM   2    C CA  . GLY A 1 1   ? -18.173 8.174   13.543  1.00 14.88 ? 62  GLY A CA  1 
ATOM   3    C C   . GLY A 1 1   ? -18.417 7.233   12.381  1.00 13.63 ? 62  GLY A C   1 
ATOM   4    O O   . GLY A 1 1   ? -19.482 6.625   12.264  1.00 11.97 ? 62  GLY A O   1 
ATOM   5    N N   . SER A 1 2   ? -17.420 7.111   11.510  1.00 13.06 ? 63  SER A N   1 
ATOM   6    C CA  . SER A 1 2   ? -17.511 6.175   10.405  1.00 14.28 ? 63  SER A CA  1 
ATOM   7    C C   . SER A 1 2   ? -17.448 4.752   10.944  1.00 11.49 ? 63  SER A C   1 
ATOM   8    O O   . SER A 1 2   ? -16.811 4.486   11.962  1.00 12.47 ? 63  SER A O   1 
ATOM   9    C CB  . SER A 1 2   ? -16.387 6.422   9.399   1.00 17.10 ? 63  SER A CB  1 
ATOM   10   O OG  . SER A 1 2   ? -15.126 6.176   9.991   1.00 21.28 ? 63  SER A OG  1 
ATOM   11   N N   . THR A 1 3   ? -18.119 3.840   10.257  1.00 11.40 ? 64  THR A N   1 
ATOM   12   C CA  . THR A 1 3   ? -18.138 2.452   10.668  1.00 11.90 ? 64  THR A CA  1 
ATOM   13   C C   . THR A 1 3   ? -17.597 1.604   9.528   1.00 9.62  ? 64  THR A C   1 
ATOM   14   O O   . THR A 1 3   ? -18.193 1.546   8.452   1.00 10.43 ? 64  THR A O   1 
ATOM   15   C CB  . THR A 1 3   ? -19.565 2.007   11.051  1.00 14.24 ? 64  THR A CB  1 
ATOM   16   O OG1 . THR A 1 3   ? -20.082 2.886   12.058  1.00 14.61 ? 64  THR A OG1 1 
ATOM   17   C CG2 . THR A 1 3   ? -19.552 0.593   11.593  1.00 13.79 ? 64  THR A CG2 1 
ATOM   18   N N   . LEU A 1 4   ? -16.450 0.971   9.767   1.00 7.15  ? 65  LEU A N   1 
ATOM   19   C CA  . LEU A 1 4   ? -15.774 0.160   8.758   1.00 6.87  ? 65  LEU A CA  1 
ATOM   20   C C   . LEU A 1 4   ? -15.637 -1.270  9.243   1.00 6.35  ? 65  LEU A C   1 
ATOM   21   O O   . LEU A 1 4   ? -15.650 -1.528  10.442  1.00 9.56  ? 65  LEU A O   1 
ATOM   22   C CB  . LEU A 1 4   ? -14.365 0.693   8.491   1.00 8.35  ? 65  LEU A CB  1 
ATOM   23   C CG  . LEU A 1 4   ? -14.184 1.987   7.709   1.00 9.85  ? 65  LEU A CG  1 
ATOM   24   C CD1 . LEU A 1 4   ? -14.630 3.210   8.522   1.00 12.48 ? 65  LEU A CD1 1 
ATOM   25   C CD2 . LEU A 1 4   ? -12.713 2.091   7.327   1.00 9.24  ? 65  LEU A CD2 1 
ATOM   26   N N   . ASP A 1 5   ? -15.491 -2.196  8.302   1.00 4.61  ? 66  ASP A N   1 
ATOM   27   C CA  . ASP A 1 5   ? -15.234 -3.590  8.642   1.00 5.15  ? 66  ASP A CA  1 
ATOM   28   C C   . ASP A 1 5   ? -13.770 -3.785  9.051   1.00 5.95  ? 66  ASP A C   1 
ATOM   29   O O   . ASP A 1 5   ? -12.879 -3.869  8.206   1.00 6.38  ? 66  ASP A O   1 
ATOM   30   C CB  . ASP A 1 5   ? -15.581 -4.498  7.467   1.00 5.21  ? 66  ASP A CB  1 
ATOM   31   C CG  . ASP A 1 5   ? -15.499 -5.958  7.830   1.00 7.38  ? 66  ASP A CG  1 
ATOM   32   O OD1 . ASP A 1 5   ? -16.039 -6.329  8.891   1.00 8.92  ? 66  ASP A OD1 1 
ATOM   33   O OD2 . ASP A 1 5   ? -14.890 -6.733  7.067   1.00 7.33  1 66  ASP A OD2 1 
ATOM   34   N N   . GLY A 1 6   ? -13.546 -3.863  10.358  1.00 8.14  ? 67  GLY A N   1 
ATOM   35   C CA  . GLY A 1 6   ? -12.217 -3.969  10.932  1.00 7.86  ? 67  GLY A CA  1 
ATOM   36   C C   . GLY A 1 6   ? -12.230 -3.221  12.249  1.00 8.25  ? 67  GLY A C   1 
ATOM   37   O O   . GLY A 1 6   ? -13.291 -2.791  12.707  1.00 11.06 ? 67  GLY A O   1 
ATOM   38   N N   . PRO A 1 7   ? -11.056 -3.026  12.863  1.00 8.53  ? 68  PRO A N   1 
ATOM   39   C CA  . PRO A 1 7   ? -9.738  -3.400  12.334  1.00 9.08  ? 68  PRO A CA  1 
ATOM   40   C C   . PRO A 1 7   ? -9.442  -4.889  12.449  1.00 9.36  ? 68  PRO A C   1 
ATOM   41   O O   . PRO A 1 7   ? -9.741  -5.510  13.474  1.00 11.39 ? 68  PRO A O   1 
ATOM   42   C CB  . PRO A 1 7   ? -8.776  -2.612  13.230  1.00 8.31  ? 68  PRO A CB  1 
ATOM   43   C CG  . PRO A 1 7   ? -9.523  -2.457  14.523  1.00 9.77  ? 68  PRO A CG  1 
ATOM   44   C CD  . PRO A 1 7   ? -10.956 -2.269  14.123  1.00 9.69  ? 68  PRO A CD  1 
ATOM   45   N N   . TYR A 1 8   ? -8.867  -5.453  11.390  1.00 6.05  ? 69  TYR A N   1 
ATOM   46   C CA  . TYR A 1 8   ? -8.312  -6.798  11.437  1.00 7.52  ? 69  TYR A CA  1 
ATOM   47   C C   . TYR A 1 8   ? -6.848  -6.743  11.852  1.00 7.06  ? 69  TYR A C   1 
ATOM   48   O O   . TYR A 1 8   ? -6.131  -5.801  11.513  1.00 7.40  ? 69  TYR A O   1 
ATOM   49   C CB  . TYR A 1 8   ? -8.384  -7.461  10.063  1.00 7.46  ? 69  TYR A CB  1 
ATOM   50   C CG  . TYR A 1 8   ? -9.772  -7.768  9.564   1.00 5.36  ? 69  TYR A CG  1 
ATOM   51   C CD1 . TYR A 1 8   ? -10.374 -8.986  9.842   1.00 7.23  ? 69  TYR A CD1 1 
ATOM   52   C CD2 . TYR A 1 8   ? -10.477 -6.846  8.797   1.00 5.03  ? 69  TYR A CD2 1 
ATOM   53   C CE1 . TYR A 1 8   ? -11.646 -9.278  9.378   1.00 6.74  ? 69  TYR A CE1 1 
ATOM   54   C CE2 . TYR A 1 8   ? -11.746 -7.128  8.330   1.00 5.37  ? 69  TYR A CE2 1 
ATOM   55   C CZ  . TYR A 1 8   ? -12.325 -8.344  8.618   1.00 6.29  ? 69  TYR A CZ  1 
ATOM   56   O OH  . TYR A 1 8   ? -13.589 -8.632  8.150   1.00 8.00  ? 69  TYR A OH  1 
ATOM   57   N N   . GLN A 1 9   ? -6.398  -7.766  12.570  1.00 7.09  ? 70  GLN A N   1 
ATOM   58   C CA  . GLN A 1 9   ? -4.991  -7.871  12.954  1.00 8.59  ? 70  GLN A CA  1 
ATOM   59   C C   . GLN A 1 9   ? -4.091  -8.169  11.757  1.00 7.81  ? 70  GLN A C   1 
ATOM   60   O O   . GLN A 1 9   ? -4.523  -8.794  10.794  1.00 7.95  ? 70  GLN A O   1 
ATOM   61   C CB  . GLN A 1 9   ? -4.817  -8.973  14.002  1.00 9.15  ? 70  GLN A CB  1 
ATOM   62   C CG  . GLN A 1 9   ? -5.451  -8.647  15.338  1.00 10.79 ? 70  GLN A CG  1 
ATOM   63   C CD  . GLN A 1 9   ? -4.886  -7.376  15.924  1.00 11.76 ? 70  GLN A CD  1 
ATOM   64   O OE1 . GLN A 1 9   ? -3.697  -7.296  16.233  1.00 11.50 ? 70  GLN A OE1 1 
ATOM   65   N NE2 . GLN A 1 9   ? -5.726  -6.358  16.046  1.00 13.32 ? 70  GLN A NE2 1 
ATOM   66   N N   . PRO A 1 10  ? -2.826  -7.725  11.821  1.00 6.53  ? 71  PRO A N   1 
ATOM   67   C CA  . PRO A 1 10  ? -1.847  -8.064  10.790  1.00 7.28  ? 71  PRO A CA  1 
ATOM   68   C C   . PRO A 1 10  ? -1.858  -9.558  10.498  1.00 8.05  ? 71  PRO A C   1 
ATOM   69   O O   . PRO A 1 10  ? -1.929  -10.385 11.420  1.00 7.92  ? 71  PRO A O   1 
ATOM   70   C CB  . PRO A 1 10  ? -0.523  -7.672  11.442  1.00 7.56  ? 71  PRO A CB  1 
ATOM   71   C CG  . PRO A 1 10  ? -0.883  -6.556  12.347  1.00 7.39  ? 71  PRO A CG  1 
ATOM   72   C CD  . PRO A 1 10  ? -2.236  -6.908  12.895  1.00 8.22  ? 71  PRO A CD  1 
ATOM   73   N N   . THR A 1 11  ? -1.789  -9.906  9.222   1.00 7.79  ? 72  THR A N   1 
ATOM   74   C CA  . THR A 1 11  ? -1.852  -11.300 8.824   1.00 8.27  ? 72  THR A CA  1 
ATOM   75   C C   . THR A 1 11  ? -1.434  -11.447 7.368   1.00 9.00  ? 72  THR A C   1 
ATOM   76   O O   . THR A 1 11  ? -1.136  -10.458 6.697   1.00 8.48  ? 72  THR A O   1 
ATOM   77   C CB  . THR A 1 11  ? -3.280  -11.862 9.003   1.00 9.83  ? 72  THR A CB  1 
ATOM   78   O OG1 . THR A 1 11  ? -3.245  -13.292 8.928   1.00 12.78 ? 72  THR A OG1 1 
ATOM   79   C CG2 . THR A 1 11  ? -4.232  -11.304 7.940   1.00 10.46 ? 72  THR A CG2 1 
ATOM   80   N N   . THR A 1 12  ? -1.387  -12.693 6.902   1.00 7.50  ? 73  THR A N   1 
ATOM   81   C CA  . THR A 1 12  ? -1.242  -13.006 5.487   1.00 7.10  ? 73  THR A CA  1 
ATOM   82   C C   . THR A 1 12  ? -2.524  -13.721 5.071   1.00 7.09  ? 73  THR A C   1 
ATOM   83   O O   . THR A 1 12  ? -2.939  -14.681 5.722   1.00 8.98  ? 73  THR A O   1 
ATOM   84   C CB  . THR A 1 12  ? -0.054  -13.949 5.222   1.00 7.47  ? 73  THR A CB  1 
ATOM   85   O OG1 . THR A 1 12  ? 1.178   -13.312 5.582   1.00 11.99 ? 73  THR A OG1 1 
ATOM   86   C CG2 . THR A 1 12  ? -0.001  -14.348 3.743   1.00 7.66  ? 73  THR A CG2 1 
ATOM   87   N N   . PHE A 1 13  ? -3.158  -13.254 4.001   1.00 6.19  ? 74  PHE A N   1 
ATOM   88   C CA  . PHE A 1 13  ? -4.381  -13.899 3.539   1.00 5.64  ? 74  PHE A CA  1 
ATOM   89   C C   . PHE A 1 13  ? -4.643  -13.637 2.065   1.00 5.60  ? 74  PHE A C   1 
ATOM   90   O O   . PHE A 1 13  ? -4.039  -12.752 1.458   1.00 5.87  ? 74  PHE A O   1 
ATOM   91   C CB  . PHE A 1 13  ? -5.600  -13.499 4.398   1.00 9.33  ? 74  PHE A CB  1 
ATOM   92   C CG  . PHE A 1 13  ? -6.163  -12.124 4.091   1.00 8.84  ? 74  PHE A CG  1 
ATOM   93   C CD1 . PHE A 1 13  ? -7.513  -11.962 3.810   1.00 9.59  ? 74  PHE A CD1 1 
ATOM   94   C CD2 . PHE A 1 13  ? -5.357  -11.002 4.119   1.00 9.30  ? 74  PHE A CD2 1 
ATOM   95   C CE1 . PHE A 1 13  ? -8.039  -10.702 3.538   1.00 9.18  ? 74  PHE A CE1 1 
ATOM   96   C CE2 . PHE A 1 13  ? -5.881  -9.738  3.853   1.00 10.45 ? 74  PHE A CE2 1 
ATOM   97   C CZ  . PHE A 1 13  ? -7.221  -9.597  3.561   1.00 8.95  ? 74  PHE A CZ  1 
ATOM   98   N N   . ASN A 1 14  ? -5.548  -14.427 1.504   1.00 5.93  ? 75  ASN A N   1 
ATOM   99   C CA  . ASN A 1 14  ? -5.984  -14.278 0.129   1.00 5.70  ? 75  ASN A CA  1 
ATOM   100  C C   . ASN A 1 14  ? -7.054  -13.203 0.062   1.00 6.88  ? 75  ASN A C   1 
ATOM   101  O O   . ASN A 1 14  ? -8.241  -13.498 0.138   1.00 8.44  ? 75  ASN A O   1 
ATOM   102  C CB  . ASN A 1 14  ? -6.525  -15.620 -0.362  1.00 5.89  ? 75  ASN A CB  1 
ATOM   103  C CG  . ASN A 1 14  ? -6.882  -15.614 -1.836  1.00 8.25  ? 75  ASN A CG  1 
ATOM   104  O OD1 . ASN A 1 14  ? -6.711  -14.616 -2.531  1.00 8.19  ? 75  ASN A OD1 1 
ATOM   105  N ND2 . ASN A 1 14  ? -7.385  -16.750 -2.321  1.00 10.13 ? 75  ASN A ND2 1 
ATOM   106  N N   . LEU A 1 15  ? -6.625  -11.947 -0.050  1.00 5.86  ? 76  LEU A N   1 
ATOM   107  C CA  . LEU A 1 15  ? -7.554  -10.824 -0.110  1.00 6.34  ? 76  LEU A CA  1 
ATOM   108  C C   . LEU A 1 15  ? -8.587  -11.062 -1.208  1.00 4.87  ? 76  LEU A C   1 
ATOM   109  O O   . LEU A 1 15  ? -8.228  -11.225 -2.370  1.00 4.96  ? 76  LEU A O   1 
ATOM   110  C CB  . LEU A 1 15  ? -6.775  -9.542  -0.395  1.00 5.12  ? 76  LEU A CB  1 
ATOM   111  C CG  . LEU A 1 15  ? -7.549  -8.297  -0.813  1.00 6.49  ? 76  LEU A CG  1 
ATOM   112  C CD1 . LEU A 1 15  ? -8.468  -7.849  0.313   1.00 7.96  ? 76  LEU A CD1 1 
ATOM   113  C CD2 . LEU A 1 15  ? -6.567  -7.193  -1.180  1.00 7.26  ? 76  LEU A CD2 1 
ATOM   114  N N   . PRO A 1 16  ? -9.882  -11.089 -0.846  1.00 6.58  ? 77  PRO A N   1 
ATOM   115  C CA  . PRO A 1 16  ? -10.911 -11.312 -1.862  1.00 6.18  ? 77  PRO A CA  1 
ATOM   116  C C   . PRO A 1 16  ? -10.954 -10.161 -2.857  1.00 5.69  ? 77  PRO A C   1 
ATOM   117  O O   . PRO A 1 16  ? -10.694 -9.020  -2.472  1.00 4.96  ? 77  PRO A O   1 
ATOM   118  C CB  . PRO A 1 16  ? -12.209 -11.335 -1.047  1.00 9.09  ? 77  PRO A CB  1 
ATOM   119  C CG  . PRO A 1 16  ? -11.797 -11.696 0.317   1.00 12.45 ? 77  PRO A CG  1 
ATOM   120  C CD  . PRO A 1 16  ? -10.442 -11.078 0.517   1.00 8.80  ? 77  PRO A CD  1 
ATOM   121  N N   . ILE A 1 17  ? -11.270 -10.460 -4.114  1.00 6.15  ? 78  ILE A N   1 
ATOM   122  C CA  . ILE A 1 17  ? -11.438 -9.407  -5.117  1.00 6.24  ? 78  ILE A CA  1 
ATOM   123  C C   . ILE A 1 17  ? -12.567 -8.446  -4.742  1.00 6.63  ? 78  ILE A C   1 
ATOM   124  O O   . ILE A 1 17  ? -13.490 -8.802  -4.005  1.00 5.58  ? 78  ILE A O   1 
ATOM   125  C CB  . ILE A 1 17  ? -11.680 -9.971  -6.534  1.00 6.74  ? 78  ILE A CB  1 
ATOM   126  C CG1 . ILE A 1 17  ? -13.000 -10.748 -6.603  1.00 7.13  ? 78  ILE A CG1 1 
ATOM   127  C CG2 . ILE A 1 17  ? -10.497 -10.830 -6.962  1.00 6.81  ? 78  ILE A CG2 1 
ATOM   128  C CD1 . ILE A 1 17  ? -13.454 -11.060 -8.033  1.00 8.06  ? 78  ILE A CD1 1 
ATOM   129  N N   . ASP A 1 18  ? -12.468 -7.220  -5.245  1.00 6.07  ? 79  ASP A N   1 
ATOM   130  C CA  . ASP A 1 18  ? -13.527 -6.222  -5.110  1.00 3.86  ? 79  ASP A CA  1 
ATOM   131  C C   . ASP A 1 18  ? -13.692 -5.667  -3.705  1.00 5.34  ? 79  ASP A C   1 
ATOM   132  O O   . ASP A 1 18  ? -14.765 -5.170  -3.352  1.00 5.90  ? 79  ASP A O   1 
ATOM   133  C CB  . ASP A 1 18  ? -14.855 -6.768  -5.641  1.00 6.55  ? 79  ASP A CB  1 
ATOM   134  C CG  . ASP A 1 18  ? -14.741 -7.263  -7.073  1.00 9.05  ? 79  ASP A CG  1 
ATOM   135  O OD1 . ASP A 1 18  ? -13.935 -6.682  -7.824  1.00 11.41 ? 79  ASP A OD1 1 
ATOM   136  O OD2 . ASP A 1 18  ? -15.447 -8.224  -7.439  1.00 11.04 1 79  ASP A OD2 1 
ATOM   137  N N   . TYR A 1 19  ? -12.619 -5.730  -2.920  1.00 4.73  ? 80  TYR A N   1 
ATOM   138  C CA  . TYR A 1 19  ? -12.577 -5.087  -1.607  1.00 3.65  ? 80  TYR A CA  1 
ATOM   139  C C   . TYR A 1 19  ? -11.318 -4.239  -1.474  1.00 5.45  ? 80  TYR A C   1 
ATOM   140  O O   . TYR A 1 19  ? -10.207 -4.695  -1.763  1.00 6.75  ? 80  TYR A O   1 
ATOM   141  C CB  . TYR A 1 19  ? -12.638 -6.122  -0.467  1.00 4.33  ? 80  TYR A CB  1 
ATOM   142  C CG  . TYR A 1 19  ? -14.026 -6.661  -0.232  1.00 5.00  ? 80  TYR A CG  1 
ATOM   143  C CD1 . TYR A 1 19  ? -14.558 -7.636  -1.066  1.00 6.94  ? 80  TYR A CD1 1 
ATOM   144  C CD2 . TYR A 1 19  ? -14.814 -6.180  0.806   1.00 6.42  ? 80  TYR A CD2 1 
ATOM   145  C CE1 . TYR A 1 19  ? -15.837 -8.124  -0.867  1.00 8.21  ? 80  TYR A CE1 1 
ATOM   146  C CE2 . TYR A 1 19  ? -16.088 -6.660  1.016   1.00 6.94  ? 80  TYR A CE2 1 
ATOM   147  C CZ  . TYR A 1 19  ? -16.595 -7.635  0.172   1.00 8.44  ? 80  TYR A CZ  1 
ATOM   148  O OH  . TYR A 1 19  ? -17.868 -8.118  0.365   1.00 8.99  ? 80  TYR A OH  1 
ATOM   149  N N   . TRP A 1 20  ? -11.503 -2.995  -1.054  1.00 5.35  ? 81  TRP A N   1 
ATOM   150  C CA  . TRP A 1 20  ? -10.379 -2.160  -0.663  1.00 5.50  ? 81  TRP A CA  1 
ATOM   151  C C   . TRP A 1 20  ? -9.832  -2.683  0.645   1.00 4.89  ? 81  TRP A C   1 
ATOM   152  O O   . TRP A 1 20  ? -10.574 -2.881  1.607   1.00 5.50  ? 81  TRP A O   1 
ATOM   153  C CB  . TRP A 1 20  ? -10.792 -0.691  -0.488  1.00 4.69  ? 81  TRP A CB  1 
ATOM   154  C CG  . TRP A 1 20  ? -11.189 -0.081  -1.770  1.00 4.13  ? 81  TRP A CG  1 
ATOM   155  C CD1 . TRP A 1 20  ? -12.454 0.232   -2.178  1.00 5.60  ? 81  TRP A CD1 1 
ATOM   156  C CD2 . TRP A 1 20  ? -10.318 0.257   -2.849  1.00 4.28  ? 81  TRP A CD2 1 
ATOM   157  N NE1 . TRP A 1 20  ? -12.419 0.757   -3.449  1.00 5.38  ? 81  TRP A NE1 1 
ATOM   158  C CE2 . TRP A 1 20  ? -11.120 0.779   -3.882  1.00 3.89  ? 81  TRP A CE2 1 
ATOM   159  C CE3 . TRP A 1 20  ? -8.934  0.170   -3.040  1.00 4.31  ? 81  TRP A CE3 1 
ATOM   160  C CZ2 . TRP A 1 20  ? -10.581 1.216   -5.094  1.00 5.59  ? 81  TRP A CZ2 1 
ATOM   161  C CZ3 . TRP A 1 20  ? -8.402  0.604   -4.239  1.00 5.42  ? 81  TRP A CZ3 1 
ATOM   162  C CH2 . TRP A 1 20  ? -9.223  1.121   -5.251  1.00 5.13  ? 81  TRP A CH2 1 
ATOM   163  N N   . MET A 1 21  ? -8.529  -2.912  0.673   1.00 4.09  ? 82  MET A N   1 
ATOM   164  C CA  . MET A 1 21  ? -7.847  -3.172  1.922   1.00 3.61  ? 82  MET A CA  1 
ATOM   165  C C   . MET A 1 21  ? -7.252  -1.833  2.355   1.00 4.47  ? 82  MET A C   1 
ATOM   166  O O   . MET A 1 21  ? -6.270  -1.357  1.778   1.00 5.81  ? 82  MET A O   1 
ATOM   167  C CB  . MET A 1 21  ? -6.781  -4.241  1.699   1.00 5.69  ? 82  MET A CB  1 
ATOM   168  C CG  . MET A 1 21  ? -6.052  -4.674  2.939   1.00 6.22  ? 82  MET A CG  1 
ATOM   169  S SD  . MET A 1 21  ? -4.975  -6.050  2.526   1.00 6.91  ? 82  MET A SD  1 
ATOM   170  C CE  . MET A 1 21  ? -4.171  -6.285  4.109   1.00 11.82 ? 82  MET A CE  1 
ATOM   171  N N   . LEU A 1 22  ? -7.891  -1.213  3.346   1.00 3.54  ? 83  LEU A N   1 
ATOM   172  C CA  . LEU A 1 22  ? -7.478  0.085   3.875   1.00 3.64  ? 83  LEU A CA  1 
ATOM   173  C C   . LEU A 1 22  ? -6.546  -0.183  5.041   1.00 4.98  ? 83  LEU A C   1 
ATOM   174  O O   . LEU A 1 22  ? -6.972  -0.681  6.088   1.00 5.49  ? 83  LEU A O   1 
ATOM   175  C CB  . LEU A 1 22  ? -8.700  0.884   4.343   1.00 3.70  ? 83  LEU A CB  1 
ATOM   176  C CG  . LEU A 1 22  ? -8.438  2.280   4.911   1.00 5.07  ? 83  LEU A CG  1 
ATOM   177  C CD1 . LEU A 1 22  ? -7.894  3.236   3.846   1.00 7.03  ? 83  LEU A CD1 1 
ATOM   178  C CD2 . LEU A 1 22  ? -9.717  2.839   5.526   1.00 8.39  ? 83  LEU A CD2 1 
ATOM   179  N N   . ILE A 1 23  ? -5.265  0.113   4.846   1.00 4.41  ? 84  ILE A N   1 
ATOM   180  C CA  . ILE A 1 23  ? -4.241  -0.270  5.810   1.00 4.93  ? 84  ILE A CA  1 
ATOM   181  C C   . ILE A 1 23  ? -3.836  0.921   6.665   1.00 5.18  ? 84  ILE A C   1 
ATOM   182  O O   . ILE A 1 23  ? -3.622  2.016   6.144   1.00 5.05  ? 84  ILE A O   1 
ATOM   183  C CB  . ILE A 1 23  ? -3.016  -0.859  5.093   1.00 5.95  ? 84  ILE A CB  1 
ATOM   184  C CG1 . ILE A 1 23  ? -3.467  -1.952  4.112   1.00 6.14  ? 84  ILE A CG1 1 
ATOM   185  C CG2 . ILE A 1 23  ? -2.027  -1.414  6.102   1.00 7.58  ? 84  ILE A CG2 1 
ATOM   186  C CD1 . ILE A 1 23  ? -2.366  -2.448  3.187   1.00 8.82  ? 84  ILE A CD1 1 
ATOM   187  N N   . ALA A 1 24  ? -3.737  0.689   7.971   1.00 5.10  ? 85  ALA A N   1 
ATOM   188  C CA  . ALA A 1 24  ? -3.615  1.759   8.957   1.00 5.65  ? 85  ALA A CA  1 
ATOM   189  C C   . ALA A 1 24  ? -2.426  1.554   9.897   1.00 5.78  ? 85  ALA A C   1 
ATOM   190  O O   . ALA A 1 24  ? -2.601  1.266   11.082  1.00 7.27  ? 85  ALA A O   1 
ATOM   191  C CB  . ALA A 1 24  ? -4.915  1.880   9.763   1.00 6.46  ? 85  ALA A CB  1 
ATOM   192  N N   . PRO A 1 25  ? -1.203  1.724   9.376   1.00 4.48  ? 86  PRO A N   1 
ATOM   193  C CA  . PRO A 1 25  ? 0.010   1.529   10.177  1.00 4.44  ? 86  PRO A CA  1 
ATOM   194  C C   . PRO A 1 25  ? 0.166   2.538   11.311  1.00 5.88  ? 86  PRO A C   1 
ATOM   195  O O   . PRO A 1 25  ? -0.322  3.672   11.226  1.00 7.54  ? 86  PRO A O   1 
ATOM   196  C CB  . PRO A 1 25  ? 1.136   1.737   9.157   1.00 6.77  ? 86  PRO A CB  1 
ATOM   197  C CG  . PRO A 1 25  ? 0.540   2.656   8.141   1.00 6.36  ? 86  PRO A CG  1 
ATOM   198  C CD  . PRO A 1 25  ? -0.897  2.198   8.014   1.00 5.76  ? 86  PRO A CD  1 
ATOM   199  N N   . THR A 1 26  ? 0.852   2.108   12.365  1.00 5.90  ? 87  THR A N   1 
ATOM   200  C CA  . THR A 1 26  ? 1.237   3.001   13.445  1.00 8.71  ? 87  THR A CA  1 
ATOM   201  C C   . THR A 1 26  ? 2.724   3.309   13.368  1.00 11.61 ? 87  THR A C   1 
ATOM   202  O O   . THR A 1 26  ? 3.197   4.247   14.002  1.00 16.46 ? 87  THR A O   1 
ATOM   203  C CB  . THR A 1 26  ? 0.928   2.399   14.828  1.00 10.49 ? 87  THR A CB  1 
ATOM   204  O OG1 . THR A 1 26  ? 1.566   1.121   14.945  1.00 11.90 ? 87  THR A OG1 1 
ATOM   205  C CG2 . THR A 1 26  ? -0.575  2.233   15.023  1.00 11.31 ? 87  THR A CG2 1 
ATOM   206  N N   . GLN A 1 27  ? 3.458   2.515   12.596  1.00 11.15 ? 88  GLN A N   1 
ATOM   207  C CA  . GLN A 1 27  ? 4.906   2.690   12.499  1.00 15.52 ? 88  GLN A CA  1 
ATOM   208  C C   . GLN A 1 27  ? 5.406   2.856   11.067  1.00 10.44 ? 88  GLN A C   1 
ATOM   209  O O   . GLN A 1 27  ? 4.812   2.343   10.118  1.00 9.90  ? 88  GLN A O   1 
ATOM   210  C CB  . GLN A 1 27  ? 5.632   1.525   13.178  1.00 23.13 ? 88  GLN A CB  1 
ATOM   211  C CG  . GLN A 1 27  ? 5.452   1.495   14.682  1.00 30.35 ? 88  GLN A CG  1 
ATOM   212  C CD  . GLN A 1 27  ? 6.229   0.382   15.340  1.00 35.46 ? 88  GLN A CD  1 
ATOM   213  O OE1 . GLN A 1 27  ? 7.050   -0.283  14.701  1.00 38.67 ? 88  GLN A OE1 1 
ATOM   214  N NE2 . GLN A 1 27  ? 5.972   0.163   16.625  1.00 37.44 ? 88  GLN A NE2 1 
ATOM   215  N N   . ILE A 1 28  ? 6.510   3.581   10.918  1.00 9.57  ? 89  ILE A N   1 
ATOM   216  C CA  . ILE A 1 28  ? 7.148   3.715   9.619   1.00 9.13  ? 89  ILE A CA  1 
ATOM   217  C C   . ILE A 1 28  ? 7.790   2.386   9.245   1.00 9.44  ? 89  ILE A C   1 
ATOM   218  O O   . ILE A 1 28  ? 7.870   1.468   10.070  1.00 11.82 ? 89  ILE A O   1 
ATOM   219  C CB  . ILE A 1 28  ? 8.234   4.815   9.617   1.00 10.90 ? 89  ILE A CB  1 
ATOM   220  C CG1 . ILE A 1 28  ? 9.308   4.513   10.665  1.00 10.27 ? 89  ILE A CG1 1 
ATOM   221  C CG2 . ILE A 1 28  ? 7.618   6.185   9.866   1.00 12.64 ? 89  ILE A CG2 1 
ATOM   222  C CD1 . ILE A 1 28  ? 10.499  5.465   10.618  1.00 11.57 ? 89  ILE A CD1 1 
ATOM   223  N N   . GLY A 1 29  ? 8.250   2.288   8.004   1.00 6.79  ? 90  GLY A N   1 
ATOM   224  C CA  . GLY A 1 29  ? 8.882   1.079   7.521   1.00 6.48  ? 90  GLY A CA  1 
ATOM   225  C C   . GLY A 1 29  ? 7.961   0.290   6.621   1.00 6.04  ? 90  GLY A C   1 
ATOM   226  O O   . GLY A 1 29  ? 7.045   0.844   6.008   1.00 6.90  ? 90  GLY A O   1 
ATOM   227  N N   . ARG A 1 30  ? 8.189   -1.018  6.560   1.00 5.56  ? 91  ARG A N   1 
ATOM   228  C CA  . ARG A 1 30  ? 7.352   -1.892  5.760   1.00 4.95  ? 91  ARG A CA  1 
ATOM   229  C C   . ARG A 1 30  ? 5.923   -1.878  6.297   1.00 4.94  ? 91  ARG A C   1 
ATOM   230  O O   . ARG A 1 30  ? 5.694   -1.977  7.506   1.00 7.26  ? 91  ARG A O   1 
ATOM   231  C CB  . ARG A 1 30  ? 7.904   -3.322  5.775   1.00 6.80  ? 91  ARG A CB  1 
ATOM   232  C CG  . ARG A 1 30  ? 7.193   -4.289  4.823   1.00 4.80  ? 91  ARG A CG  1 
ATOM   233  C CD  . ARG A 1 30  ? 7.708   -5.711  5.027   1.00 4.98  ? 91  ARG A CD  1 
ATOM   234  N NE  . ARG A 1 30  ? 7.351   -6.215  6.352   1.00 7.40  ? 91  ARG A NE  1 
ATOM   235  C CZ  . ARG A 1 30  ? 8.117   -7.012  7.091   1.00 8.09  ? 91  ARG A CZ  1 
ATOM   236  N NH1 . ARG A 1 30  ? 9.302   -7.412  6.642   1.00 8.72  1 91  ARG A NH1 1 
ATOM   237  N NH2 . ARG A 1 30  ? 7.693   -7.411  8.285   1.00 9.16  ? 91  ARG A NH2 1 
ATOM   238  N N   . VAL A 1 31  ? 4.964   -1.757  5.388   1.00 3.45  ? 92  VAL A N   1 
ATOM   239  C CA  . VAL A 1 31  ? 3.556   -1.727  5.761   1.00 3.36  ? 92  VAL A CA  1 
ATOM   240  C C   . VAL A 1 31  ? 2.836   -2.993  5.300   1.00 4.31  ? 92  VAL A C   1 
ATOM   241  O O   . VAL A 1 31  ? 2.143   -3.641  6.079   1.00 6.29  ? 92  VAL A O   1 
ATOM   242  C CB  . VAL A 1 31  ? 2.853   -0.498  5.152   1.00 3.39  ? 92  VAL A CB  1 
ATOM   243  C CG1 . VAL A 1 31  ? 1.352   -0.541  5.418   1.00 5.32  ? 92  VAL A CG1 1 
ATOM   244  C CG2 . VAL A 1 31  ? 3.467   0.788   5.696   1.00 5.66  ? 92  VAL A CG2 1 
ATOM   245  N N   . ALA A 1 32  ? 3.004   -3.346  4.034   1.00 3.57  ? 93  ALA A N   1 
ATOM   246  C CA  . ALA A 1 32  ? 2.311   -4.496  3.464   1.00 4.64  ? 93  ALA A CA  1 
ATOM   247  C C   . ALA A 1 32  ? 2.990   -4.946  2.179   1.00 5.54  ? 93  ALA A C   1 
ATOM   248  O O   . ALA A 1 32  ? 3.715   -4.178  1.534   1.00 4.52  ? 93  ALA A O   1 
ATOM   249  C CB  . ALA A 1 32  ? 0.846   -4.145  3.192   1.00 5.44  ? 93  ALA A CB  1 
ATOM   250  N N   . GLU A 1 33  ? 2.759   -6.197  1.803   1.00 4.53  ? 94  GLU A N   1 
ATOM   251  C CA  . GLU A 1 33  ? 3.282   -6.688  0.539   1.00 5.92  ? 94  GLU A CA  1 
ATOM   252  C C   . GLU A 1 33  ? 2.377   -7.772  -0.017  1.00 6.06  ? 94  GLU A C   1 
ATOM   253  O O   . GLU A 1 33  ? 1.518   -8.295  0.683   1.00 10.23 ? 94  GLU A O   1 
ATOM   254  C CB  . GLU A 1 33  ? 4.743   -7.153  0.666   1.00 12.03 ? 94  GLU A CB  1 
ATOM   255  C CG  . GLU A 1 33  ? 5.018   -8.197  1.717   1.00 15.18 ? 94  GLU A CG  1 
ATOM   256  C CD  . GLU A 1 33  ? 6.519   -8.461  1.931   1.00 14.15 ? 94  GLU A CD  1 
ATOM   257  O OE1 . GLU A 1 33  ? 7.358   -8.025  1.105   1.00 9.38  ? 94  GLU A OE1 1 
ATOM   258  O OE2 . GLU A 1 33  ? 6.856   -9.124  2.930   1.00 16.57 1 94  GLU A OE2 1 
ATOM   259  N N   . GLY A 1 34  ? 2.544   -8.084  -1.288  1.00 4.94  ? 95  GLY A N   1 
ATOM   260  C CA  . GLY A 1 34  ? 1.779   -9.166  -1.877  1.00 4.45  ? 95  GLY A CA  1 
ATOM   261  C C   . GLY A 1 34  ? 2.491   -9.684  -3.101  1.00 3.65  ? 95  GLY A C   1 
ATOM   262  O O   . GLY A 1 34  ? 3.470   -9.087  -3.558  1.00 4.02  ? 95  GLY A O   1 
ATOM   263  N N   . THR A 1 35  ? 2.013   -10.806 -3.630  1.00 4.50  ? 96  THR A N   1 
ATOM   264  C CA  . THR A 1 35  ? 2.629   -11.397 -4.807  1.00 4.50  ? 96  THR A CA  1 
ATOM   265  C C   . THR A 1 35  ? 1.689   -12.351 -5.514  1.00 7.35  ? 96  THR A C   1 
ATOM   266  O O   . THR A 1 35  ? 0.824   -12.956 -4.884  1.00 6.83  ? 96  THR A O   1 
ATOM   267  C CB  . THR A 1 35  ? 3.938   -12.153 -4.445  1.00 5.86  ? 96  THR A CB  1 
ATOM   268  O OG1 . THR A 1 35  ? 4.561   -12.614 -5.642  1.00 6.24  ? 96  THR A OG1 1 
ATOM   269  C CG2 . THR A 1 35  ? 3.658   -13.358 -3.549  1.00 7.95  ? 96  THR A CG2 1 
ATOM   270  N N   . ASN A 1 36  ? 1.859   -12.478 -6.827  1.00 5.20  ? 97  ASN A N   1 
ATOM   271  C CA  . ASN A 1 36  ? 1.181   -13.529 -7.573  1.00 5.94  ? 97  ASN A CA  1 
ATOM   272  C C   . ASN A 1 36  ? 2.053   -14.785 -7.703  1.00 7.53  ? 97  ASN A C   1 
ATOM   273  O O   . ASN A 1 36  ? 1.652   -15.750 -8.347  1.00 8.53  ? 97  ASN A O   1 
ATOM   274  C CB  . ASN A 1 36  ? 0.734   -13.032 -8.950  1.00 6.22  ? 97  ASN A CB  1 
ATOM   275  C CG  . ASN A 1 36  ? 1.892   -12.615 -9.841  1.00 4.54  ? 97  ASN A CG  1 
ATOM   276  O OD1 . ASN A 1 36  ? 3.070   -12.806 -9.502  1.00 5.67  ? 97  ASN A OD1 1 
ATOM   277  N ND2 . ASN A 1 36  ? 1.563   -12.056 -11.000 1.00 5.07  ? 97  ASN A ND2 1 
ATOM   278  N N   . THR A 1 37  ? 3.236   -14.738 -7.084  1.00 7.22  ? 98  THR A N   1 
ATOM   279  C CA  . THR A 1 37  ? 4.243   -15.823 -7.074  1.00 8.01  ? 98  THR A CA  1 
ATOM   280  C C   . THR A 1 37  ? 5.005   -16.048 -8.381  1.00 7.57  ? 98  THR A C   1 
ATOM   281  O O   . THR A 1 37  ? 5.888   -16.913 -8.435  1.00 10.12 ? 98  THR A O   1 
ATOM   282  C CB  . THR A 1 37  ? 3.686   -17.203 -6.591  1.00 10.22 ? 98  THR A CB  1 
ATOM   283  O OG1 . THR A 1 37  ? 2.938   -17.832 -7.640  1.00 11.31 ? 98  THR A OG1 1 
ATOM   284  C CG2 . THR A 1 37  ? 2.832   -17.055 -5.337  1.00 11.64 ? 98  THR A CG2 1 
ATOM   285  N N   . THR A 1 38  ? 4.697   -15.272 -9.418  1.00 5.76  ? 99  THR A N   1 
ATOM   286  C CA  . THR A 1 38  ? 5.301   -15.524 -10.729 1.00 7.74  ? 99  THR A CA  1 
ATOM   287  C C   . THR A 1 38  ? 6.047   -14.331 -11.323 1.00 8.13  ? 99  THR A C   1 
ATOM   288  O O   . THR A 1 38  ? 7.177   -14.475 -11.797 1.00 9.48  ? 99  THR A O   1 
ATOM   289  C CB  . THR A 1 38  ? 4.252   -16.001 -11.746 1.00 8.63  ? 99  THR A CB  1 
ATOM   290  O OG1 . THR A 1 38  ? 3.191   -15.040 -11.819 1.00 9.53  ? 99  THR A OG1 1 
ATOM   291  C CG2 . THR A 1 38  ? 3.684   -17.359 -11.335 1.00 11.64 ? 99  THR A CG2 1 
ATOM   292  N N   . ASP A 1 39  ? 5.429   -13.159 -11.314 1.00 6.40  ? 100 ASP A N   1 
ATOM   293  C CA  . ASP A 1 39  ? 6.065   -12.018 -11.957 1.00 6.50  ? 100 ASP A CA  1 
ATOM   294  C C   . ASP A 1 39  ? 5.749   -10.660 -11.340 1.00 4.76  ? 100 ASP A C   1 
ATOM   295  O O   . ASP A 1 39  ? 6.117   -9.629  -11.896 1.00 5.37  ? 100 ASP A O   1 
ATOM   296  C CB  . ASP A 1 39  ? 5.789   -12.018 -13.469 1.00 6.98  ? 100 ASP A CB  1 
ATOM   297  C CG  . ASP A 1 39  ? 4.319   -11.880 -13.806 1.00 9.36  ? 100 ASP A CG  1 
ATOM   298  O OD1 . ASP A 1 39  ? 3.549   -11.324 -13.002 1.00 8.74  ? 100 ASP A OD1 1 
ATOM   299  O OD2 . ASP A 1 39  ? 3.929   -12.324 -14.910 1.00 14.00 1 100 ASP A OD2 1 
ATOM   300  N N   . ARG A 1 40  ? 5.088   -10.664 -10.183 1.00 4.92  ? 101 ARG A N   1 
ATOM   301  C CA  . ARG A 1 40  ? 4.900   -9.431  -9.417  1.00 4.85  ? 101 ARG A CA  1 
ATOM   302  C C   . ARG A 1 40  ? 5.042   -9.689  -7.929  1.00 4.13  ? 101 ARG A C   1 
ATOM   303  O O   . ARG A 1 40  ? 4.343   -10.551 -7.387  1.00 3.80  ? 101 ARG A O   1 
ATOM   304  C CB  . ARG A 1 40  ? 3.514   -8.824  -9.664  1.00 4.40  ? 101 ARG A CB  1 
ATOM   305  C CG  . ARG A 1 40  ? 3.245   -8.366  -11.090 1.00 5.44  ? 101 ARG A CG  1 
ATOM   306  C CD  . ARG A 1 40  ? 4.123   -7.191  -11.499 1.00 5.22  ? 101 ARG A CD  1 
ATOM   307  N NE  . ARG A 1 40  ? 3.709   -6.666  -12.795 1.00 5.78  ? 101 ARG A NE  1 
ATOM   308  C CZ  . ARG A 1 40  ? 4.074   -7.173  -13.968 1.00 9.19  ? 101 ARG A CZ  1 
ATOM   309  N NH1 . ARG A 1 40  ? 3.631   -6.624  -15.092 1.00 11.61 1 101 ARG A NH1 1 
ATOM   310  N NH2 . ARG A 1 40  ? 4.879   -8.230  -14.018 1.00 8.82  ? 101 ARG A NH2 1 
ATOM   311  N N   . TRP A 1 41  ? 5.958   -8.959  -7.292  1.00 3.51  ? 102 TRP A N   1 
ATOM   312  C CA  . TRP A 1 41  ? 6.058   -8.876  -5.838  1.00 2.39  ? 102 TRP A CA  1 
ATOM   313  C C   . TRP A 1 41  ? 5.982   -7.400  -5.524  1.00 4.09  ? 102 TRP A C   1 
ATOM   314  O O   . TRP A 1 41  ? 6.858   -6.634  -5.926  1.00 4.14  ? 102 TRP A O   1 
ATOM   315  C CB  . TRP A 1 41  ? 7.386   -9.463  -5.328  1.00 3.99  ? 102 TRP A CB  1 
ATOM   316  C CG  . TRP A 1 41  ? 7.468   -10.964 -5.433  1.00 4.93  ? 102 TRP A CG  1 
ATOM   317  C CD1 . TRP A 1 41  ? 7.320   -11.868 -4.416  1.00 7.05  ? 102 TRP A CD1 1 
ATOM   318  C CD2 . TRP A 1 41  ? 7.693   -11.732 -6.623  1.00 6.16  ? 102 TRP A CD2 1 
ATOM   319  N NE1 . TRP A 1 41  ? 7.453   -13.150 -4.902  1.00 6.61  ? 102 TRP A NE1 1 
ATOM   320  C CE2 . TRP A 1 41  ? 7.678   -13.093 -6.254  1.00 5.80  ? 102 TRP A CE2 1 
ATOM   321  C CE3 . TRP A 1 41  ? 7.915   -11.398 -7.966  1.00 5.75  ? 102 TRP A CE3 1 
ATOM   322  C CZ2 . TRP A 1 41  ? 7.861   -14.126 -7.184  1.00 4.90  ? 102 TRP A CZ2 1 
ATOM   323  C CZ3 . TRP A 1 41  ? 8.107   -12.421 -8.885  1.00 7.22  ? 102 TRP A CZ3 1 
ATOM   324  C CH2 . TRP A 1 41  ? 8.079   -13.767 -8.488  1.00 5.69  ? 102 TRP A CH2 1 
ATOM   325  N N   . PHE A 1 42  ? 4.919   -6.983  -4.844  1.00 4.51  ? 103 PHE A N   1 
ATOM   326  C CA  . PHE A 1 42  ? 4.700   -5.564  -4.599  1.00 4.62  ? 103 PHE A CA  1 
ATOM   327  C C   . PHE A 1 42  ? 4.690   -5.291  -3.106  1.00 6.05  ? 103 PHE A C   1 
ATOM   328  O O   . PHE A 1 42  ? 4.329   -6.155  -2.304  1.00 7.36  ? 103 PHE A O   1 
ATOM   329  C CB  . PHE A 1 42  ? 3.418   -5.061  -5.287  1.00 5.04  ? 103 PHE A CB  1 
ATOM   330  C CG  . PHE A 1 42  ? 2.178   -5.872  -4.968  1.00 5.99  ? 103 PHE A CG  1 
ATOM   331  C CD1 . PHE A 1 42  ? 1.322   -5.475  -3.951  1.00 7.97  ? 103 PHE A CD1 1 
ATOM   332  C CD2 . PHE A 1 42  ? 1.856   -7.006  -5.702  1.00 7.77  ? 103 PHE A CD2 1 
ATOM   333  C CE1 . PHE A 1 42  ? 0.179   -6.205  -3.655  1.00 7.45  ? 103 PHE A CE1 1 
ATOM   334  C CE2 . PHE A 1 42  ? 0.712   -7.746  -5.409  1.00 8.50  ? 103 PHE A CE2 1 
ATOM   335  C CZ  . PHE A 1 42  ? -0.126  -7.333  -4.389  1.00 7.90  ? 103 PHE A CZ  1 
ATOM   336  N N   . ALA A 1 43  ? 5.128   -4.093  -2.742  1.00 3.77  ? 104 ALA A N   1 
ATOM   337  C CA  . ALA A 1 43  ? 5.296   -3.737  -1.344  1.00 4.93  ? 104 ALA A CA  1 
ATOM   338  C C   . ALA A 1 43  ? 5.083   -2.253  -1.163  1.00 5.84  ? 104 ALA A C   1 
ATOM   339  O O   . ALA A 1 43  ? 5.438   -1.448  -2.023  1.00 6.12  ? 104 ALA A O   1 
ATOM   340  C CB  . ALA A 1 43  ? 6.698   -4.121  -0.867  1.00 6.35  ? 104 ALA A CB  1 
ATOM   341  N N   . CYS A 1 44  ? 4.485   -1.877  -0.044  1.00 5.91  ? 105 CYS A N   1 
ATOM   342  C CA  . CYS A 1 44  ? 4.468   -0.471  0.296   1.00 6.12  ? 105 CYS A CA  1 
ATOM   343  C C   . CYS A 1 44  ? 5.201   -0.215  1.601   1.00 6.23  ? 105 CYS A C   1 
ATOM   344  O O   . CYS A 1 44  ? 5.134   -1.015  2.544   1.00 5.17  ? 105 CYS A O   1 
ATOM   345  C CB  . CYS A 1 44  ? 3.052   0.096   0.302   1.00 11.25 ? 105 CYS A CB  1 
ATOM   346  S SG  . CYS A 1 44  ? 1.939   -0.697  1.422   1.00 14.51 ? 105 CYS A SG  1 
ATOM   347  N N   . VAL A 1 45  ? 5.942   0.885   1.619   1.00 5.17  ? 106 VAL A N   1 
ATOM   348  C CA  . VAL A 1 45  ? 6.660   1.294   2.812   1.00 3.46  ? 106 VAL A CA  1 
ATOM   349  C C   . VAL A 1 45  ? 6.229   2.698   3.167   1.00 4.70  ? 106 VAL A C   1 
ATOM   350  O O   . VAL A 1 45  ? 5.821   3.476   2.297   1.00 6.52  ? 106 VAL A O   1 
ATOM   351  C CB  . VAL A 1 45  ? 8.204   1.239   2.628   1.00 7.50  ? 106 VAL A CB  1 
ATOM   352  C CG1 . VAL A 1 45  ? 8.641   -0.156  2.176   1.00 7.39  ? 106 VAL A CG1 1 
ATOM   353  C CG2 . VAL A 1 45  ? 8.680   2.301   1.648   1.00 8.60  ? 106 VAL A CG2 1 
ATOM   354  N N   . LEU A 1 46  ? 6.325   3.020   4.448   1.00 4.29  ? 107 LEU A N   1 
ATOM   355  C CA  . LEU A 1 46  ? 5.931   4.330   4.937   1.00 3.80  ? 107 LEU A CA  1 
ATOM   356  C C   . LEU A 1 46  ? 7.159   5.120   5.348   1.00 3.74  ? 107 LEU A C   1 
ATOM   357  O O   . LEU A 1 46  ? 8.011   4.614   6.075   1.00 4.20  ? 107 LEU A O   1 
ATOM   358  C CB  . LEU A 1 46  ? 4.968   4.182   6.113   1.00 4.49  ? 107 LEU A CB  1 
ATOM   359  C CG  . LEU A 1 46  ? 4.505   5.447   6.840   1.00 5.58  ? 107 LEU A CG  1 
ATOM   360  C CD1 . LEU A 1 46  ? 3.724   6.339   5.907   1.00 6.07  ? 107 LEU A CD1 1 
ATOM   361  C CD2 . LEU A 1 46  ? 3.667   5.083   8.065   1.00 5.30  ? 107 LEU A CD2 1 
ATOM   362  N N   . VAL A 1 47  ? 7.225   6.362   4.879   1.00 3.61  ? 108 VAL A N   1 
ATOM   363  C CA  . VAL A 1 47  ? 8.308   7.283   5.206   1.00 4.38  ? 108 VAL A CA  1 
ATOM   364  C C   . VAL A 1 47  ? 7.744   8.524   5.892   1.00 5.56  ? 108 VAL A C   1 
ATOM   365  O O   . VAL A 1 47  ? 6.772   9.135   5.415   1.00 5.76  ? 108 VAL A O   1 
ATOM   366  C CB  . VAL A 1 47  ? 9.094   7.686   3.934   1.00 4.62  ? 108 VAL A CB  1 
ATOM   367  C CG1 . VAL A 1 47  ? 10.262  8.598   4.288   1.00 4.48  ? 108 VAL A CG1 1 
ATOM   368  C CG2 . VAL A 1 47  ? 9.595   6.440   3.205   1.00 4.78  ? 108 VAL A CG2 1 
ATOM   369  N N   . GLU A 1 48  ? 8.344   8.883   7.024   1.00 3.47  ? 109 GLU A N   1 
ATOM   370  C CA  . GLU A 1 48  ? 7.925   10.044  7.797   1.00 5.05  ? 109 GLU A CA  1 
ATOM   371  C C   . GLU A 1 48  ? 8.257   11.361  7.079   1.00 5.24  ? 109 GLU A C   1 
ATOM   372  O O   . GLU A 1 48  ? 9.026   11.376  6.126   1.00 4.25  ? 109 GLU A O   1 
ATOM   373  C CB  . GLU A 1 48  ? 8.576   9.996   9.189   1.00 5.67  ? 109 GLU A CB  1 
ATOM   374  C CG  . GLU A 1 48  ? 10.079  10.320  9.203   1.00 4.73  ? 109 GLU A CG  1 
ATOM   375  C CD  . GLU A 1 48  ? 10.992  9.123   8.931   1.00 6.58  ? 109 GLU A CD  1 
ATOM   376  O OE1 . GLU A 1 48  ? 10.586  8.152   8.258   1.00 5.58  ? 109 GLU A OE1 1 
ATOM   377  O OE2 . GLU A 1 48  ? 12.147  9.159   9.407   1.00 6.10  1 109 GLU A OE2 1 
ATOM   378  N N   . PRO A 1 49  ? 7.663   12.475  7.529   1.00 5.14  ? 110 PRO A N   1 
ATOM   379  C CA  . PRO A 1 49  ? 7.983   13.760  6.902   1.00 5.35  ? 110 PRO A CA  1 
ATOM   380  C C   . PRO A 1 49  ? 9.451   14.138  7.078   1.00 6.37  ? 110 PRO A C   1 
ATOM   381  O O   . PRO A 1 49  ? 10.109  13.670  8.023   1.00 6.22  ? 110 PRO A O   1 
ATOM   382  C CB  . PRO A 1 49  ? 7.102   14.752  7.669   1.00 5.80  ? 110 PRO A CB  1 
ATOM   383  C CG  . PRO A 1 49  ? 6.000   13.924  8.251   1.00 6.70  ? 110 PRO A CG  1 
ATOM   384  C CD  . PRO A 1 49  ? 6.608   12.595  8.549   1.00 5.32  ? 110 PRO A CD  1 
ATOM   385  N N   . ASN A 1 50  ? 9.950   14.979  6.174   1.00 6.75  ? 111 ASN A N   1 
ATOM   386  C CA  . ASN A 1 50  ? 11.276  15.589  6.304   1.00 6.38  ? 111 ASN A CA  1 
ATOM   387  C C   . ASN A 1 50  ? 12.407  14.565  6.325   1.00 5.52  ? 111 ASN A C   1 
ATOM   388  O O   . ASN A 1 50  ? 13.213  14.518  7.256   1.00 6.44  ? 111 ASN A O   1 
ATOM   389  C CB  . ASN A 1 50  ? 11.334  16.501  7.537   1.00 7.34  ? 111 ASN A CB  1 
ATOM   390  C CG  . ASN A 1 50  ? 12.580  17.374  7.560   1.00 8.72  ? 111 ASN A CG  1 
ATOM   391  O OD1 . ASN A 1 50  ? 13.211  17.596  6.529   1.00 10.19 ? 111 ASN A OD1 1 
ATOM   392  N ND2 . ASN A 1 50  ? 12.947  17.856  8.743   1.00 8.14  ? 111 ASN A ND2 1 
ATOM   393  N N   . VAL A 1 51  ? 12.457  13.751  5.277   1.00 3.87  ? 112 VAL A N   1 
ATOM   394  C CA  . VAL A 1 51  ? 13.512  12.770  5.108   1.00 4.25  ? 112 VAL A CA  1 
ATOM   395  C C   . VAL A 1 51  ? 14.324  13.079  3.850   1.00 5.77  ? 112 VAL A C   1 
ATOM   396  O O   . VAL A 1 51  ? 13.823  12.998  2.727   1.00 5.67  ? 112 VAL A O   1 
ATOM   397  C CB  . VAL A 1 51  ? 12.934  11.354  5.016   1.00 4.54  ? 112 VAL A CB  1 
ATOM   398  C CG1 . VAL A 1 51  ? 14.016  10.354  4.631   1.00 5.44  ? 112 VAL A CG1 1 
ATOM   399  C CG2 . VAL A 1 51  ? 12.280  10.979  6.344   1.00 3.88  ? 112 VAL A CG2 1 
ATOM   400  N N   . GLN A 1 52  ? 15.578  13.457  4.047   1.00 5.21  ? 113 GLN A N   1 
ATOM   401  C CA  . GLN A 1 52  ? 16.467  13.687  2.927   1.00 6.55  ? 113 GLN A CA  1 
ATOM   402  C C   . GLN A 1 52  ? 16.737  12.386  2.196   1.00 6.91  ? 113 GLN A C   1 
ATOM   403  O O   . GLN A 1 52  ? 16.699  11.298  2.786   1.00 7.73  ? 113 GLN A O   1 
ATOM   404  C CB  . GLN A 1 52  ? 17.793  14.263  3.403   1.00 8.20  ? 113 GLN A CB  1 
ATOM   405  C CG  . GLN A 1 52  ? 17.671  15.567  4.131   1.00 11.97 ? 113 GLN A CG  1 
ATOM   406  C CD  . GLN A 1 52  ? 18.983  15.989  4.740   1.00 18.31 ? 113 GLN A CD  1 
ATOM   407  O OE1 . GLN A 1 52  ? 20.040  15.813  4.133   1.00 18.96 ? 113 GLN A OE1 1 
ATOM   408  N NE2 . GLN A 1 52  ? 18.931  16.533  5.950   1.00 21.67 ? 113 GLN A NE2 1 
ATOM   409  N N   . ASN A 1 53  ? 17.005  12.517  0.904   1.00 6.92  ? 114 ASN A N   1 
ATOM   410  C CA  . ASN A 1 53  ? 17.450  11.417  0.076   1.00 6.58  ? 114 ASN A CA  1 
ATOM   411  C C   . ASN A 1 53  ? 18.387  10.492  0.845   1.00 6.68  ? 114 ASN A C   1 
ATOM   412  O O   . ASN A 1 53  ? 19.415  10.930  1.365   1.00 9.29  ? 114 ASN A O   1 
ATOM   413  C CB  . ASN A 1 53  ? 18.169  11.989  -1.147  1.00 7.63  ? 114 ASN A CB  1 
ATOM   414  C CG  . ASN A 1 53  ? 18.885  10.934  -1.948  1.00 9.79  ? 114 ASN A CG  1 
ATOM   415  O OD1 . ASN A 1 53  ? 18.253  10.062  -2.542  1.00 10.01 ? 114 ASN A OD1 1 
ATOM   416  N ND2 . ASN A 1 53  ? 20.222  11.019  -1.990  1.00 9.93  ? 114 ASN A ND2 1 
ATOM   417  N N   . THR A 1 54  ? 18.041  9.210   0.899   1.00 5.80  ? 115 THR A N   1 
ATOM   418  C CA  . THR A 1 54  ? 18.781  8.271   1.729   1.00 7.63  ? 115 THR A CA  1 
ATOM   419  C C   . THR A 1 54  ? 18.490  6.847   1.286   1.00 8.39  ? 115 THR A C   1 
ATOM   420  O O   . THR A 1 54  ? 17.574  6.612   0.504   1.00 10.30 ? 115 THR A O   1 
ATOM   421  C CB  . THR A 1 54  ? 18.390  8.427   3.213   1.00 9.47  ? 115 THR A CB  1 
ATOM   422  O OG1 . THR A 1 54  ? 19.288  7.668   4.037   1.00 10.80 ? 115 THR A OG1 1 
ATOM   423  C CG2 . THR A 1 54  ? 16.955  7.951   3.447   1.00 7.24  ? 115 THR A CG2 1 
ATOM   424  N N   . GLN A 1 55  ? 19.294  5.909   1.774   1.00 6.44  ? 116 GLN A N   1 
ATOM   425  C CA  . GLN A 1 55  ? 19.060  4.491   1.543   1.00 7.55  ? 116 GLN A CA  1 
ATOM   426  C C   . GLN A 1 55  ? 18.661  3.841   2.855   1.00 6.38  ? 116 GLN A C   1 
ATOM   427  O O   . GLN A 1 55  ? 19.401  3.914   3.841   1.00 9.08  ? 116 GLN A O   1 
ATOM   428  C CB  . GLN A 1 55  ? 20.327  3.806   1.031   1.00 13.04 ? 116 GLN A CB  1 
ATOM   429  C CG  . GLN A 1 55  ? 20.581  3.939   -0.453  1.00 19.91 ? 116 GLN A CG  1 
ATOM   430  C CD  . GLN A 1 55  ? 21.746  3.068   -0.902  1.00 23.76 ? 116 GLN A CD  1 
ATOM   431  O OE1 . GLN A 1 55  ? 22.795  3.031   -0.253  1.00 24.80 ? 116 GLN A OE1 1 
ATOM   432  N NE2 . GLN A 1 55  ? 21.558  2.349   -2.002  1.00 25.74 ? 116 GLN A NE2 1 
ATOM   433  N N   . ARG A 1 56  ? 17.493  3.205   2.865   1.00 4.00  ? 117 ARG A N   1 
ATOM   434  C CA  . ARG A 1 56  ? 17.042  2.471   4.038   1.00 4.66  ? 117 ARG A CA  1 
ATOM   435  C C   . ARG A 1 56  ? 16.913  0.994   3.716   1.00 6.31  ? 117 ARG A C   1 
ATOM   436  O O   . ARG A 1 56  ? 16.752  0.603   2.554   1.00 7.10  ? 117 ARG A O   1 
ATOM   437  C CB  . ARG A 1 56  ? 15.707  3.011   4.557   1.00 3.83  ? 117 ARG A CB  1 
ATOM   438  C CG  . ARG A 1 56  ? 15.848  4.346   5.247   1.00 4.26  ? 117 ARG A CG  1 
ATOM   439  C CD  . ARG A 1 56  ? 14.529  4.875   5.768   1.00 6.23  ? 117 ARG A CD  1 
ATOM   440  N NE  . ARG A 1 56  ? 14.752  6.115   6.508   1.00 6.92  ? 117 ARG A NE  1 
ATOM   441  C CZ  . ARG A 1 56  ? 13.789  6.886   7.004   1.00 5.85  ? 117 ARG A CZ  1 
ATOM   442  N NH1 . ARG A 1 56  ? 12.511  6.561   6.835   1.00 5.50  1 117 ARG A NH1 1 
ATOM   443  N NH2 . ARG A 1 56  ? 14.110  7.987   7.665   1.00 5.81  ? 117 ARG A NH2 1 
ATOM   444  N N   . GLU A 1 57  ? 16.992  0.168   4.748   1.00 5.84  ? 118 GLU A N   1 
ATOM   445  C CA  . GLU A 1 57  ? 16.795  -1.262  4.569   1.00 5.34  ? 118 GLU A CA  1 
ATOM   446  C C   . GLU A 1 57  ? 15.378  -1.674  4.918   1.00 5.89  ? 118 GLU A C   1 
ATOM   447  O O   . GLU A 1 57  ? 14.809  -1.224  5.922   1.00 6.87  ? 118 GLU A O   1 
ATOM   448  C CB  . GLU A 1 57  ? 17.790  -2.058  5.406   1.00 4.42  ? 118 GLU A CB  1 
ATOM   449  C CG  . GLU A 1 57  ? 19.188  -2.045  4.815   1.00 7.06  ? 118 GLU A CG  1 
ATOM   450  C CD  . GLU A 1 57  ? 20.130  -2.992  5.522   1.00 9.01  ? 118 GLU A CD  1 
ATOM   451  O OE1 . GLU A 1 57  ? 19.881  -3.313  6.704   1.00 7.48  ? 118 GLU A OE1 1 
ATOM   452  O OE2 . GLU A 1 57  ? 21.118  -3.427  4.887   1.00 10.72 1 118 GLU A OE2 1 
ATOM   453  N N   . TYR A 1 58  ? 14.823  -2.537  4.075   1.00 5.25  ? 119 TYR A N   1 
ATOM   454  C CA  . TYR A 1 58  ? 13.522  -3.134  4.321   1.00 5.83  ? 119 TYR A CA  1 
ATOM   455  C C   . TYR A 1 58  ? 13.609  -4.611  4.035   1.00 5.98  ? 119 TYR A C   1 
ATOM   456  O O   . TYR A 1 58  ? 14.371  -5.037  3.171   1.00 6.22  ? 119 TYR A O   1 
ATOM   457  C CB  . TYR A 1 58  ? 12.468  -2.509  3.407   1.00 5.66  ? 119 TYR A CB  1 
ATOM   458  C CG  . TYR A 1 58  ? 12.387  -1.012  3.533   1.00 6.41  ? 119 TYR A CG  1 
ATOM   459  C CD1 . TYR A 1 58  ? 11.678  -0.419  4.571   1.00 6.08  ? 119 TYR A CD1 1 
ATOM   460  C CD2 . TYR A 1 58  ? 13.021  -0.185  2.617   1.00 5.59  ? 119 TYR A CD2 1 
ATOM   461  C CE1 . TYR A 1 58  ? 11.601  0.975   4.685   1.00 5.76  ? 119 TYR A CE1 1 
ATOM   462  C CE2 . TYR A 1 58  ? 12.946  1.199   2.718   1.00 6.89  ? 119 TYR A CE2 1 
ATOM   463  C CZ  . TYR A 1 58  ? 12.236  1.773   3.750   1.00 6.66  ? 119 TYR A CZ  1 
ATOM   464  O OH  . TYR A 1 58  ? 12.169  3.149   3.851   1.00 6.32  ? 119 TYR A OH  1 
ATOM   465  N N   . VAL A 1 59  ? 12.819  -5.397  4.751   1.00 5.37  ? 120 VAL A N   1 
ATOM   466  C CA  . VAL A 1 59  ? 12.780  -6.823  4.486   1.00 5.44  ? 120 VAL A CA  1 
ATOM   467  C C   . VAL A 1 59  ? 11.575  -7.119  3.601   1.00 6.03  ? 120 VAL A C   1 
ATOM   468  O O   . VAL A 1 59  ? 10.430  -7.162  4.063   1.00 5.51  ? 120 VAL A O   1 
ATOM   469  C CB  . VAL A 1 59  ? 12.787  -7.648  5.785   1.00 6.11  ? 120 VAL A CB  1 
ATOM   470  C CG1 . VAL A 1 59  ? 12.667  -9.124  5.463   1.00 6.12  ? 120 VAL A CG1 1 
ATOM   471  C CG2 . VAL A 1 59  ? 14.071  -7.371  6.556   1.00 7.66  ? 120 VAL A CG2 1 
ATOM   472  N N   . LEU A 1 60  ? 11.854  -7.276  2.310   1.00 5.72  ? 121 LEU A N   1 
ATOM   473  C CA  . LEU A 1 60  ? 10.814  -7.455  1.302   1.00 4.69  ? 121 LEU A CA  1 
ATOM   474  C C   . LEU A 1 60  ? 10.951  -8.829  0.665   1.00 5.59  ? 121 LEU A C   1 
ATOM   475  O O   . LEU A 1 60  ? 12.043  -9.230  0.246   1.00 5.95  ? 121 LEU A O   1 
ATOM   476  C CB  . LEU A 1 60  ? 10.901  -6.357  0.231   1.00 4.45  ? 121 LEU A CB  1 
ATOM   477  C CG  . LEU A 1 60  ? 10.823  -4.920  0.752   1.00 6.32  ? 121 LEU A CG  1 
ATOM   478  C CD1 . LEU A 1 60  ? 10.853  -3.925  -0.406  1.00 8.45  ? 121 LEU A CD1 1 
ATOM   479  C CD2 . LEU A 1 60  ? 9.564   -4.733  1.598   1.00 6.16  ? 121 LEU A CD2 1 
ATOM   480  N N   . ASP A 1 61  ? 9.837   -9.550  0.590   1.00 6.09  ? 122 ASP A N   1 
ATOM   481  C CA  . ASP A 1 61  ? 9.850   -10.946 0.150   1.00 6.58  ? 122 ASP A CA  1 
ATOM   482  C C   . ASP A 1 61  ? 10.917  -11.746 0.905   1.00 7.71  ? 122 ASP A C   1 
ATOM   483  O O   . ASP A 1 61  ? 11.581  -12.622 0.343   1.00 9.13  ? 122 ASP A O   1 
ATOM   484  C CB  . ASP A 1 61  ? 10.045  -11.045 -1.366  1.00 8.96  ? 122 ASP A CB  1 
ATOM   485  C CG  . ASP A 1 61  ? 9.800   -12.451 -1.904  1.00 8.47  ? 122 ASP A CG  1 
ATOM   486  O OD1 . ASP A 1 61  ? 8.985   -13.190 -1.313  1.00 9.14  ? 122 ASP A OD1 1 
ATOM   487  O OD2 . ASP A 1 61  ? 10.420  -12.809 -2.919  1.00 8.72  1 122 ASP A OD2 1 
ATOM   488  N N   . GLY A 1 62  ? 11.076  -11.417 2.182   1.00 7.21  ? 123 GLY A N   1 
ATOM   489  C CA  . GLY A 1 62  ? 11.955  -12.166 3.062   1.00 8.76  ? 123 GLY A CA  1 
ATOM   490  C C   . GLY A 1 62  ? 13.411  -11.744 3.007   1.00 9.33  ? 123 GLY A C   1 
ATOM   491  O O   . GLY A 1 62  ? 14.210  -12.174 3.838   1.00 10.54 ? 123 GLY A O   1 
ATOM   492  N N   . GLN A 1 63  ? 13.757  -10.897 2.042   1.00 8.21  ? 124 GLN A N   1 
ATOM   493  C CA  . GLN A 1 63  ? 15.148  -10.493 1.842   1.00 8.09  ? 124 GLN A CA  1 
ATOM   494  C C   . GLN A 1 63  ? 15.402  -9.057  2.259   1.00 6.72  ? 124 GLN A C   1 
ATOM   495  O O   . GLN A 1 63  ? 14.578  -8.186  2.018   1.00 7.32  ? 124 GLN A O   1 
ATOM   496  C CB  . GLN A 1 63  ? 15.556  -10.666 0.376   1.00 10.78 ? 124 GLN A CB  1 
ATOM   497  C CG  . GLN A 1 63  ? 15.655  -12.116 -0.057  1.00 14.56 ? 124 GLN A CG  1 
ATOM   498  C CD  . GLN A 1 63  ? 16.653  -12.888 0.787   1.00 16.60 ? 124 GLN A CD  1 
ATOM   499  O OE1 . GLN A 1 63  ? 17.841  -12.567 0.806   1.00 18.90 ? 124 GLN A OE1 1 
ATOM   500  N NE2 . GLN A 1 63  ? 16.172  -13.897 1.504   1.00 18.75 ? 124 GLN A NE2 1 
ATOM   501  N N   . THR A 1 64  ? 16.554  -8.813  2.876   1.00 5.35  ? 125 THR A N   1 
ATOM   502  C CA  . THR A 1 64  ? 16.927  -7.466  3.270   1.00 5.72  ? 125 THR A CA  1 
ATOM   503  C C   . THR A 1 64  ? 17.485  -6.719  2.065   1.00 8.84  ? 125 THR A C   1 
ATOM   504  O O   . THR A 1 64  ? 18.500  -7.115  1.482   1.00 11.15 ? 125 THR A O   1 
ATOM   505  C CB  . THR A 1 64  ? 17.950  -7.492  4.401   1.00 8.21  ? 125 THR A CB  1 
ATOM   506  O OG1 . THR A 1 64  ? 17.388  -8.198  5.518   1.00 9.50  ? 125 THR A OG1 1 
ATOM   507  C CG2 . THR A 1 64  ? 18.318  -6.078  4.828   1.00 8.67  ? 125 THR A CG2 1 
ATOM   508  N N   . VAL A 1 65  ? 16.797  -5.651  1.682   1.00 7.84  ? 126 VAL A N   1 
ATOM   509  C CA  . VAL A 1 65  ? 17.193  -4.857  0.528   1.00 7.23  ? 126 VAL A CA  1 
ATOM   510  C C   . VAL A 1 65  ? 17.394  -3.401  0.929   1.00 7.01  ? 126 VAL A C   1 
ATOM   511  O O   . VAL A 1 65  ? 16.750  -2.911  1.854   1.00 7.91  ? 126 VAL A O   1 
ATOM   512  C CB  . VAL A 1 65  ? 16.140  -4.945  -0.604  1.00 7.61  ? 126 VAL A CB  1 
ATOM   513  C CG1 . VAL A 1 65  ? 16.006  -6.384  -1.085  1.00 7.81  ? 126 VAL A CG1 1 
ATOM   514  C CG2 . VAL A 1 65  ? 14.784  -4.401  -0.139  1.00 7.70  ? 126 VAL A CG2 1 
ATOM   515  N N   . GLN A 1 66  ? 18.307  -2.725  0.239   1.00 7.24  ? 127 GLN A N   1 
ATOM   516  C CA  . GLN A 1 66  ? 18.492  -1.293  0.395   1.00 7.52  ? 127 GLN A CA  1 
ATOM   517  C C   . GLN A 1 66  ? 17.720  -0.590  -0.705  1.00 7.67  ? 127 GLN A C   1 
ATOM   518  O O   . GLN A 1 66  ? 17.888  -0.908  -1.888  1.00 8.00  ? 127 GLN A O   1 
ATOM   519  C CB  . GLN A 1 66  ? 19.969  -0.920  0.273   1.00 9.93  ? 127 GLN A CB  1 
ATOM   520  C CG  . GLN A 1 66  ? 20.812  -1.214  1.501   1.00 14.80 ? 127 GLN A CG  1 
ATOM   521  C CD  . GLN A 1 66  ? 22.215  -0.665  1.362   1.00 18.94 ? 127 GLN A CD  1 
ATOM   522  O OE1 . GLN A 1 66  ? 22.553  0.371   1.943   1.00 22.19 ? 127 GLN A OE1 1 
ATOM   523  N NE2 . GLN A 1 66  ? 23.041  -1.350  0.581   1.00 19.91 ? 127 GLN A NE2 1 
ATOM   524  N N   . LEU A 1 67  ? 16.871  0.358   -0.323  1.00 5.38  ? 128 LEU A N   1 
ATOM   525  C CA  . LEU A 1 67  ? 16.121  1.133   -1.302  1.00 4.25  ? 128 LEU A CA  1 
ATOM   526  C C   . LEU A 1 67  ? 16.296  2.630   -1.089  1.00 5.21  ? 128 LEU A C   1 
ATOM   527  O O   . LEU A 1 67  ? 16.356  3.110   0.047   1.00 6.65  ? 128 LEU A O   1 
ATOM   528  C CB  . LEU A 1 67  ? 14.636  0.765   -1.271  1.00 5.70  ? 128 LEU A CB  1 
ATOM   529  C CG  . LEU A 1 67  ? 14.329  -0.676  -1.686  1.00 7.99  ? 128 LEU A CG  1 
ATOM   530  C CD1 . LEU A 1 67  ? 12.866  -0.976  -1.444  1.00 9.13  ? 128 LEU A CD1 1 
ATOM   531  C CD2 . LEU A 1 67  ? 14.692  -0.886  -3.151  1.00 10.41 ? 128 LEU A CD2 1 
ATOM   532  N N   . GLN A 1 68  ? 16.378  3.365   -2.191  1.00 5.34  ? 129 GLN A N   1 
ATOM   533  C CA  . GLN A 1 68  ? 16.463  4.815   -2.149  1.00 7.14  ? 129 GLN A CA  1 
ATOM   534  C C   . GLN A 1 68  ? 15.093  5.393   -1.815  1.00 7.75  ? 129 GLN A C   1 
ATOM   535  O O   . GLN A 1 68  ? 14.097  5.078   -2.472  1.00 7.15  ? 129 GLN A O   1 
ATOM   536  C CB  . GLN A 1 68  ? 16.921  5.355   -3.501  1.00 9.07  ? 129 GLN A CB  1 
ATOM   537  C CG  . GLN A 1 68  ? 17.639  6.687   -3.411  1.00 14.62 ? 129 GLN A CG  1 
ATOM   538  C CD  . GLN A 1 68  ? 19.054  6.527   -2.889  1.00 18.21 ? 129 GLN A CD  1 
ATOM   539  O OE1 . GLN A 1 68  ? 19.685  5.484   -3.085  1.00 21.72 ? 129 GLN A OE1 1 
ATOM   540  N NE2 . GLN A 1 68  ? 19.556  7.550   -2.207  1.00 15.86 ? 129 GLN A NE2 1 
ATOM   541  N N   . VAL A 1 69  ? 15.040  6.216   -0.777  1.00 7.05  ? 130 VAL A N   1 
ATOM   542  C CA  . VAL A 1 69  ? 13.794  6.861   -0.394  1.00 6.26  ? 130 VAL A CA  1 
ATOM   543  C C   . VAL A 1 69  ? 14.043  8.314   -0.005  1.00 6.16  ? 130 VAL A C   1 
ATOM   544  O O   . VAL A 1 69  ? 15.174  8.715   0.295   1.00 6.18  ? 130 VAL A O   1 
ATOM   545  C CB  . VAL A 1 69  ? 13.079  6.124   0.772   1.00 7.22  ? 130 VAL A CB  1 
ATOM   546  C CG1 . VAL A 1 69  ? 12.750  4.678   0.395   1.00 7.63  ? 130 VAL A CG1 1 
ATOM   547  C CG2 . VAL A 1 69  ? 13.921  6.172   2.050   1.00 8.87  ? 130 VAL A CG2 1 
ATOM   548  N N   . SER A 1 70  ? 12.972  9.098   -0.029  1.00 3.91  ? 131 SER A N   1 
ATOM   549  C CA  . SER A 1 70  ? 13.013  10.503  0.371   1.00 4.27  ? 131 SER A CA  1 
ATOM   550  C C   . SER A 1 70  ? 11.589  10.959  0.650   1.00 5.56  ? 131 SER A C   1 
ATOM   551  O O   . SER A 1 70  ? 10.641  10.359  0.153   1.00 5.50  ? 131 SER A O   1 
ATOM   552  C CB  . SER A 1 70  ? 13.630  11.376  -0.730  1.00 5.66  ? 131 SER A CB  1 
ATOM   553  O OG  . SER A 1 70  ? 12.820  11.401  -1.902  1.00 9.42  ? 131 SER A OG  1 
ATOM   554  N N   . ASN A 1 71  ? 11.447  12.003  1.463   1.00 4.87  ? 132 ASN A N   1 
ATOM   555  C CA  . ASN A 1 71  ? 10.168  12.677  1.649   1.00 1.87  ? 132 ASN A CA  1 
ATOM   556  C C   . ASN A 1 71  ? 10.429  14.138  1.967   1.00 4.25  ? 132 ASN A C   1 
ATOM   557  O O   . ASN A 1 71  ? 10.743  14.479  3.109   1.00 6.13  ? 132 ASN A O   1 
ATOM   558  C CB  . ASN A 1 71  ? 9.343   12.023  2.764   1.00 3.29  ? 132 ASN A CB  1 
ATOM   559  C CG  . ASN A 1 71  ? 7.962   12.640  2.897   1.00 4.16  ? 132 ASN A CG  1 
ATOM   560  O OD1 . ASN A 1 71  ? 7.574   13.515  2.107   1.00 6.39  ? 132 ASN A OD1 1 
ATOM   561  N ND2 . ASN A 1 71  ? 7.209   12.189  3.893   1.00 5.88  ? 132 ASN A ND2 1 
ATOM   562  N N   . ASN A 1 72  ? 10.314  14.998  0.958   1.00 5.31  ? 133 ASN A N   1 
ATOM   563  C CA  . ASN A 1 72  ? 10.635  16.411  1.143   1.00 5.01  ? 133 ASN A CA  1 
ATOM   564  C C   . ASN A 1 72  ? 9.507   17.239  1.756   1.00 5.87  ? 133 ASN A C   1 
ATOM   565  O O   . ASN A 1 72  ? 9.661   18.445  1.949   1.00 7.45  ? 133 ASN A O   1 
ATOM   566  C CB  . ASN A 1 72  ? 11.128  17.057  -0.158  1.00 5.76  ? 133 ASN A CB  1 
ATOM   567  C CG  . ASN A 1 72  ? 10.060  17.141  -1.215  1.00 8.23  ? 133 ASN A CG  1 
ATOM   568  O OD1 . ASN A 1 72  ? 8.916   16.744  -1.002  1.00 8.54  ? 133 ASN A OD1 1 
ATOM   569  N ND2 . ASN A 1 72  ? 10.430  17.673  -2.380  1.00 12.43 ? 133 ASN A ND2 1 
ATOM   570  N N   . SER A 1 73  ? 8.378   16.607  2.071   1.00 5.43  ? 134 SER A N   1 
ATOM   571  C CA  . SER A 1 73  ? 7.311   17.331  2.741   1.00 5.64  ? 134 SER A CA  1 
ATOM   572  C C   . SER A 1 73  ? 7.672   17.572  4.197   1.00 7.46  ? 134 SER A C   1 
ATOM   573  O O   . SER A 1 73  ? 8.177   16.683  4.873   1.00 8.83  ? 134 SER A O   1 
ATOM   574  C CB  . SER A 1 73  ? 5.997   16.561  2.678   1.00 5.55  ? 134 SER A CB  1 
ATOM   575  O OG  . SER A 1 73  ? 4.987   17.309  3.333   1.00 6.76  ? 134 SER A OG  1 
ATOM   576  N N   . SER A 1 74  ? 7.393   18.770  4.693   1.00 8.34  ? 135 SER A N   1 
ATOM   577  C CA  . SER A 1 74  ? 7.635   19.041  6.096   1.00 9.69  ? 135 SER A CA  1 
ATOM   578  C C   . SER A 1 74  ? 6.519   18.470  6.969   1.00 9.26  ? 135 SER A C   1 
ATOM   579  O O   . SER A 1 74  ? 6.681   18.352  8.183   1.00 9.64  ? 135 SER A O   1 
ATOM   580  C CB  . SER A 1 74  ? 7.782   20.544  6.340   1.00 13.18 ? 135 SER A CB  1 
ATOM   581  O OG  . SER A 1 74  ? 6.553   21.207  6.137   1.00 17.51 ? 135 SER A OG  1 
ATOM   582  N N   . THR A 1 75  ? 5.389   18.105  6.358   1.00 7.10  ? 136 THR A N   1 
ATOM   583  C CA  . THR A 1 75  ? 4.217   17.738  7.146   1.00 8.47  ? 136 THR A CA  1 
ATOM   584  C C   . THR A 1 75  ? 3.524   16.434  6.758   1.00 7.15  ? 136 THR A C   1 
ATOM   585  O O   . THR A 1 75  ? 2.868   15.815  7.600   1.00 9.26  ? 136 THR A O   1 
ATOM   586  C CB  . THR A 1 75  ? 3.156   18.844  7.092   1.00 10.01 ? 136 THR A CB  1 
ATOM   587  O OG1 . THR A 1 75  ? 2.806   19.095  5.726   1.00 11.64 ? 136 THR A OG1 1 
ATOM   588  C CG2 . THR A 1 75  ? 3.695   20.127  7.724   1.00 11.11 ? 136 THR A CG2 1 
ATOM   589  N N   . LEU A 1 76  ? 3.643   16.032  5.494   1.00 5.95  ? 137 LEU A N   1 
ATOM   590  C CA  . LEU A 1 76  ? 2.917   14.862  4.997   1.00 5.69  ? 137 LEU A CA  1 
ATOM   591  C C   . LEU A 1 76  ? 3.740   13.594  5.094   1.00 6.46  ? 137 LEU A C   1 
ATOM   592  O O   . LEU A 1 76  ? 4.940   13.598  4.823   1.00 7.08  ? 137 LEU A O   1 
ATOM   593  C CB  . LEU A 1 76  ? 2.500   15.058  3.541   1.00 6.10  ? 137 LEU A CB  1 
ATOM   594  C CG  . LEU A 1 76  ? 1.615   16.273  3.261   1.00 7.69  ? 137 LEU A CG  1 
ATOM   595  C CD1 . LEU A 1 76  ? 1.267   16.336  1.791   1.00 9.76  ? 137 LEU A CD1 1 
ATOM   596  C CD2 . LEU A 1 76  ? 0.348   16.240  4.122   1.00 9.90  ? 137 LEU A CD2 1 
ATOM   597  N N   . TRP A 1 77  ? 3.079   12.510  5.471   1.00 5.22  ? 138 TRP A N   1 
ATOM   598  C CA  . TRP A 1 77  ? 3.677   11.186  5.402   1.00 5.89  ? 138 TRP A CA  1 
ATOM   599  C C   . TRP A 1 77  ? 3.674   10.737  3.955   1.00 6.01  ? 138 TRP A C   1 
ATOM   600  O O   . TRP A 1 77  ? 2.945   11.291  3.130   1.00 7.44  ? 138 TRP A O   1 
ATOM   601  C CB  . TRP A 1 77  ? 2.871   10.217  6.260   1.00 9.42  ? 138 TRP A CB  1 
ATOM   602  C CG  . TRP A 1 77  ? 2.820   10.673  7.686   1.00 17.34 ? 138 TRP A CG  1 
ATOM   603  C CD1 . TRP A 1 77  ? 2.067   11.693  8.194   1.00 23.48 ? 138 TRP A CD1 1 
ATOM   604  C CD2 . TRP A 1 77  ? 3.587   10.155  8.781   1.00 18.84 ? 138 TRP A CD2 1 
ATOM   605  N NE1 . TRP A 1 77  ? 2.307   11.832  9.541   1.00 26.80 ? 138 TRP A NE1 1 
ATOM   606  C CE2 . TRP A 1 77  ? 3.236   10.901  9.924   1.00 23.16 ? 138 TRP A CE2 1 
ATOM   607  C CE3 . TRP A 1 77  ? 4.528   9.133   8.905   1.00 16.04 ? 138 TRP A CE3 1 
ATOM   608  C CZ2 . TRP A 1 77  ? 3.791   10.650  11.176  1.00 23.42 ? 138 TRP A CZ2 1 
ATOM   609  C CZ3 . TRP A 1 77  ? 5.079   8.887   10.149  1.00 19.36 ? 138 TRP A CZ3 1 
ATOM   610  C CH2 . TRP A 1 77  ? 4.710   9.643   11.267  1.00 22.03 ? 138 TRP A CH2 1 
ATOM   611  N N   . LYS A 1 78  ? 4.484   9.735   3.642   1.00 4.13  ? 139 LYS A N   1 
ATOM   612  C CA  . LYS A 1 78  ? 4.577   9.254   2.277   1.00 3.96  ? 139 LYS A CA  1 
ATOM   613  C C   . LYS A 1 78  ? 4.639   7.732   2.232   1.00 5.05  ? 139 LYS A C   1 
ATOM   614  O O   . LYS A 1 78  ? 5.524   7.126   2.829   1.00 5.33  ? 139 LYS A O   1 
ATOM   615  C CB  . LYS A 1 78  ? 5.828   9.828   1.623   1.00 6.15  ? 139 LYS A CB  1 
ATOM   616  C CG  . LYS A 1 78  ? 6.024   9.477   0.165   1.00 8.04  ? 139 LYS A CG  1 
ATOM   617  C CD  . LYS A 1 78  ? 7.302   10.147  -0.305  1.00 10.72 ? 139 LYS A CD  1 
ATOM   618  C CE  . LYS A 1 78  ? 7.637   9.862   -1.734  1.00 12.39 ? 139 LYS A CE  1 
ATOM   619  N NZ  . LYS A 1 78  ? 8.767   10.756  -2.141  1.00 11.75 1 139 LYS A NZ  1 
ATOM   620  N N   . PHE A 1 79  ? 3.685   7.123   1.534   1.00 2.56  ? 140 PHE A N   1 
ATOM   621  C CA  . PHE A 1 79  ? 3.770   5.707   1.197   1.00 2.84  ? 140 PHE A CA  1 
ATOM   622  C C   . PHE A 1 79  ? 4.409   5.591   -0.176  1.00 3.91  ? 140 PHE A C   1 
ATOM   623  O O   . PHE A 1 79  ? 4.055   6.333   -1.096  1.00 5.29  ? 140 PHE A O   1 
ATOM   624  C CB  . PHE A 1 79  ? 2.379   5.064   1.131   1.00 3.79  ? 140 PHE A CB  1 
ATOM   625  C CG  . PHE A 1 79  ? 1.656   4.981   2.457   1.00 4.12  ? 140 PHE A CG  1 
ATOM   626  C CD1 . PHE A 1 79  ? 1.809   3.873   3.274   1.00 6.97  ? 140 PHE A CD1 1 
ATOM   627  C CD2 . PHE A 1 79  ? 0.785   5.984   2.852   1.00 4.89  ? 140 PHE A CD2 1 
ATOM   628  C CE1 . PHE A 1 79  ? 1.128   3.777   4.472   1.00 7.70  ? 140 PHE A CE1 1 
ATOM   629  C CE2 . PHE A 1 79  ? 0.102   5.891   4.051   1.00 6.12  ? 140 PHE A CE2 1 
ATOM   630  C CZ  . PHE A 1 79  ? 0.274   4.784   4.861   1.00 6.75  ? 140 PHE A CZ  1 
ATOM   631  N N   . ILE A 1 80  ? 5.340   4.661   -0.318  1.00 2.42  ? 141 ILE A N   1 
ATOM   632  C CA  . ILE A 1 80  ? 5.962   4.403   -1.608  1.00 3.12  ? 141 ILE A CA  1 
ATOM   633  C C   . ILE A 1 80  ? 5.656   2.971   -2.006  1.00 3.36  ? 141 ILE A C   1 
ATOM   634  O O   . ILE A 1 80  ? 5.834   2.043   -1.208  1.00 5.46  ? 141 ILE A O   1 
ATOM   635  C CB  . ILE A 1 80  ? 7.489   4.608   -1.563  1.00 5.47  ? 141 ILE A CB  1 
ATOM   636  C CG1 . ILE A 1 80  ? 7.813   6.018   -1.056  1.00 6.65  ? 141 ILE A CG1 1 
ATOM   637  C CG2 . ILE A 1 80  ? 8.081   4.402   -2.948  1.00 4.00  ? 141 ILE A CG2 1 
ATOM   638  C CD1 . ILE A 1 80  ? 9.307   6.286   -0.878  1.00 8.07  ? 141 ILE A CD1 1 
ATOM   639  N N   . LEU A 1 81  ? 5.181   2.798   -3.237  1.00 2.92  ? 142 LEU A N   1 
ATOM   640  C CA  . LEU A 1 81  ? 4.868   1.475   -3.776  1.00 3.73  ? 142 LEU A CA  1 
ATOM   641  C C   . LEU A 1 81  ? 6.018   0.972   -4.643  1.00 4.84  ? 142 LEU A C   1 
ATOM   642  O O   . LEU A 1 81  ? 6.342   1.558   -5.681  1.00 4.59  ? 142 LEU A O   1 
ATOM   643  C CB  . LEU A 1 81  ? 3.570   1.521   -4.595  1.00 4.26  ? 142 LEU A CB  1 
ATOM   644  C CG  . LEU A 1 81  ? 3.072   0.186   -5.158  1.00 4.49  ? 142 LEU A CG  1 
ATOM   645  C CD1 . LEU A 1 81  ? 2.548   -0.709  -4.021  1.00 4.07  ? 142 LEU A CD1 1 
ATOM   646  C CD2 . LEU A 1 81  ? 1.999   0.397   -6.212  1.00 7.33  ? 142 LEU A CD2 1 
ATOM   647  N N   . PHE A 1 82  ? 6.639   -0.109  -4.188  1.00 3.69  ? 143 PHE A N   1 
ATOM   648  C CA  . PHE A 1 82  ? 7.752   -0.755  -4.889  1.00 3.30  ? 143 PHE A CA  1 
ATOM   649  C C   . PHE A 1 82  ? 7.293   -2.077  -5.497  1.00 4.30  ? 143 PHE A C   1 
ATOM   650  O O   . PHE A 1 82  ? 6.452   -2.772  -4.920  1.00 5.36  ? 143 PHE A O   1 
ATOM   651  C CB  . PHE A 1 82  ? 8.896   -1.049  -3.912  1.00 5.54  ? 143 PHE A CB  1 
ATOM   652  C CG  . PHE A 1 82  ? 9.664   0.170   -3.473  1.00 4.72  ? 143 PHE A CG  1 
ATOM   653  C CD1 . PHE A 1 82  ? 10.645  0.722   -4.288  1.00 5.47  ? 143 PHE A CD1 1 
ATOM   654  C CD2 . PHE A 1 82  ? 9.428   0.745   -2.233  1.00 7.84  ? 143 PHE A CD2 1 
ATOM   655  C CE1 . PHE A 1 82  ? 11.368  1.842   -3.876  1.00 6.67  ? 143 PHE A CE1 1 
ATOM   656  C CE2 . PHE A 1 82  ? 10.151  1.860   -1.813  1.00 7.23  ? 143 PHE A CE2 1 
ATOM   657  C CZ  . PHE A 1 82  ? 11.113  2.409   -2.636  1.00 6.46  ? 143 PHE A CZ  1 
ATOM   658  N N   . ILE A 1 83  ? 7.840   -2.428  -6.660  1.00 3.20  ? 144 ILE A N   1 
ATOM   659  C CA  . ILE A 1 83  ? 7.519   -3.706  -7.290  1.00 3.86  ? 144 ILE A CA  1 
ATOM   660  C C   . ILE A 1 83  ? 8.761   -4.359  -7.892  1.00 5.04  ? 144 ILE A C   1 
ATOM   661  O O   . ILE A 1 83  ? 9.575   -3.691  -8.525  1.00 4.37  ? 144 ILE A O   1 
ATOM   662  C CB  . ILE A 1 83  ? 6.463   -3.551  -8.414  1.00 5.66  ? 144 ILE A CB  1 
ATOM   663  C CG1 . ILE A 1 83  ? 5.280   -2.684  -7.961  1.00 5.52  ? 144 ILE A CG1 1 
ATOM   664  C CG2 . ILE A 1 83  ? 5.977   -4.923  -8.882  1.00 6.02  ? 144 ILE A CG2 1 
ATOM   665  C CD1 . ILE A 1 83  ? 4.323   -2.291  -9.089  1.00 5.87  ? 144 ILE A CD1 1 
ATOM   666  N N   . LYS A 1 84  ? 8.898   -5.665  -7.694  1.00 5.55  ? 145 LYS A N   1 
ATOM   667  C CA  . LYS A 1 84  ? 9.885   -6.426  -8.452  1.00 5.32  ? 145 LYS A CA  1 
ATOM   668  C C   . LYS A 1 84  ? 9.160   -7.396  -9.373  1.00 5.79  ? 145 LYS A C   1 
ATOM   669  O O   . LYS A 1 84  ? 8.041   -7.842  -9.078  1.00 4.50  ? 145 LYS A O   1 
ATOM   670  C CB  . LYS A 1 84  ? 10.890  -7.145  -7.543  1.00 7.97  ? 145 LYS A CB  1 
ATOM   671  C CG  . LYS A 1 84  ? 10.364  -8.359  -6.831  1.00 8.88  ? 145 LYS A CG  1 
ATOM   672  C CD  . LYS A 1 84  ? 11.496  -9.107  -6.125  1.00 8.99  ? 145 LYS A CD  1 
ATOM   673  C CE  . LYS A 1 84  ? 10.912  -10.211 -5.260  1.00 6.87  ? 145 LYS A CE  1 
ATOM   674  N NZ  . LYS A 1 84  ? 11.948  -10.980 -4.524  1.00 7.04  1 145 LYS A NZ  1 
ATOM   675  N N   . LEU A 1 85  ? 9.796   -7.696  -10.501 1.00 4.86  ? 146 LEU A N   1 
ATOM   676  C CA  . LEU A 1 85  ? 9.139   -8.378  -11.613 1.00 3.88  ? 146 LEU A CA  1 
ATOM   677  C C   . LEU A 1 85  ? 9.561   -9.832  -11.782 1.00 5.41  ? 146 LEU A C   1 
ATOM   678  O O   . LEU A 1 85  ? 9.047   -10.537 -12.649 1.00 6.34  ? 146 LEU A O   1 
ATOM   679  C CB  . LEU A 1 85  ? 9.438   -7.633  -12.913 1.00 4.50  ? 146 LEU A CB  1 
ATOM   680  C CG  . LEU A 1 85  ? 9.136   -6.134  -12.904 1.00 6.54  ? 146 LEU A CG  1 
ATOM   681  C CD1 . LEU A 1 85  ? 9.570   -5.513  -14.227 1.00 8.58  ? 146 LEU A CD1 1 
ATOM   682  C CD2 . LEU A 1 85  ? 7.669   -5.858  -12.612 1.00 9.20  ? 146 LEU A CD2 1 
ATOM   683  N N   . GLU A 1 86  ? 10.521  -10.265 -10.980 1.00 7.46  ? 147 GLU A N   1 
ATOM   684  C CA  . GLU A 1 86  ? 10.946  -11.653 -10.998 1.00 9.78  ? 147 GLU A CA  1 
ATOM   685  C C   . GLU A 1 86  ? 11.517  -11.970 -9.629  1.00 8.58  ? 147 GLU A C   1 
ATOM   686  O O   . GLU A 1 86  ? 11.971  -11.070 -8.924  1.00 9.36  ? 147 GLU A O   1 
ATOM   687  C CB  . GLU A 1 86  ? 11.955  -11.906 -12.124 1.00 12.65 ? 147 GLU A CB  1 
ATOM   688  C CG  . GLU A 1 86  ? 13.135  -10.971 -12.139 1.00 14.26 ? 147 GLU A CG  1 
ATOM   689  C CD  . GLU A 1 86  ? 14.429  -11.663 -11.766 1.00 17.62 ? 147 GLU A CD  1 
ATOM   690  O OE1 . GLU A 1 86  ? 14.368  -12.821 -11.302 1.00 19.55 ? 147 GLU A OE1 1 
ATOM   691  O OE2 . GLU A 1 86  ? 15.505  -11.052 -11.939 1.00 16.59 1 147 GLU A OE2 1 
ATOM   692  N N   . LYS A 1 87  ? 11.483  -13.244 -9.258  1.00 7.18  ? 148 LYS A N   1 
ATOM   693  C CA  . LYS A 1 87  ? 11.788  -13.659 -7.897  1.00 6.27  ? 148 LYS A CA  1 
ATOM   694  C C   . LYS A 1 87  ? 13.133  -13.130 -7.406  1.00 6.42  ? 148 LYS A C   1 
ATOM   695  O O   . LYS A 1 87  ? 13.266  -12.720 -6.252  1.00 8.63  ? 148 LYS A O   1 
ATOM   696  C CB  . LYS A 1 87  ? 11.760  -15.182 -7.797  1.00 7.72  ? 148 LYS A CB  1 
ATOM   697  C CG  . LYS A 1 87  ? 12.055  -15.714 -6.410  1.00 8.16  ? 148 LYS A CG  1 
ATOM   698  C CD  . LYS A 1 87  ? 10.980  -15.315 -5.415  1.00 11.89 ? 148 LYS A CD  1 
ATOM   699  C CE  . LYS A 1 87  ? 11.194  -15.998 -4.073  1.00 11.57 ? 148 LYS A CE  1 
ATOM   700  N NZ  . LYS A 1 87  ? 10.103  -15.668 -3.107  1.00 10.88 1 148 LYS A NZ  1 
ATOM   701  N N   . ASN A 1 88  ? 14.118  -13.132 -8.297  1.00 8.00  ? 149 ASN A N   1 
ATOM   702  C CA  . ASN A 1 88  ? 15.484  -12.795 -7.926  1.00 9.37  ? 149 ASN A CA  1 
ATOM   703  C C   . ASN A 1 88  ? 15.858  -11.375 -8.327  1.00 10.92 ? 149 ASN A C   1 
ATOM   704  O O   . ASN A 1 88  ? 17.025  -10.995 -8.274  1.00 12.10 ? 149 ASN A O   1 
ATOM   705  C CB  . ASN A 1 88  ? 16.445  -13.812 -8.550  1.00 12.18 ? 149 ASN A CB  1 
ATOM   706  C CG  . ASN A 1 88  ? 16.131  -15.238 -8.120  1.00 13.15 ? 149 ASN A CG  1 
ATOM   707  O OD1 . ASN A 1 88  ? 15.806  -15.483 -6.962  1.00 13.12 ? 149 ASN A OD1 1 
ATOM   708  N ND2 . ASN A 1 88  ? 16.211  -16.177 -9.055  1.00 15.81 ? 149 ASN A ND2 1 
ATOM   709  N N   . GLY A 1 89  ? 14.855  -10.592 -8.718  1.00 8.89  ? 150 GLY A N   1 
ATOM   710  C CA  . GLY A 1 89  ? 15.089  -9.251  -9.220  1.00 9.11  ? 150 GLY A CA  1 
ATOM   711  C C   . GLY A 1 89  ? 15.105  -8.171  -8.158  1.00 7.62  ? 150 GLY A C   1 
ATOM   712  O O   . GLY A 1 89  ? 14.897  -8.440  -6.974  1.00 9.86  ? 150 GLY A O   1 
ATOM   713  N N   . ALA A 1 90  ? 15.360  -6.940  -8.594  1.00 5.66  ? 151 ALA A N   1 
ATOM   714  C CA  . ALA A 1 90  ? 15.373  -5.791  -7.699  1.00 5.86  ? 151 ALA A CA  1 
ATOM   715  C C   . ALA A 1 90  ? 14.050  -5.045  -7.792  1.00 4.64  ? 151 ALA A C   1 
ATOM   716  O O   . ALA A 1 90  ? 13.360  -5.103  -8.813  1.00 5.53  ? 151 ALA A O   1 
ATOM   717  C CB  . ALA A 1 90  ? 16.527  -4.862  -8.046  1.00 6.93  ? 151 ALA A CB  1 
ATOM   718  N N   . TYR A 1 91  ? 13.703  -4.343  -6.717  1.00 4.40  ? 152 TYR A N   1 
ATOM   719  C CA  . TYR A 1 91  ? 12.495  -3.520  -6.701  1.00 5.45  ? 152 TYR A CA  1 
ATOM   720  C C   . TYR A 1 91  ? 12.728  -2.167  -7.364  1.00 5.85  ? 152 TYR A C   1 
ATOM   721  O O   . TYR A 1 91  ? 13.784  -1.545  -7.184  1.00 7.69  ? 152 TYR A O   1 
ATOM   722  C CB  . TYR A 1 91  ? 12.024  -3.295  -5.258  1.00 5.15  ? 152 TYR A CB  1 
ATOM   723  C CG  . TYR A 1 91  ? 11.448  -4.526  -4.585  1.00 6.65  ? 152 TYR A CG  1 
ATOM   724  C CD1 . TYR A 1 91  ? 10.076  -4.722  -4.512  1.00 5.17  ? 152 TYR A CD1 1 
ATOM   725  C CD2 . TYR A 1 91  ? 12.278  -5.481  -4.016  1.00 5.50  ? 152 TYR A CD2 1 
ATOM   726  C CE1 . TYR A 1 91  ? 9.539   -5.833  -3.889  1.00 4.78  ? 152 TYR A CE1 1 
ATOM   727  C CE2 . TYR A 1 91  ? 11.754  -6.603  -3.396  1.00 4.79  ? 152 TYR A CE2 1 
ATOM   728  C CZ  . TYR A 1 91  ? 10.388  -6.775  -3.337  1.00 6.71  ? 152 TYR A CZ  1 
ATOM   729  O OH  . TYR A 1 91  ? 9.873   -7.892  -2.719  1.00 7.89  ? 152 TYR A OH  1 
ATOM   730  N N   . SER A 1 92  ? 11.736  -1.730  -8.138  1.00 3.07  ? 153 SER A N   1 
ATOM   731  C CA  . SER A 1 92  ? 11.688  -0.368  -8.661  1.00 4.43  ? 153 SER A CA  1 
ATOM   732  C C   . SER A 1 92  ? 10.500  0.363   -8.039  1.00 4.19  ? 153 SER A C   1 
ATOM   733  O O   . SER A 1 92  ? 9.566   -0.270  -7.535  1.00 5.14  ? 153 SER A O   1 
ATOM   734  C CB  . SER A 1 92  ? 11.550  -0.369  -10.186 1.00 5.07  ? 153 SER A CB  1 
ATOM   735  O OG  . SER A 1 92  ? 12.755  -0.756  -10.829 1.00 6.31  ? 153 SER A OG  1 
ATOM   736  N N   . GLN A 1 93  ? 10.542  1.693   -8.066  1.00 3.93  ? 154 GLN A N   1 
ATOM   737  C CA  . GLN A 1 93  ? 9.457   2.518   -7.543  1.00 3.63  ? 154 GLN A CA  1 
ATOM   738  C C   . GLN A 1 93  ? 8.426   2.819   -8.627  1.00 5.18  ? 154 GLN A C   1 
ATOM   739  O O   . GLN A 1 93  ? 8.783   3.192   -9.752  1.00 4.77  ? 154 GLN A O   1 
ATOM   740  C CB  . GLN A 1 93  ? 10.013  3.825   -6.977  1.00 3.94  ? 154 GLN A CB  1 
ATOM   741  C CG  . GLN A 1 93  ? 8.936   4.770   -6.466  1.00 3.67  ? 154 GLN A CG  1 
ATOM   742  C CD  . GLN A 1 93  ? 9.516   6.033   -5.862  1.00 6.06  ? 154 GLN A CD  1 
ATOM   743  O OE1 . GLN A 1 93  ? 10.631  6.025   -5.352  1.00 9.20  ? 154 GLN A OE1 1 
ATOM   744  N NE2 . GLN A 1 93  ? 8.761   7.121   -5.913  1.00 8.41  ? 154 GLN A NE2 1 
ATOM   745  N N   . TYR A 1 94  ? 7.146   2.671   -8.292  1.00 4.26  ? 155 TYR A N   1 
ATOM   746  C CA  . TYR A 1 94  ? 6.085   2.861   -9.279  1.00 5.21  ? 155 TYR A CA  1 
ATOM   747  C C   . TYR A 1 94  ? 5.041   3.922   -8.931  1.00 5.41  ? 155 TYR A C   1 
ATOM   748  O O   . TYR A 1 94  ? 4.456   4.537   -9.825  1.00 6.33  ? 155 TYR A O   1 
ATOM   749  C CB  . TYR A 1 94  ? 5.398   1.517   -9.579  1.00 4.38  ? 155 TYR A CB  1 
ATOM   750  C CG  . TYR A 1 94  ? 6.283   0.613   -10.396 1.00 2.83  ? 155 TYR A CG  1 
ATOM   751  C CD1 . TYR A 1 94  ? 6.257   0.662   -11.785 1.00 4.17  ? 155 TYR A CD1 1 
ATOM   752  C CD2 . TYR A 1 94  ? 7.171   -0.265  -9.784  1.00 3.18  ? 155 TYR A CD2 1 
ATOM   753  C CE1 . TYR A 1 94  ? 7.082   -0.145  -12.544 1.00 4.33  ? 155 TYR A CE1 1 
ATOM   754  C CE2 . TYR A 1 94  ? 7.996   -1.078  -10.532 1.00 4.94  ? 155 TYR A CE2 1 
ATOM   755  C CZ  . TYR A 1 94  ? 7.945   -1.018  -11.916 1.00 5.18  ? 155 TYR A CZ  1 
ATOM   756  O OH  . TYR A 1 94  ? 8.759   -1.817  -12.682 1.00 6.65  ? 155 TYR A OH  1 
ATOM   757  N N   . SER A 1 95  ? 4.794   4.135   -7.641  1.00 3.02  ? 156 SER A N   1 
ATOM   758  C CA  . SER A 1 95  ? 3.777   5.093   -7.229  1.00 3.38  ? 156 SER A CA  1 
ATOM   759  C C   . SER A 1 95  ? 4.037   5.582   -5.810  1.00 5.41  ? 156 SER A C   1 
ATOM   760  O O   . SER A 1 95  ? 4.838   4.991   -5.074  1.00 6.44  ? 156 SER A O   1 
ATOM   761  C CB  . SER A 1 95  ? 2.385   4.448   -7.336  1.00 4.95  ? 156 SER A CB  1 
ATOM   762  O OG  . SER A 1 95  ? 1.365   5.412   -7.135  1.00 5.66  ? 156 SER A OG  1 
ATOM   763  N N   . THR A 1 96  ? 3.376   6.674   -5.435  1.00 5.81  ? 157 THR A N   1 
ATOM   764  C CA  . THR A 1 96  ? 3.482   7.206   -4.085  1.00 6.38  ? 157 THR A CA  1 
ATOM   765  C C   . THR A 1 96  ? 2.161   7.803   -3.653  1.00 7.31  ? 157 THR A C   1 
ATOM   766  O O   . THR A 1 96  ? 1.329   8.172   -4.486  1.00 8.87  ? 157 THR A O   1 
ATOM   767  C CB  . THR A 1 96  ? 4.540   8.332   -3.962  1.00 7.07  ? 157 THR A CB  1 
ATOM   768  O OG1 . THR A 1 96  ? 4.116   9.478   -4.713  1.00 8.45  ? 157 THR A OG1 1 
ATOM   769  C CG2 . THR A 1 96  ? 5.899   7.871   -4.466  1.00 7.52  ? 157 THR A CG2 1 
ATOM   770  N N   . LEU A 1 97  ? 1.985   7.909   -2.341  1.00 3.98  ? 158 LEU A N   1 
ATOM   771  C CA  . LEU A 1 97  ? 0.825   8.582   -1.765  1.00 4.39  ? 158 LEU A CA  1 
ATOM   772  C C   . LEU A 1 97  ? 1.332   9.474   -0.646  1.00 4.87  ? 158 LEU A C   1 
ATOM   773  O O   . LEU A 1 97  ? 1.880   8.988   0.339   1.00 6.45  ? 158 LEU A O   1 
ATOM   774  C CB  . LEU A 1 97  ? -0.166  7.567   -1.198  1.00 3.70  ? 158 LEU A CB  1 
ATOM   775  C CG  . LEU A 1 97  ? -1.348  8.106   -0.384  1.00 4.70  ? 158 LEU A CG  1 
ATOM   776  C CD1 . LEU A 1 97  ? -2.282  8.934   -1.247  1.00 5.38  ? 158 LEU A CD1 1 
ATOM   777  C CD2 . LEU A 1 97  ? -2.113  6.943   0.259   1.00 6.99  ? 158 LEU A CD2 1 
ATOM   778  N N   . SER A 1 98  ? 1.177   10.783  -0.821  1.00 3.41  ? 159 SER A N   1 
ATOM   779  C CA  . SER A 1 98  ? 1.564   11.750  0.205   1.00 3.93  ? 159 SER A CA  1 
ATOM   780  C C   . SER A 1 98  ? 0.303   12.137  0.961   1.00 4.91  ? 159 SER A C   1 
ATOM   781  O O   . SER A 1 98  ? -0.701  12.512  0.354   1.00 6.24  ? 159 SER A O   1 
ATOM   782  C CB  . SER A 1 98  ? 2.245   12.969  -0.423  1.00 5.95  ? 159 SER A CB  1 
ATOM   783  O OG  . SER A 1 98  ? 3.490   12.612  -1.023  1.00 8.01  ? 159 SER A OG  1 
ATOM   784  N N   . THR A 1 99  ? 0.344   12.032  2.285   1.00 4.03  ? 160 THR A N   1 
ATOM   785  C CA  . THR A 1 99  ? -0.893  12.040  3.052   1.00 5.72  ? 160 THR A CA  1 
ATOM   786  C C   . THR A 1 99  ? -0.737  12.567  4.469   1.00 6.22  ? 160 THR A C   1 
ATOM   787  O O   . THR A 1 99  ? 0.279   12.347  5.121   1.00 7.42  ? 160 THR A O   1 
ATOM   788  C CB  . THR A 1 99  ? -1.518  10.620  3.094   1.00 6.61  ? 160 THR A CB  1 
ATOM   789  O OG1 . THR A 1 99  ? -2.633  10.610  3.993   1.00 7.13  ? 160 THR A OG1 1 
ATOM   790  C CG2 . THR A 1 99  ? -0.490  9.578   3.546   1.00 8.85  ? 160 THR A CG2 1 
ATOM   791  N N   . SER A 1 100 ? -1.771  13.254  4.946   1.00 6.83  ? 161 SER A N   1 
ATOM   792  C CA  . SER A 1 100 ? -1.795  13.727  6.318   1.00 7.79  ? 161 SER A CA  1 
ATOM   793  C C   . SER A 1 100 ? -2.469  12.696  7.218   1.00 9.97  ? 161 SER A C   1 
ATOM   794  O O   . SER A 1 100 ? -2.531  12.871  8.436   1.00 11.79 ? 161 SER A O   1 
ATOM   795  C CB  . SER A 1 100 ? -2.555  15.055  6.399   1.00 10.04 ? 161 SER A CB  1 
ATOM   796  O OG  . SER A 1 100 ? -3.894  14.892  5.967   1.00 13.54 ? 161 SER A OG  1 
ATOM   797  N N   . ASN A 1 101 ? -2.959  11.619  6.610   1.00 9.72  ? 162 ASN A N   1 
ATOM   798  C CA  . ASN A 1 101 ? -3.839  10.673  7.291   1.00 12.33 ? 162 ASN A CA  1 
ATOM   799  C C   . ASN A 1 101 ? -3.214  9.315   7.588   1.00 12.09 ? 162 ASN A C   1 
ATOM   800  O O   . ASN A 1 101 ? -3.760  8.553   8.390   1.00 13.38 ? 162 ASN A O   1 
ATOM   801  C CB  . ASN A 1 101 ? -5.125  10.474  6.483   1.00 13.73 ? 162 ASN A CB  1 
ATOM   802  C CG  . ASN A 1 101 ? -5.810  11.781  6.147   1.00 15.84 ? 162 ASN A CG  1 
ATOM   803  O OD1 . ASN A 1 101 ? -5.980  12.126  4.970   1.00 18.88 ? 162 ASN A OD1 1 
ATOM   804  N ND2 . ASN A 1 101 ? -6.205  12.523  7.175   1.00 16.05 ? 162 ASN A ND2 1 
ATOM   805  N N   . LYS A 1 102 ? -2.102  8.995   6.924   1.00 9.94  ? 163 LYS A N   1 
ATOM   806  C CA  . LYS A 1 102 ? -1.363  7.764   7.204   1.00 14.09 ? 163 LYS A CA  1 
ATOM   807  C C   . LYS A 1 102 ? -2.158  6.477   6.901   1.00 10.76 ? 163 LYS A C   1 
ATOM   808  O O   . LYS A 1 102 ? -1.987  5.451   7.553   1.00 11.79 ? 163 LYS A O   1 
ATOM   809  C CB  . LYS A 1 102 ? -0.863  7.777   8.651   1.00 18.86 ? 163 LYS A CB  1 
ATOM   810  C CG  . LYS A 1 102 ? 0.295   6.834   8.930   1.00 22.72 ? 163 LYS A CG  1 
ATOM   811  C CD  . LYS A 1 102 ? 1.256   7.417   9.956   1.00 24.77 ? 163 LYS A CD  1 
ATOM   812  C CE  . LYS A 1 102 ? 0.658   7.463   11.346  1.00 27.76 ? 163 LYS A CE  1 
ATOM   813  N NZ  . LYS A 1 102 ? 1.551   8.202   12.279  1.00 26.92 1 163 LYS A NZ  1 
ATOM   814  N N   . LEU A 1 103 ? -3.033  6.547   5.906   1.00 7.90  ? 164 LEU A N   1 
ATOM   815  C CA  . LEU A 1 103 ? -3.796  5.384   5.463   1.00 7.66  ? 164 LEU A CA  1 
ATOM   816  C C   . LEU A 1 103 ? -3.478  5.159   3.997   1.00 4.80  ? 164 LEU A C   1 
ATOM   817  O O   . LEU A 1 103 ? -3.333  6.117   3.240   1.00 6.63  ? 164 LEU A O   1 
ATOM   818  C CB  . LEU A 1 103 ? -5.299  5.637   5.618   1.00 5.55  ? 164 LEU A CB  1 
ATOM   819  C CG  . LEU A 1 103 ? -5.813  5.976   7.022   1.00 5.59  ? 164 LEU A CG  1 
ATOM   820  C CD1 . LEU A 1 103 ? -7.231  6.541   6.966   1.00 7.46  ? 164 LEU A CD1 1 
ATOM   821  C CD2 . LEU A 1 103 ? -5.738  4.768   7.937   1.00 6.33  ? 164 LEU A CD2 1 
ATOM   822  N N   . CYS A 1 104 ? -3.346  3.899   3.597   1.00 3.43  ? 165 CYS A N   1 
ATOM   823  C CA  . CYS A 1 104 ? -3.200  3.575   2.182   1.00 4.97  ? 165 CYS A CA  1 
ATOM   824  C C   . CYS A 1 104 ? -4.199  2.480   1.849   1.00 4.98  ? 165 CYS A C   1 
ATOM   825  O O   . CYS A 1 104 ? -4.792  1.887   2.748   1.00 6.45  ? 165 CYS A O   1 
ATOM   826  C CB  . CYS A 1 104 ? -1.764  3.139   1.858   1.00 6.10  ? 165 CYS A CB  1 
ATOM   827  S SG  . CYS A 1 104 ? -1.205  1.604   2.631   1.00 7.67  ? 165 CYS A SG  1 
ATOM   828  N N   . ALA A 1 105 ? -4.423  2.230   0.566   1.00 4.39  ? 166 ALA A N   1 
ATOM   829  C CA  . ALA A 1 105 ? -5.397  1.214   0.205   1.00 5.70  ? 166 ALA A CA  1 
ATOM   830  C C   . ALA A 1 105 ? -5.120  0.616   -1.154  1.00 3.80  ? 166 ALA A C   1 
ATOM   831  O O   . ALA A 1 105 ? -4.707  1.312   -2.082  1.00 5.73  ? 166 ALA A O   1 
ATOM   832  C CB  . ALA A 1 105 ? -6.811  1.793   0.248   1.00 5.84  ? 166 ALA A CB  1 
ATOM   833  N N   . TRP A 1 106 ? -5.356  -0.687  -1.263  1.00 3.41  ? 167 TRP A N   1 
ATOM   834  C CA  . TRP A 1 106 ? -5.327  -1.344  -2.564  1.00 3.88  ? 167 TRP A CA  1 
ATOM   835  C C   . TRP A 1 106 ? -6.469  -2.336  -2.720  1.00 4.57  ? 167 TRP A C   1 
ATOM   836  O O   . TRP A 1 106 ? -7.075  -2.764  -1.733  1.00 5.80  ? 167 TRP A O   1 
ATOM   837  C CB  . TRP A 1 106 ? -3.954  -1.978  -2.867  1.00 5.01  ? 167 TRP A CB  1 
ATOM   838  C CG  . TRP A 1 106 ? -3.408  -2.961  -1.854  1.00 5.50  ? 167 TRP A CG  1 
ATOM   839  C CD1 . TRP A 1 106 ? -4.112  -3.842  -1.078  1.00 6.02  ? 167 TRP A CD1 1 
ATOM   840  C CD2 . TRP A 1 106 ? -2.028  -3.167  -1.541  1.00 6.12  ? 167 TRP A CD2 1 
ATOM   841  N NE1 . TRP A 1 106 ? -3.245  -4.579  -0.293  1.00 6.24  ? 167 TRP A NE1 1 
ATOM   842  C CE2 . TRP A 1 106 ? -1.963  -4.177  -0.556  1.00 5.19  ? 167 TRP A CE2 1 
ATOM   843  C CE3 . TRP A 1 106 ? -0.837  -2.583  -1.989  1.00 6.32  ? 167 TRP A CE3 1 
ATOM   844  C CZ2 . TRP A 1 106 ? -0.747  -4.619  -0.018  1.00 7.27  ? 167 TRP A CZ2 1 
ATOM   845  C CZ3 . TRP A 1 106 ? 0.361   -3.019  -1.454  1.00 7.93  ? 167 TRP A CZ3 1 
ATOM   846  C CH2 . TRP A 1 106 ? 0.398   -4.027  -0.481  1.00 7.64  ? 167 TRP A CH2 1 
ATOM   847  N N   . MET A 1 107 ? -6.782  -2.662  -3.972  1.00 3.20  ? 168 MET A N   1 
ATOM   848  C CA  . MET A 1 107 ? -7.849  -3.606  -4.280  1.00 3.07  ? 168 MET A CA  1 
ATOM   849  C C   . MET A 1 107 ? -7.420  -4.536  -5.405  1.00 4.20  ? 168 MET A C   1 
ATOM   850  O O   . MET A 1 107 ? -6.803  -4.100  -6.382  1.00 5.10  ? 168 MET A O   1 
ATOM   851  C CB  . MET A 1 107 ? -9.133  -2.876  -4.697  1.00 4.46  ? 168 MET A CB  1 
ATOM   852  C CG  . MET A 1 107 ? -10.228 -3.825  -5.200  1.00 4.74  ? 168 MET A CG  1 
ATOM   853  S SD  . MET A 1 107 ? -11.671 -2.999  -5.896  1.00 7.24  ? 168 MET A SD  1 
ATOM   854  C CE  . MET A 1 107 ? -12.377 -2.231  -4.446  1.00 7.54  ? 168 MET A CE  1 
ATOM   855  N N   . LYS A 1 108 ? -7.755  -5.815  -5.271  1.00 3.48  ? 169 LYS A N   1 
ATOM   856  C CA  . LYS A 1 108 ? -7.624  -6.764  -6.371  1.00 4.13  ? 169 LYS A CA  1 
ATOM   857  C C   . LYS A 1 108 ? -8.897  -6.751  -7.210  1.00 5.73  ? 169 LYS A C   1 
ATOM   858  O O   . LYS A 1 108 ? -9.970  -7.103  -6.721  1.00 5.20  ? 169 LYS A O   1 
ATOM   859  C CB  . LYS A 1 108 ? -7.361  -8.177  -5.842  1.00 4.99  ? 169 LYS A CB  1 
ATOM   860  C CG  . LYS A 1 108 ? -5.994  -8.350  -5.201  1.00 5.12  ? 169 LYS A CG  1 
ATOM   861  C CD  . LYS A 1 108 ? -5.948  -9.553  -4.256  1.00 4.74  ? 169 LYS A CD  1 
ATOM   862  C CE  . LYS A 1 108 ? -6.298  -10.854 -4.962  1.00 4.16  ? 169 LYS A CE  1 
ATOM   863  N NZ  . LYS A 1 108 ? -6.210  -12.021 -4.023  1.00 6.44  1 169 LYS A NZ  1 
ATOM   864  N N   . ARG A 1 109 ? -8.785  -6.310  -8.459  1.00 5.73  ? 170 ARG A N   1 
ATOM   865  C CA  . ARG A 1 109 ? -9.895  -6.447  -9.399  1.00 5.00  ? 170 ARG A CA  1 
ATOM   866  C C   . ARG A 1 109 ? -9.416  -6.364  -10.838 1.00 5.95  ? 170 ARG A C   1 
ATOM   867  O O   . ARG A 1 109 ? -8.417  -5.703  -11.138 1.00 7.01  ? 170 ARG A O   1 
ATOM   868  C CB  . ARG A 1 109 ? -10.987 -5.408  -9.137  1.00 7.79  ? 170 ARG A CB  1 
ATOM   869  C CG  . ARG A 1 109 ? -10.687 -4.021  -9.666  1.00 8.57  ? 170 ARG A CG  1 
ATOM   870  C CD  . ARG A 1 109 ? -11.951 -3.160  -9.713  1.00 10.62 ? 170 ARG A CD  1 
ATOM   871  N NE  . ARG A 1 109 ? -11.709 -1.910  -10.426 1.00 10.66 ? 170 ARG A NE  1 
ATOM   872  C CZ  . ARG A 1 109 ? -11.283 -0.784  -9.857  1.00 10.96 ? 170 ARG A CZ  1 
ATOM   873  N NH1 . ARG A 1 109 ? -11.065 -0.731  -8.545  1.00 10.52 1 170 ARG A NH1 1 
ATOM   874  N NH2 . ARG A 1 109 ? -11.087 0.297   -10.603 1.00 13.30 ? 170 ARG A NH2 1 
ATOM   875  N N   . GLU A 1 110 ? -10.142 -7.040  -11.722 1.00 6.10  ? 171 GLU A N   1 
ATOM   876  C CA  . GLU A 1 110 ? -9.843  -7.027  -13.151 1.00 7.47  ? 171 GLU A CA  1 
ATOM   877  C C   . GLU A 1 110 ? -8.425  -7.491  -13.474 1.00 7.18  ? 171 GLU A C   1 
ATOM   878  O O   . GLU A 1 110 ? -7.818  -7.018  -14.434 1.00 6.64  ? 171 GLU A O   1 
ATOM   879  C CB  . GLU A 1 110 ? -10.113 -5.638  -13.745 1.00 10.58 ? 171 GLU A CB  1 
ATOM   880  C CG  . GLU A 1 110 ? -11.577 -5.224  -13.660 1.00 13.42 ? 171 GLU A CG  1 
ATOM   881  C CD  . GLU A 1 110 ? -11.823 -3.805  -14.145 1.00 15.32 ? 171 GLU A CD  1 
ATOM   882  O OE1 . GLU A 1 110 ? -11.469 -3.500  -15.305 1.00 16.35 ? 171 GLU A OE1 1 
ATOM   883  O OE2 . GLU A 1 110 ? -12.369 -2.993  -13.361 1.00 17.98 1 171 GLU A OE2 1 
ATOM   884  N N   . GLY A 1 111 ? -7.912  -8.422  -12.672 1.00 6.71  ? 172 GLY A N   1 
ATOM   885  C CA  . GLY A 1 111 ? -6.571  -8.950  -12.861 1.00 6.00  ? 172 GLY A CA  1 
ATOM   886  C C   . GLY A 1 111 ? -5.489  -7.980  -12.428 1.00 5.99  ? 172 GLY A C   1 
ATOM   887  O O   . GLY A 1 111 ? -4.308  -8.210  -12.684 1.00 5.59  ? 172 GLY A O   1 
ATOM   888  N N   . ARG A 1 112 ? -5.899  -6.911  -11.750 1.00 4.26  ? 173 ARG A N   1 
ATOM   889  C CA  . ARG A 1 112 ? -4.997  -5.828  -11.360 1.00 5.44  ? 173 ARG A CA  1 
ATOM   890  C C   . ARG A 1 112 ? -5.012  -5.626  -9.851  1.00 4.82  ? 173 ARG A C   1 
ATOM   891  O O   . ARG A 1 112 ? -5.899  -6.124  -9.153  1.00 5.68  ? 173 ARG A O   1 
ATOM   892  C CB  . ARG A 1 112 ? -5.413  -4.519  -12.042 1.00 5.57  ? 173 ARG A CB  1 
ATOM   893  C CG  . ARG A 1 112 ? -5.338  -4.578  -13.561 1.00 6.23  ? 173 ARG A CG  1 
ATOM   894  C CD  . ARG A 1 112 ? -6.141  -3.455  -14.207 1.00 6.89  ? 173 ARG A CD  1 
ATOM   895  N NE  . ARG A 1 112 ? -5.986  -3.478  -15.660 1.00 8.80  ? 173 ARG A NE  1 
ATOM   896  C CZ  . ARG A 1 112 ? -6.628  -2.669  -16.498 1.00 10.26 ? 173 ARG A CZ  1 
ATOM   897  N NH1 . ARG A 1 112 ? -7.479  -1.765  -16.040 1.00 10.36 1 173 ARG A NH1 1 
ATOM   898  N NH2 . ARG A 1 112 ? -6.419  -2.773  -17.804 1.00 11.86 ? 173 ARG A NH2 1 
ATOM   899  N N   . VAL A 1 113 ? -4.008  -4.909  -9.358  1.00 3.78  ? 174 VAL A N   1 
ATOM   900  C CA  . VAL A 1 113 ? -4.048  -4.323  -8.022  1.00 3.60  ? 174 VAL A CA  1 
ATOM   901  C C   . VAL A 1 113 ? -4.104  -2.805  -8.192  1.00 4.49  ? 174 VAL A C   1 
ATOM   902  O O   . VAL A 1 113 ? -3.161  -2.194  -8.705  1.00 6.23  ? 174 VAL A O   1 
ATOM   903  C CB  . VAL A 1 113 ? -2.831  -4.740  -7.164  1.00 3.55  ? 174 VAL A CB  1 
ATOM   904  C CG1 . VAL A 1 113 ? -2.872  -4.049  -5.796  1.00 6.53  ? 174 VAL A CG1 1 
ATOM   905  C CG2 . VAL A 1 113 ? -2.798  -6.260  -6.988  1.00 5.71  ? 174 VAL A CG2 1 
ATOM   906  N N   . TYR A 1 114 ? -5.229  -2.210  -7.799  1.00 3.94  ? 175 TYR A N   1 
ATOM   907  C CA  . TYR A 1 114 ? -5.401  -0.758  -7.830  1.00 4.98  ? 175 TYR A CA  1 
ATOM   908  C C   . TYR A 1 114 ? -4.904  -0.150  -6.526  1.00 6.28  ? 175 TYR A C   1 
ATOM   909  O O   . TYR A 1 114 ? -5.036  -0.759  -5.468  1.00 4.44  ? 175 TYR A O   1 
ATOM   910  C CB  . TYR A 1 114 ? -6.869  -0.393  -8.072  1.00 6.03  ? 175 TYR A CB  1 
ATOM   911  C CG  . TYR A 1 114 ? -7.299  -0.545  -9.516  1.00 5.79  ? 175 TYR A CG  1 
ATOM   912  C CD1 . TYR A 1 114 ? -7.693  -1.777  -10.020 1.00 6.43  ? 175 TYR A CD1 1 
ATOM   913  C CD2 . TYR A 1 114 ? -7.303  0.550   -10.373 1.00 5.92  ? 175 TYR A CD2 1 
ATOM   914  C CE1 . TYR A 1 114 ? -8.086  -1.914  -11.347 1.00 8.23  ? 175 TYR A CE1 1 
ATOM   915  C CE2 . TYR A 1 114 ? -7.689  0.424   -11.693 1.00 7.15  ? 175 TYR A CE2 1 
ATOM   916  C CZ  . TYR A 1 114 ? -8.078  -0.806  -12.174 1.00 8.24  ? 175 TYR A CZ  1 
ATOM   917  O OH  . TYR A 1 114 ? -8.468  -0.924  -13.493 1.00 12.47 ? 175 TYR A OH  1 
ATOM   918  N N   . TRP A 1 115 ? -4.355  1.058   -6.608  1.00 4.94  ? 176 TRP A N   1 
ATOM   919  C CA  . TRP A 1 115 ? -3.658  1.670   -5.487  1.00 4.73  ? 176 TRP A CA  1 
ATOM   920  C C   . TRP A 1 115 ? -3.980  3.157   -5.425  1.00 5.54  ? 176 TRP A C   1 
ATOM   921  O O   . TRP A 1 115 ? -4.021  3.829   -6.456  1.00 5.54  ? 176 TRP A O   1 
ATOM   922  C CB  . TRP A 1 115 ? -2.159  1.424   -5.691  1.00 5.91  ? 176 TRP A CB  1 
ATOM   923  C CG  . TRP A 1 115 ? -1.206  2.340   -4.969  1.00 4.29  ? 176 TRP A CG  1 
ATOM   924  C CD1 . TRP A 1 115 ? -0.602  3.459   -5.474  1.00 4.34  ? 176 TRP A CD1 1 
ATOM   925  C CD2 . TRP A 1 115 ? -0.701  2.179   -3.636  1.00 6.47  ? 176 TRP A CD2 1 
ATOM   926  N NE1 . TRP A 1 115 ? 0.232   4.015   -4.528  1.00 5.32  ? 176 TRP A NE1 1 
ATOM   927  C CE2 . TRP A 1 115 ? 0.191   3.245   -3.394  1.00 7.36  ? 176 TRP A CE2 1 
ATOM   928  C CE3 . TRP A 1 115 ? -0.921  1.239   -2.621  1.00 4.87  ? 176 TRP A CE3 1 
ATOM   929  C CZ2 . TRP A 1 115 ? 0.857   3.401   -2.177  1.00 7.24  ? 176 TRP A CZ2 1 
ATOM   930  C CZ3 . TRP A 1 115 ? -0.253  1.392   -1.418  1.00 5.73  ? 176 TRP A CZ3 1 
ATOM   931  C CH2 . TRP A 1 115 ? 0.624   2.464   -1.208  1.00 6.32  ? 176 TRP A CH2 1 
ATOM   932  N N   . TYR A 1 116 ? -4.235  3.671   -4.226  1.00 4.18  ? 177 TYR A N   1 
ATOM   933  C CA  . TYR A 1 116 ? -4.480  5.104   -4.071  1.00 4.15  ? 177 TYR A CA  1 
ATOM   934  C C   . TYR A 1 116 ? -3.177  5.891   -4.107  1.00 5.40  ? 177 TYR A C   1 
ATOM   935  O O   . TYR A 1 116 ? -2.255  5.629   -3.333  1.00 6.54  ? 177 TYR A O   1 
ATOM   936  C CB  . TYR A 1 116 ? -5.240  5.385   -2.777  1.00 3.59  ? 177 TYR A CB  1 
ATOM   937  C CG  . TYR A 1 116 ? -6.739  5.252   -2.906  1.00 4.37  ? 177 TYR A CG  1 
ATOM   938  C CD1 . TYR A 1 116 ? -7.351  4.004   -2.860  1.00 4.17  ? 177 TYR A CD1 1 
ATOM   939  C CD2 . TYR A 1 116 ? -7.541  6.370   -3.083  1.00 5.34  ? 177 TYR A CD2 1 
ATOM   940  C CE1 . TYR A 1 116 ? -8.730  3.879   -2.982  1.00 5.25  ? 177 TYR A CE1 1 
ATOM   941  C CE2 . TYR A 1 116 ? -8.915  6.255   -3.201  1.00 6.98  ? 177 TYR A CE2 1 
ATOM   942  C CZ  . TYR A 1 116 ? -9.501  5.008   -3.152  1.00 5.95  ? 177 TYR A CZ  1 
ATOM   943  O OH  . TYR A 1 116 ? -10.867 4.885   -3.262  1.00 8.32  ? 177 TYR A OH  1 
ATOM   944  N N   . ALA A 1 117 ? -3.117  6.867   -5.011  1.00 4.69  ? 178 ALA A N   1 
ATOM   945  C CA  . ALA A 1 117 ? -1.907  7.648   -5.243  1.00 5.57  ? 178 ALA A CA  1 
ATOM   946  C C   . ALA A 1 117 ? -2.235  9.126   -5.276  1.00 4.71  ? 178 ALA A C   1 
ATOM   947  O O   . ALA A 1 117 ? -3.396  9.512   -5.427  1.00 7.25  ? 178 ALA A O   1 
ATOM   948  C CB  . ALA A 1 117 ? -1.272  7.248   -6.560  1.00 7.39  ? 178 ALA A CB  1 
ATOM   949  N N   . GLY A 1 118 ? -1.201  9.953   -5.145  1.00 4.95  ? 179 GLY A N   1 
ATOM   950  C CA  . GLY A 1 118 ? -1.373  11.388  -5.221  1.00 5.23  ? 179 GLY A CA  1 
ATOM   951  C C   . GLY A 1 118 ? -1.116  12.041  -3.884  1.00 8.31  ? 179 GLY A C   1 
ATOM   952  O O   . GLY A 1 118 ? -0.360  11.522  -3.060  1.00 7.95  ? 179 GLY A O   1 
ATOM   953  N N   . THR A 1 119 ? -1.761  13.178  -3.665  1.00 7.13  ? 180 THR A N   1 
ATOM   954  C CA  . THR A 1 119 ? -1.580  13.943  -2.446  1.00 7.06  ? 180 THR A CA  1 
ATOM   955  C C   . THR A 1 119 ? -2.942  14.262  -1.844  1.00 6.94  ? 180 THR A C   1 
ATOM   956  O O   . THR A 1 119 ? -3.799  14.844  -2.510  1.00 7.21  ? 180 THR A O   1 
ATOM   957  C CB  . THR A 1 119 ? -0.831  15.255  -2.739  1.00 6.55  ? 180 THR A CB  1 
ATOM   958  O OG1 . THR A 1 119 ? 0.464   14.953  -3.284  1.00 6.88  ? 180 THR A OG1 1 
ATOM   959  C CG2 . THR A 1 119 ? -0.682  16.085  -1.479  1.00 6.24  ? 180 THR A CG2 1 
ATOM   960  N N   . THR A 1 120 ? -3.153  13.853  -0.597  1.00 6.49  ? 181 THR A N   1 
ATOM   961  C CA  . THR A 1 120 ? -4.408  14.155  0.085   1.00 5.60  ? 181 THR A CA  1 
ATOM   962  C C   . THR A 1 120 ? -4.577  15.676  0.160   1.00 7.30  ? 181 THR A C   1 
ATOM   963  O O   . THR A 1 120 ? -3.587  16.411  0.223   1.00 7.79  ? 181 THR A O   1 
ATOM   964  C CB  . THR A 1 120 ? -4.445  13.532  1.491   1.00 6.19  ? 181 THR A CB  1 
ATOM   965  O OG1 . THR A 1 120 ? -3.390  14.082  2.285   1.00 7.17  ? 181 THR A OG1 1 
ATOM   966  C CG2 . THR A 1 120 ? -4.270  12.015  1.404   1.00 7.68  ? 181 THR A CG2 1 
ATOM   967  N N   . PRO A 1 121 ? -5.834  16.163  0.139   1.00 7.46  ? 182 PRO A N   1 
ATOM   968  C CA  . PRO A 1 121 ? -7.087  15.401  0.143   1.00 6.89  ? 182 PRO A CA  1 
ATOM   969  C C   . PRO A 1 121 ? -7.572  15.014  -1.253  1.00 6.13  ? 182 PRO A C   1 
ATOM   970  O O   . PRO A 1 121 ? -8.772  14.814  -1.448  1.00 7.95  ? 182 PRO A O   1 
ATOM   971  C CB  . PRO A 1 121 ? -8.069  16.390  0.768   1.00 6.24  ? 182 PRO A CB  1 
ATOM   972  C CG  . PRO A 1 121 ? -7.590  17.718  0.256   1.00 7.88  ? 182 PRO A CG  1 
ATOM   973  C CD  . PRO A 1 121 ? -6.081  17.619  0.196   1.00 9.68  ? 182 PRO A CD  1 
ATOM   974  N N   . ASN A 1 122 ? -6.654  14.883  -2.207  1.00 5.62  ? 183 ASN A N   1 
ATOM   975  C CA  . ASN A 1 122 ? -7.037  14.566  -3.582  1.00 5.81  ? 183 ASN A CA  1 
ATOM   976  C C   . ASN A 1 122 ? -6.380  13.312  -4.137  1.00 7.58  ? 183 ASN A C   1 
ATOM   977  O O   . ASN A 1 122 ? -6.099  13.215  -5.330  1.00 8.99  ? 183 ASN A O   1 
ATOM   978  C CB  . ASN A 1 122 ? -6.780  15.770  -4.480  1.00 7.30  ? 183 ASN A CB  1 
ATOM   979  C CG  . ASN A 1 122 ? -7.640  16.947  -4.090  1.00 9.81  ? 183 ASN A CG  1 
ATOM   980  O OD1 . ASN A 1 122 ? -8.868  16.835  -4.070  1.00 10.52 ? 183 ASN A OD1 1 
ATOM   981  N ND2 . ASN A 1 122 ? -7.008  18.064  -3.714  1.00 9.44  ? 183 ASN A ND2 1 
ATOM   982  N N   . ALA A 1 123 ? -6.140  12.352  -3.255  1.00 4.75  ? 184 ALA A N   1 
ATOM   983  C CA  . ALA A 1 123 ? -5.649  11.050  -3.675  1.00 6.10  ? 184 ALA A CA  1 
ATOM   984  C C   . ALA A 1 123 ? -6.793  10.295  -4.334  1.00 6.45  ? 184 ALA A C   1 
ATOM   985  O O   . ALA A 1 123 ? -7.964  10.508  -4.009  1.00 8.48  ? 184 ALA A O   1 
ATOM   986  C CB  . ALA A 1 123 ? -5.122  10.287  -2.487  1.00 6.53  ? 184 ALA A CB  1 
ATOM   987  N N   . SER A 1 124 ? -6.451  9.408   -5.258  1.00 6.59  ? 185 SER A N   1 
ATOM   988  C CA  . SER A 1 124 ? -7.449  8.654   -5.995  1.00 7.48  ? 185 SER A CA  1 
ATOM   989  C C   . SER A 1 124 ? -6.828  7.341   -6.446  1.00 7.55  ? 185 SER A C   1 
ATOM   990  O O   . SER A 1 124 ? -5.598  7.195   -6.445  1.00 6.62  ? 185 SER A O   1 
ATOM   991  C CB  . SER A 1 124 ? -7.930  9.444   -7.210  1.00 9.62  ? 185 SER A CB  1 
ATOM   992  O OG  . SER A 1 124 ? -6.879  9.634   -8.142  1.00 11.63 ? 185 SER A OG  1 
ATOM   993  N N   . GLU A 1 125 ? -7.678  6.393   -6.834  1.00 8.27  ? 186 GLU A N   1 
ATOM   994  C CA  . GLU A 1 125 ? -7.215  5.078   -7.279  1.00 9.11  ? 186 GLU A CA  1 
ATOM   995  C C   . GLU A 1 125 ? -6.714  5.113   -8.728  1.00 9.99  ? 186 GLU A C   1 
ATOM   996  O O   . GLU A 1 125 ? -7.206  4.373   -9.589  1.00 11.74 ? 186 GLU A O   1 
ATOM   997  C CB  . GLU A 1 125 ? -8.330  4.039   -7.123  1.00 12.37 ? 186 GLU A CB  1 
ATOM   998  C CG  . GLU A 1 125 ? -9.655  4.469   -7.729  1.00 13.84 ? 186 GLU A CG  1 
ATOM   999  C CD  . GLU A 1 125 ? -10.565 3.295   -8.082  1.00 19.07 ? 186 GLU A CD  1 
ATOM   1000 O OE1 . GLU A 1 125 ? -10.058 2.170   -8.293  1.00 17.98 ? 186 GLU A OE1 1 
ATOM   1001 O OE2 . GLU A 1 125 ? -11.794 3.506   -8.153  1.00 21.68 1 186 GLU A OE2 1 
ATOM   1002 N N   . SER A 1 126 ? -5.724  5.965   -8.979  1.00 8.45  ? 187 SER A N   1 
ATOM   1003 C CA  . SER A 1 126 ? -5.245  6.235   -10.334 1.00 9.99  ? 187 SER A CA  1 
ATOM   1004 C C   . SER A 1 126 ? -4.151  5.284   -10.797 1.00 10.22 ? 187 SER A C   1 
ATOM   1005 O O   . SER A 1 126 ? -3.854  5.215   -11.989 1.00 14.42 ? 187 SER A O   1 
ATOM   1006 C CB  . SER A 1 126 ? -4.747  7.679   -10.435 1.00 11.83 ? 187 SER A CB  1 
ATOM   1007 O OG  . SER A 1 126 ? -3.660  7.901   -9.548  1.00 12.85 ? 187 SER A OG  1 
ATOM   1008 N N   . TYR A 1 127 ? -3.546  4.558   -9.861  1.00 6.85  ? 188 TYR A N   1 
ATOM   1009 C CA  . TYR A 1 127 ? -2.480  3.627   -10.216 1.00 5.60  ? 188 TYR A CA  1 
ATOM   1010 C C   . TYR A 1 127 ? -2.940  2.168   -10.148 1.00 4.94  ? 188 TYR A C   1 
ATOM   1011 O O   . TYR A 1 127 ? -3.751  1.803   -9.307  1.00 5.96  ? 188 TYR A O   1 
ATOM   1012 C CB  . TYR A 1 127 ? -1.232  3.813   -9.330  1.00 5.33  ? 188 TYR A CB  1 
ATOM   1013 C CG  . TYR A 1 127 ? -0.104  2.957   -9.852  1.00 7.93  ? 188 TYR A CG  1 
ATOM   1014 C CD1 . TYR A 1 127 ? 0.668   3.383   -10.926 1.00 7.73  ? 188 TYR A CD1 1 
ATOM   1015 C CD2 . TYR A 1 127 ? 0.136   1.691   -9.332  1.00 6.98  ? 188 TYR A CD2 1 
ATOM   1016 C CE1 . TYR A 1 127 ? 1.669   2.584   -11.442 1.00 7.97  ? 188 TYR A CE1 1 
ATOM   1017 C CE2 . TYR A 1 127 ? 1.139   0.881   -9.845  1.00 6.88  ? 188 TYR A CE2 1 
ATOM   1018 C CZ  . TYR A 1 127 ? 1.899   1.338   -10.903 1.00 8.39  ? 188 TYR A CZ  1 
ATOM   1019 O OH  . TYR A 1 127 ? 2.895   0.540   -11.425 1.00 11.56 ? 188 TYR A OH  1 
ATOM   1020 N N   . TYR A 1 128 ? -2.423  1.332   -11.043 1.00 5.77  ? 189 TYR A N   1 
ATOM   1021 C CA  . TYR A 1 128 ? -2.588  -0.116  -10.889 1.00 4.51  ? 189 TYR A CA  1 
ATOM   1022 C C   . TYR A 1 128 ? -1.405  -0.870  -11.477 1.00 5.08  ? 189 TYR A C   1 
ATOM   1023 O O   . TYR A 1 128 ? -0.720  -0.386  -12.385 1.00 5.77  ? 189 TYR A O   1 
ATOM   1024 C CB  . TYR A 1 128 ? -3.901  -0.623  -11.516 1.00 4.57  ? 189 TYR A CB  1 
ATOM   1025 C CG  . TYR A 1 128 ? -4.011  -0.368  -13.004 1.00 7.08  ? 189 TYR A CG  1 
ATOM   1026 C CD1 . TYR A 1 128 ? -3.519  -1.282  -13.933 1.00 8.43  ? 189 TYR A CD1 1 
ATOM   1027 C CD2 . TYR A 1 128 ? -4.601  0.795   -13.478 1.00 8.31  ? 189 TYR A CD2 1 
ATOM   1028 C CE1 . TYR A 1 128 ? -3.621  -1.033  -15.303 1.00 10.96 ? 189 TYR A CE1 1 
ATOM   1029 C CE2 . TYR A 1 128 ? -4.704  1.049   -14.832 1.00 11.76 ? 189 TYR A CE2 1 
ATOM   1030 C CZ  . TYR A 1 128 ? -4.213  0.135   -15.737 1.00 13.10 ? 189 TYR A CZ  1 
ATOM   1031 O OH  . TYR A 1 128 ? -4.326  0.414   -17.085 1.00 18.29 ? 189 TYR A OH  1 
ATOM   1032 N N   . LEU A 1 129 ? -1.173  -2.062  -10.940 1.00 4.83  ? 190 LEU A N   1 
ATOM   1033 C CA  . LEU A 1 129 ? -0.266  -3.022  -11.552 1.00 3.33  ? 190 LEU A CA  1 
ATOM   1034 C C   . LEU A 1 129 ? -1.075  -4.245  -11.964 1.00 4.01  ? 190 LEU A C   1 
ATOM   1035 O O   . LEU A 1 129 ? -2.200  -4.440  -11.498 1.00 4.91  ? 190 LEU A O   1 
ATOM   1036 C CB  . LEU A 1 129 ? 0.855   -3.420  -10.588 1.00 5.20  ? 190 LEU A CB  1 
ATOM   1037 C CG  . LEU A 1 129 ? 0.442   -4.133  -9.297  1.00 5.44  ? 190 LEU A CG  1 
ATOM   1038 C CD1 . LEU A 1 129 ? 1.364   -5.307  -9.034  1.00 5.84  ? 190 LEU A CD1 1 
ATOM   1039 C CD2 . LEU A 1 129 ? 0.478   -3.181  -8.122  1.00 6.26  ? 190 LEU A CD2 1 
ATOM   1040 N N   . THR A 1 130 ? -0.503  -5.065  -12.839 1.00 4.34  ? 191 THR A N   1 
ATOM   1041 C CA  . THR A 1 130 ? -1.183  -6.244  -13.355 1.00 3.82  ? 191 THR A CA  1 
ATOM   1042 C C   . THR A 1 130 ? -0.662  -7.511  -12.690 1.00 5.16  ? 191 THR A C   1 
ATOM   1043 O O   . THR A 1 130 ? 0.549   -7.755  -12.686 1.00 5.50  ? 191 THR A O   1 
ATOM   1044 C CB  . THR A 1 130 ? -1.004  -6.335  -14.877 1.00 5.26  ? 191 THR A CB  1 
ATOM   1045 O OG1 . THR A 1 130 ? -1.640  -5.203  -15.492 1.00 6.37  ? 191 THR A OG1 1 
ATOM   1046 C CG2 . THR A 1 130 ? -1.635  -7.614  -15.419 1.00 6.37  ? 191 THR A CG2 1 
ATOM   1047 N N   . ILE A 1 131 ? -1.568  -8.308  -12.118 1.00 5.27  ? 192 ILE A N   1 
ATOM   1048 C CA  . ILE A 1 131 ? -1.171  -9.568  -11.483 1.00 5.26  ? 192 ILE A CA  1 
ATOM   1049 C C   . ILE A 1 131 ? -1.774  -10.830 -12.106 1.00 5.97  ? 192 ILE A C   1 
ATOM   1050 O O   . ILE A 1 131 ? -1.170  -11.894 -12.040 1.00 7.08  ? 192 ILE A O   1 
ATOM   1051 C CB  . ILE A 1 131 ? -1.435  -9.576  -9.952  1.00 4.91  ? 192 ILE A CB  1 
ATOM   1052 C CG1 . ILE A 1 131 ? -2.889  -9.216  -9.636  1.00 4.39  ? 192 ILE A CG1 1 
ATOM   1053 C CG2 . ILE A 1 131 ? -0.458  -8.638  -9.226  1.00 5.81  ? 192 ILE A CG2 1 
ATOM   1054 C CD1 . ILE A 1 131 ? -3.291  -9.555  -8.216  1.00 5.05  ? 192 ILE A CD1 1 
ATOM   1055 N N   . ASN A 1 132 ? -2.956  -10.711 -12.706 1.00 7.34  ? 193 ASN A N   1 
ATOM   1056 C CA  . ASN A 1 132 ? -3.648  -11.870 -13.287 1.00 6.64  ? 193 ASN A CA  1 
ATOM   1057 C C   . ASN A 1 132 ? -3.556  -13.137 -12.426 1.00 7.02  ? 193 ASN A C   1 
ATOM   1058 O O   . ASN A 1 132 ? -3.169  -14.211 -12.894 1.00 8.22  ? 193 ASN A O   1 
ATOM   1059 C CB  . ASN A 1 132 ? -3.167  -12.133 -14.717 1.00 8.95  ? 193 ASN A CB  1 
ATOM   1060 C CG  . ASN A 1 132 ? -3.487  -10.978 -15.653 1.00 10.38 ? 193 ASN A CG  1 
ATOM   1061 O OD1 . ASN A 1 132 ? -4.547  -10.355 -15.546 1.00 11.64 ? 193 ASN A OD1 1 
ATOM   1062 N ND2 . ASN A 1 132 ? -2.566  -10.674 -16.560 1.00 12.37 ? 193 ASN A ND2 1 
ATOM   1063 N N   . ASN A 1 133 ? -3.938  -12.997 -11.162 1.00 6.61  ? 194 ASN A N   1 
ATOM   1064 C CA  . ASN A 1 133 ? -3.983  -14.107 -10.222 1.00 5.40  ? 194 ASN A CA  1 
ATOM   1065 C C   . ASN A 1 133 ? -4.846  -13.691 -9.040  1.00 4.61  ? 194 ASN A C   1 
ATOM   1066 O O   . ASN A 1 133 ? -4.369  -13.052 -8.093  1.00 6.44  ? 194 ASN A O   1 
ATOM   1067 C CB  . ASN A 1 133 ? -2.583  -14.521 -9.752  1.00 6.77  ? 194 ASN A CB  1 
ATOM   1068 C CG  . ASN A 1 133 ? -2.623  -15.701 -8.793  1.00 6.16  ? 194 ASN A CG  1 
ATOM   1069 O OD1 . ASN A 1 133 ? -3.696  -16.107 -8.342  1.00 7.98  ? 194 ASN A OD1 1 
ATOM   1070 N ND2 . ASN A 1 133 ? -1.462  -16.253 -8.476  1.00 7.63  ? 194 ASN A ND2 1 
ATOM   1071 N N   . ASP A 1 134 ? -6.122  -14.053 -9.109  1.00 6.65  ? 195 ASP A N   1 
ATOM   1072 C CA  . ASP A 1 134 ? -7.091  -13.663 -8.092  1.00 6.22  ? 195 ASP A CA  1 
ATOM   1073 C C   . ASP A 1 134 ? -6.805  -14.258 -6.716  1.00 5.96  ? 195 ASP A C   1 
ATOM   1074 O O   . ASP A 1 134 ? -7.420  -13.849 -5.728  1.00 7.13  ? 195 ASP A O   1 
ATOM   1075 C CB  . ASP A 1 134 ? -8.501  -14.071 -8.523  1.00 7.35  ? 195 ASP A CB  1 
ATOM   1076 C CG  . ASP A 1 134 ? -9.119  -13.100 -9.514  1.00 9.50  ? 195 ASP A CG  1 
ATOM   1077 O OD1 . ASP A 1 134 ? -8.397  -12.289 -10.139 1.00 9.89  ? 195 ASP A OD1 1 
ATOM   1078 O OD2 . ASP A 1 134 ? -10.353 -13.159 -9.673  1.00 12.57 1 195 ASP A OD2 1 
ATOM   1079 N N   . ASN A 1 135 ? -5.894  -15.231 -6.658  1.00 5.39  ? 196 ASN A N   1 
ATOM   1080 C CA  . ASN A 1 135 ? -5.541  -15.881 -5.398  1.00 6.51  ? 196 ASN A CA  1 
ATOM   1081 C C   . ASN A 1 135 ? -4.223  -15.380 -4.831  1.00 5.99  ? 196 ASN A C   1 
ATOM   1082 O O   . ASN A 1 135 ? -3.622  -16.008 -3.956  1.00 8.09  ? 196 ASN A O   1 
ATOM   1083 C CB  . ASN A 1 135 ? -5.525  -17.402 -5.581  1.00 7.12  ? 196 ASN A CB  1 
ATOM   1084 C CG  . ASN A 1 135 ? -6.906  -17.950 -5.864  1.00 8.72  ? 196 ASN A CG  1 
ATOM   1085 O OD1 . ASN A 1 135 ? -7.834  -17.731 -5.085  1.00 9.50  ? 196 ASN A OD1 1 
ATOM   1086 N ND2 . ASN A 1 135 ? -7.063  -18.619 -7.000  1.00 9.42  ? 196 ASN A ND2 1 
ATOM   1087 N N   . SER A 1 136 ? -3.777  -14.234 -5.334  1.00 5.50  ? 197 SER A N   1 
ATOM   1088 C CA  . SER A 1 136 ? -2.569  -13.609 -4.820  1.00 4.78  ? 197 SER A CA  1 
ATOM   1089 C C   . SER A 1 136 ? -2.738  -13.254 -3.342  1.00 4.95  ? 197 SER A C   1 
ATOM   1090 O O   . SER A 1 136 ? -3.680  -12.557 -2.962  1.00 5.75  ? 197 SER A O   1 
ATOM   1091 C CB  . SER A 1 136 ? -2.238  -12.350 -5.626  1.00 4.13  ? 197 SER A CB  1 
ATOM   1092 O OG  . SER A 1 136 ? -1.922  -12.657 -6.977  1.00 7.03  ? 197 SER A OG  1 
ATOM   1093 N N   . ASN A 1 137 ? -1.817  -13.741 -2.512  1.00 4.67  ? 198 ASN A N   1 
ATOM   1094 C CA  . ASN A 1 137 ? -1.816  -13.418 -1.093  1.00 5.45  ? 198 ASN A CA  1 
ATOM   1095 C C   . ASN A 1 137 ? -1.252  -12.033 -0.830  1.00 6.08  ? 198 ASN A C   1 
ATOM   1096 O O   . ASN A 1 137 ? -0.391  -11.544 -1.572  1.00 7.46  ? 198 ASN A O   1 
ATOM   1097 C CB  . ASN A 1 137 ? -0.998  -14.433 -0.287  1.00 6.94  ? 198 ASN A CB  1 
ATOM   1098 C CG  . ASN A 1 137 ? -1.720  -15.759 -0.093  1.00 11.49 ? 198 ASN A CG  1 
ATOM   1099 O OD1 . ASN A 1 137 ? -2.932  -15.860 -0.268  1.00 11.06 ? 198 ASN A OD1 1 
ATOM   1100 N ND2 . ASN A 1 137 ? -0.966  -16.784 0.279   1.00 17.01 ? 198 ASN A ND2 1 
ATOM   1101 N N   . VAL A 1 138 ? -1.755  -11.413 0.231   1.00 6.01  ? 199 VAL A N   1 
ATOM   1102 C CA  . VAL A 1 138 ? -1.207  -10.170 0.748   1.00 5.28  ? 199 VAL A CA  1 
ATOM   1103 C C   . VAL A 1 138 ? -0.791  -10.404 2.194   1.00 6.16  ? 199 VAL A C   1 
ATOM   1104 O O   . VAL A 1 138 ? -1.430  -11.164 2.913   1.00 8.46  ? 199 VAL A O   1 
ATOM   1105 C CB  . VAL A 1 138 ? -2.243  -9.031  0.683   1.00 7.90  ? 199 VAL A CB  1 
ATOM   1106 C CG1 . VAL A 1 138 ? -1.770  -7.824  1.485   1.00 11.45 ? 199 VAL A CG1 1 
ATOM   1107 C CG2 . VAL A 1 138 ? -2.534  -8.650  -0.767  1.00 7.48  ? 199 VAL A CG2 1 
ATOM   1108 N N   . SER A 1 139 ? 0.299   -9.779  2.615   1.00 7.40  ? 200 SER A N   1 
ATOM   1109 C CA  . SER A 1 139 ? 0.680   -9.809  4.021   1.00 9.07  ? 200 SER A CA  1 
ATOM   1110 C C   . SER A 1 139 ? 0.763   -8.382  4.530   1.00 10.33 ? 200 SER A C   1 
ATOM   1111 O O   . SER A 1 139 ? 1.150   -7.473  3.801   1.00 14.35 ? 200 SER A O   1 
ATOM   1112 C CB  . SER A 1 139 ? 2.000   -10.542 4.228   1.00 12.12 ? 200 SER A CB  1 
ATOM   1113 O OG  . SER A 1 139 ? 3.015   -9.980  3.428   1.00 15.48 ? 200 SER A OG  1 
ATOM   1114 N N   . CYS A 1 140 ? 0.390   -8.187  5.785   1.00 9.08  ? 201 CYS A N   1 
ATOM   1115 C CA  . CYS A 1 140 ? 0.240   -6.850  6.331   1.00 11.57 ? 201 CYS A CA  1 
ATOM   1116 C C   . CYS A 1 140 ? 0.917   -6.771  7.695   1.00 11.15 ? 201 CYS A C   1 
ATOM   1117 O O   . CYS A 1 140 ? 0.746   -7.671  8.517   1.00 13.40 ? 201 CYS A O   1 
ATOM   1118 C CB  . CYS A 1 140 ? -1.259  -6.542  6.480   1.00 13.50 ? 201 CYS A CB  1 
ATOM   1119 S SG  . CYS A 1 140 ? -1.640  -4.789  6.399   1.00 19.17 ? 201 CYS A SG  1 
ATOM   1120 N N   . ASP A 1 141 ? 1.674   -5.700  7.940   1.00 7.34  ? 202 ASP A N   1 
ATOM   1121 C CA  . ASP A 1 141 ? 2.244   -5.459  9.266   1.00 8.90  ? 202 ASP A CA  1 
ATOM   1122 C C   . ASP A 1 141 ? 1.369   -4.543  10.098  1.00 9.07  ? 202 ASP A C   1 
ATOM   1123 O O   . ASP A 1 141 ? 1.675   -4.268  11.260  1.00 13.78 ? 202 ASP A O   1 
ATOM   1124 C CB  . ASP A 1 141 ? 3.640   -4.851  9.160   1.00 10.34 ? 202 ASP A CB  1 
ATOM   1125 C CG  . ASP A 1 141 ? 4.589   -5.743  8.415   1.00 12.99 ? 202 ASP A CG  1 
ATOM   1126 O OD1 . ASP A 1 141 ? 4.947   -6.812  8.962   1.00 10.81 ? 202 ASP A OD1 1 
ATOM   1127 O OD2 . ASP A 1 141 ? 4.959   -5.382  7.279   1.00 15.08 1 202 ASP A OD2 1 
ATOM   1128 N N   . ALA A 1 142 ? 0.285   -4.066  9.504   1.00 7.28  ? 203 ALA A N   1 
ATOM   1129 C CA  . ALA A 1 142 ? -0.579  -3.116  10.187  1.00 7.05  ? 203 ALA A CA  1 
ATOM   1130 C C   . ALA A 1 142 ? -1.988  -3.663  10.299  1.00 5.53  ? 203 ALA A C   1 
ATOM   1131 O O   . ALA A 1 142 ? -2.368  -4.588  9.578   1.00 6.84  ? 203 ALA A O   1 
ATOM   1132 C CB  . ALA A 1 142 ? -0.589  -1.799  9.441   1.00 9.05  ? 203 ALA A CB  1 
ATOM   1133 N N   . GLU A 1 143 ? -2.762  -3.089  11.208  1.00 5.40  ? 204 GLU A N   1 
ATOM   1134 C CA  . GLU A 1 143 ? -4.193  -3.346  11.231  1.00 4.87  ? 204 GLU A CA  1 
ATOM   1135 C C   . GLU A 1 143 ? -4.795  -2.807  9.941   1.00 5.69  ? 204 GLU A C   1 
ATOM   1136 O O   . GLU A 1 143 ? -4.246  -1.892  9.322   1.00 6.83  ? 204 GLU A O   1 
ATOM   1137 C CB  . GLU A 1 143 ? -4.835  -2.679  12.449  1.00 6.72  ? 204 GLU A CB  1 
ATOM   1138 C CG  . GLU A 1 143 ? -4.397  -3.289  13.780  1.00 10.31 ? 204 GLU A CG  1 
ATOM   1139 C CD  . GLU A 1 143 ? -5.193  -2.766  14.964  1.00 18.30 ? 204 GLU A CD  1 
ATOM   1140 O OE1 . GLU A 1 143 ? -5.927  -1.765  14.813  1.00 20.61 ? 204 GLU A OE1 1 
ATOM   1141 O OE2 . GLU A 1 143 ? -5.086  -3.360  16.054  1.00 22.62 1 204 GLU A OE2 1 
ATOM   1142 N N   . PHE A 1 144 ? -5.914  -3.384  9.525   1.00 4.88  ? 205 PHE A N   1 
ATOM   1143 C CA  . PHE A 1 144 ? -6.535  -2.977  8.278   1.00 5.75  ? 205 PHE A CA  1 
ATOM   1144 C C   . PHE A 1 144 ? -8.044  -3.148  8.305   1.00 4.80  ? 205 PHE A C   1 
ATOM   1145 O O   . PHE A 1 144 ? -8.597  -3.822  9.184   1.00 5.32  ? 205 PHE A O   1 
ATOM   1146 C CB  . PHE A 1 144 ? -5.924  -3.733  7.079   1.00 5.24  ? 205 PHE A CB  1 
ATOM   1147 C CG  . PHE A 1 144 ? -6.164  -5.224  7.102   1.00 4.78  ? 205 PHE A CG  1 
ATOM   1148 C CD1 . PHE A 1 144 ? -7.266  -5.782  6.460   1.00 4.60  ? 205 PHE A CD1 1 
ATOM   1149 C CD2 . PHE A 1 144 ? -5.283  -6.071  7.755   1.00 5.45  ? 205 PHE A CD2 1 
ATOM   1150 C CE1 . PHE A 1 144 ? -7.480  -7.145  6.479   1.00 5.40  ? 205 PHE A CE1 1 
ATOM   1151 C CE2 . PHE A 1 144 ? -5.497  -7.436  7.776   1.00 5.22  ? 205 PHE A CE2 1 
ATOM   1152 C CZ  . PHE A 1 144 ? -6.596  -7.970  7.132   1.00 6.03  ? 205 PHE A CZ  1 
ATOM   1153 N N   . TYR A 1 145 ? -8.700  -2.535  7.330   1.00 3.51  ? 206 TYR A N   1 
ATOM   1154 C CA  . TYR A 1 145 ? -10.147 -2.616  7.193   1.00 4.75  ? 206 TYR A CA  1 
ATOM   1155 C C   . TYR A 1 145 ? -10.441 -3.081  5.778   1.00 4.86  ? 206 TYR A C   1 
ATOM   1156 O O   . TYR A 1 145 ? -9.598  -2.948  4.891   1.00 5.39  ? 206 TYR A O   1 
ATOM   1157 C CB  . TYR A 1 145 ? -10.779 -1.238  7.417   1.00 5.02  ? 206 TYR A CB  1 
ATOM   1158 C CG  . TYR A 1 145 ? -10.409 -0.590  8.738   1.00 5.31  ? 206 TYR A CG  1 
ATOM   1159 C CD1 . TYR A 1 145 ? -11.264 -0.646  9.828   1.00 6.70  ? 206 TYR A CD1 1 
ATOM   1160 C CD2 . TYR A 1 145 ? -9.190  0.062   8.892   1.00 6.64  ? 206 TYR A CD2 1 
ATOM   1161 C CE1 . TYR A 1 145 ? -10.925 -0.058  11.035  1.00 7.01  ? 206 TYR A CE1 1 
ATOM   1162 C CE2 . TYR A 1 145 ? -8.835  0.649   10.095  1.00 7.31  ? 206 TYR A CE2 1 
ATOM   1163 C CZ  . TYR A 1 145 ? -9.707  0.587   11.164  1.00 8.88  ? 206 TYR A CZ  1 
ATOM   1164 O OH  . TYR A 1 145 ? -9.361  1.165   12.368  1.00 12.46 ? 206 TYR A OH  1 
ATOM   1165 N N   . LEU A 1 146 ? -11.627 -3.639  5.571   1.00 4.72  ? 207 LEU A N   1 
ATOM   1166 C CA  . LEU A 1 146 ? -12.049 -4.055  4.241   1.00 5.59  ? 207 LEU A CA  1 
ATOM   1167 C C   . LEU A 1 146 ? -13.287 -3.269  3.844   1.00 5.02  ? 207 LEU A C   1 
ATOM   1168 O O   . LEU A 1 146 ? -14.249 -3.185  4.610   1.00 5.56  ? 207 LEU A O   1 
ATOM   1169 C CB  . LEU A 1 146 ? -12.346 -5.560  4.211   1.00 6.03  ? 207 LEU A CB  1 
ATOM   1170 C CG  . LEU A 1 146 ? -11.161 -6.501  4.451   1.00 4.75  ? 207 LEU A CG  1 
ATOM   1171 C CD1 . LEU A 1 146 ? -11.611 -7.961  4.528   1.00 5.61  ? 207 LEU A CD1 1 
ATOM   1172 C CD2 . LEU A 1 146 ? -10.107 -6.329  3.354   1.00 6.46  ? 207 LEU A CD2 1 
ATOM   1173 N N   . ILE A 1 147 ? -13.266 -2.701  2.644   1.00 4.42  ? 208 ILE A N   1 
ATOM   1174 C CA  . ILE A 1 147 ? -14.365 -1.864  2.173   1.00 4.82  ? 208 ILE A CA  1 
ATOM   1175 C C   . ILE A 1 147 ? -14.838 -2.372  0.820   1.00 4.60  ? 208 ILE A C   1 
ATOM   1176 O O   . ILE A 1 147 ? -14.051 -2.449  -0.117  1.00 5.54  ? 208 ILE A O   1 
ATOM   1177 C CB  . ILE A 1 147 ? -13.917 -0.391  2.044   1.00 5.54  ? 208 ILE A CB  1 
ATOM   1178 C CG1 . ILE A 1 147 ? -13.425 0.136   3.400   1.00 5.48  ? 208 ILE A CG1 1 
ATOM   1179 C CG2 . ILE A 1 147 ? -15.045 0.481   1.458   1.00 7.28  ? 208 ILE A CG2 1 
ATOM   1180 C CD1 . ILE A 1 147 ? -12.807 1.523   3.328   1.00 7.41  ? 208 ILE A CD1 1 
ATOM   1181 N N   . PRO A 1 148 ? -16.126 -2.737  0.705   1.00 5.34  ? 209 PRO A N   1 
ATOM   1182 C CA  . PRO A 1 148 ? -16.581 -3.263  -0.585  1.00 5.55  ? 209 PRO A CA  1 
ATOM   1183 C C   . PRO A 1 148 ? -16.503 -2.205  -1.674  1.00 5.20  ? 209 PRO A C   1 
ATOM   1184 O O   . PRO A 1 148 ? -16.577 -1.003  -1.398  1.00 5.30  ? 209 PRO A O   1 
ATOM   1185 C CB  . PRO A 1 148 ? -18.043 -3.652  -0.310  1.00 6.85  ? 209 PRO A CB  1 
ATOM   1186 C CG  . PRO A 1 148 ? -18.460 -2.774  0.818   1.00 7.81  ? 209 PRO A CG  1 
ATOM   1187 C CD  . PRO A 1 148 ? -17.222 -2.650  1.683   1.00 5.50  ? 209 PRO A CD  1 
ATOM   1188 N N   . ARG A 1 149 ? -16.356 -2.649  -2.915  1.00 6.10  ? 210 ARG A N   1 
ATOM   1189 C CA  . ARG A 1 149 ? -16.271 -1.711  -4.023  1.00 7.45  ? 210 ARG A CA  1 
ATOM   1190 C C   . ARG A 1 149 ? -17.464 -0.750  -4.094  1.00 7.56  ? 210 ARG A C   1 
ATOM   1191 O O   . ARG A 1 149 ? -17.314 0.398   -4.510  1.00 9.07  ? 210 ARG A O   1 
ATOM   1192 C CB  . ARG A 1 149 ? -16.118 -2.456  -5.342  1.00 8.25  ? 210 ARG A CB  1 
ATOM   1193 C CG  . ARG A 1 149 ? -15.692 -1.543  -6.463  1.00 8.82  ? 210 ARG A CG  1 
ATOM   1194 C CD  . ARG A 1 149 ? -15.514 -2.296  -7.760  1.00 9.87  ? 210 ARG A CD  1 
ATOM   1195 N NE  . ARG A 1 149 ? -15.115 -1.376  -8.817  1.00 11.53 ? 210 ARG A NE  1 
ATOM   1196 C CZ  . ARG A 1 149 ? -15.206 -1.649  -10.111 1.00 13.75 ? 210 ARG A CZ  1 
ATOM   1197 N NH1 . ARG A 1 149 ? -15.685 -2.824  -10.504 1.00 12.15 1 210 ARG A NH1 1 
ATOM   1198 N NH2 . ARG A 1 149 ? -14.823 -0.745  -11.008 1.00 13.33 ? 210 ARG A NH2 1 
ATOM   1199 N N   . SER A 1 150 ? -18.643 -1.216  -3.693  1.00 7.30  ? 211 SER A N   1 
ATOM   1200 C CA  . SER A 1 150 ? -19.830 -0.364  -3.674  1.00 7.67  ? 211 SER A CA  1 
ATOM   1201 C C   . SER A 1 150 ? -19.618 0.886   -2.817  1.00 7.60  ? 211 SER A C   1 
ATOM   1202 O O   . SER A 1 150 ? -20.333 1.887   -2.964  1.00 10.20 ? 211 SER A O   1 
ATOM   1203 C CB  . SER A 1 150 ? -21.036 -1.143  -3.148  1.00 8.70  ? 211 SER A CB  1 
ATOM   1204 O OG  . SER A 1 150 ? -20.820 -1.579  -1.818  1.00 8.39  ? 211 SER A OG  1 
ATOM   1205 N N   . GLN A 1 151 ? -18.636 0.825   -1.919  1.00 5.01  ? 212 GLN A N   1 
ATOM   1206 C CA  . GLN A 1 151 ? -18.324 1.951   -1.044  1.00 6.45  ? 212 GLN A CA  1 
ATOM   1207 C C   . GLN A 1 151 ? -16.964 2.581   -1.353  1.00 4.43  ? 212 GLN A C   1 
ATOM   1208 O O   . GLN A 1 151 ? -16.317 3.152   -0.478  1.00 5.14  ? 212 GLN A O   1 
ATOM   1209 C CB  . GLN A 1 151 ? -18.426 1.523   0.424   1.00 6.52  ? 212 GLN A CB  1 
ATOM   1210 C CG  . GLN A 1 151 ? -19.862 1.223   0.837   1.00 5.78  ? 212 GLN A CG  1 
ATOM   1211 C CD  . GLN A 1 151 ? -19.977 0.680   2.242   1.00 8.77  ? 212 GLN A CD  1 
ATOM   1212 O OE1 . GLN A 1 151 ? -19.130 -0.079  2.696   1.00 10.08 ? 212 GLN A OE1 1 
ATOM   1213 N NE2 . GLN A 1 151 ? -21.029 1.082   2.946   1.00 11.37 ? 212 GLN A NE2 1 
ATOM   1214 N N   . THR A 1 152 ? -16.535 2.479   -2.604  1.00 4.56  ? 213 THR A N   1 
ATOM   1215 C CA  . THR A 1 152 ? -15.307 3.145   -3.027  1.00 5.41  ? 213 THR A CA  1 
ATOM   1216 C C   . THR A 1 152 ? -15.303 4.624   -2.620  1.00 5.38  ? 213 THR A C   1 
ATOM   1217 O O   . THR A 1 152 ? -14.272 5.154   -2.184  1.00 5.65  ? 213 THR A O   1 
ATOM   1218 C CB  . THR A 1 152 ? -15.088 2.998   -4.547  1.00 5.60  ? 213 THR A CB  1 
ATOM   1219 O OG1 . THR A 1 152 ? -14.878 1.614   -4.853  1.00 6.24  ? 213 THR A OG1 1 
ATOM   1220 C CG2 . THR A 1 152 ? -13.878 3.791   -4.989  1.00 5.97  ? 213 THR A CG2 1 
ATOM   1221 N N   . GLU A 1 153 ? -16.447 5.292   -2.746  1.00 5.99  ? 214 GLU A N   1 
ATOM   1222 C CA  . GLU A 1 153 ? -16.524 6.707   -2.358  1.00 5.81  ? 214 GLU A CA  1 
ATOM   1223 C C   . GLU A 1 153 ? -16.092 6.912   -0.912  1.00 7.34  ? 214 GLU A C   1 
ATOM   1224 O O   . GLU A 1 153 ? -15.434 7.900   -0.586  1.00 7.99  ? 214 GLU A O   1 
ATOM   1225 C CB  . GLU A 1 153 ? -17.935 7.260   -2.554  1.00 11.21 ? 214 GLU A CB  1 
ATOM   1226 C CG  . GLU A 1 153 ? -18.342 7.455   -4.003  1.00 18.11 ? 214 GLU A CG  1 
ATOM   1227 C CD  . GLU A 1 153 ? -19.689 8.147   -4.126  1.00 24.19 ? 214 GLU A CD  1 
ATOM   1228 O OE1 . GLU A 1 153 ? -20.224 8.573   -3.076  1.00 23.16 ? 214 GLU A OE1 1 
ATOM   1229 O OE2 . GLU A 1 153 ? -20.210 8.263   -5.264  1.00 27.54 1 214 GLU A OE2 1 
ATOM   1230 N N   . LEU A 1 154 ? -16.467 5.975   -0.048  1.00 6.67  ? 215 LEU A N   1 
ATOM   1231 C CA  . LEU A 1 154 ? -16.067 6.042   1.353   1.00 6.23  ? 215 LEU A CA  1 
ATOM   1232 C C   . LEU A 1 154 ? -14.573 5.776   1.521   1.00 6.51  ? 215 LEU A C   1 
ATOM   1233 O O   . LEU A 1 154 ? -13.903 6.454   2.298   1.00 6.02  ? 215 LEU A O   1 
ATOM   1234 C CB  . LEU A 1 154 ? -16.882 5.079   2.212   1.00 5.70  ? 215 LEU A CB  1 
ATOM   1235 C CG  . LEU A 1 154 ? -18.387 5.349   2.298   1.00 6.41  ? 215 LEU A CG  1 
ATOM   1236 C CD1 . LEU A 1 154 ? -19.034 4.382   3.282   1.00 7.41  ? 215 LEU A CD1 1 
ATOM   1237 C CD2 . LEU A 1 154 ? -18.662 6.798   2.694   1.00 8.27  ? 215 LEU A CD2 1 
ATOM   1238 N N   . CYS A 1 155 ? -14.041 4.791   0.805   1.00 5.41  ? 216 CYS A N   1 
ATOM   1239 C CA  . CYS A 1 155 ? -12.600 4.573   0.853   1.00 5.81  ? 216 CYS A CA  1 
ATOM   1240 C C   . CYS A 1 155 ? -11.849 5.849   0.461   1.00 6.21  ? 216 CYS A C   1 
ATOM   1241 O O   . CYS A 1 155 ? -10.883 6.236   1.115   1.00 5.72  ? 216 CYS A O   1 
ATOM   1242 C CB  . CYS A 1 155 ? -12.182 3.402   -0.039  1.00 5.53  ? 216 CYS A CB  1 
ATOM   1243 S SG  . CYS A 1 155 ? -10.467 2.909   0.258   1.00 6.51  ? 216 CYS A SG  1 
ATOM   1244 N N   . THR A 1 156 ? -12.300 6.496   -0.612  1.00 6.23  ? 217 THR A N   1 
ATOM   1245 C CA  . THR A 1 156 ? -11.691 7.744   -1.068  1.00 5.72  ? 217 THR A CA  1 
ATOM   1246 C C   . THR A 1 156 ? -11.766 8.809   0.023   1.00 6.70  ? 217 THR A C   1 
ATOM   1247 O O   . THR A 1 156 ? -10.785 9.513   0.290   1.00 7.75  ? 217 THR A O   1 
ATOM   1248 C CB  . THR A 1 156 ? -12.367 8.242   -2.360  1.00 4.76  ? 217 THR A CB  1 
ATOM   1249 O OG1 . THR A 1 156 ? -12.201 7.253   -3.386  1.00 4.81  ? 217 THR A OG1 1 
ATOM   1250 C CG2 . THR A 1 156 ? -11.763 9.573   -2.815  1.00 7.44  ? 217 THR A CG2 1 
ATOM   1251 N N   . GLN A 1 157 ? -12.925 8.902   0.669   1.00 6.02  ? 218 GLN A N   1 
ATOM   1252 C CA  . GLN A 1 157 ? -13.126 9.826   1.778   1.00 6.32  ? 218 GLN A CA  1 
ATOM   1253 C C   . GLN A 1 157 ? -12.157 9.556   2.930   1.00 8.08  ? 218 GLN A C   1 
ATOM   1254 O O   . GLN A 1 157 ? -11.570 10.484  3.478   1.00 7.34  ? 218 GLN A O   1 
ATOM   1255 C CB  . GLN A 1 157 ? -14.570 9.744   2.268   1.00 8.00  ? 218 GLN A CB  1 
ATOM   1256 C CG  . GLN A 1 157 ? -14.889 10.633  3.451   1.00 11.32 ? 218 GLN A CG  1 
ATOM   1257 C CD  . GLN A 1 157 ? -16.296 10.404  3.962   1.00 14.70 ? 218 GLN A CD  1 
ATOM   1258 O OE1 . GLN A 1 157 ? -17.260 10.412  3.188   1.00 15.12 ? 218 GLN A OE1 1 
ATOM   1259 N NE2 . GLN A 1 157 ? -16.424 10.169  5.268   1.00 14.61 ? 218 GLN A NE2 1 
ATOM   1260 N N   . TYR A 1 158 ? -11.995 8.288   3.299   1.00 5.40  ? 219 TYR A N   1 
ATOM   1261 C CA  . TYR A 1 158 ? -11.108 7.930   4.408   1.00 5.52  ? 219 TYR A CA  1 
ATOM   1262 C C   . TYR A 1 158 ? -9.636  8.180   4.079   1.00 5.33  ? 219 TYR A C   1 
ATOM   1263 O O   . TYR A 1 158 ? -8.900  8.713   4.898   1.00 7.12  ? 219 TYR A O   1 
ATOM   1264 C CB  . TYR A 1 158 ? -11.313 6.472   4.835   1.00 6.58  ? 219 TYR A CB  1 
ATOM   1265 C CG  . TYR A 1 158 ? -12.744 6.140   5.200   1.00 5.12  ? 219 TYR A CG  1 
ATOM   1266 C CD1 . TYR A 1 158 ? -13.570 7.077   5.802   1.00 7.71  ? 219 TYR A CD1 1 
ATOM   1267 C CD2 . TYR A 1 158 ? -13.273 4.891   4.908   1.00 6.69  ? 219 TYR A CD2 1 
ATOM   1268 C CE1 . TYR A 1 158 ? -14.886 6.770   6.117   1.00 9.08  ? 219 TYR A CE1 1 
ATOM   1269 C CE2 . TYR A 1 158 ? -14.577 4.576   5.217   1.00 7.03  ? 219 TYR A CE2 1 
ATOM   1270 C CZ  . TYR A 1 158 ? -15.378 5.518   5.823   1.00 8.01  ? 219 TYR A CZ  1 
ATOM   1271 O OH  . TYR A 1 158 ? -16.687 5.205   6.133   1.00 9.63  ? 219 TYR A OH  1 
ATOM   1272 N N   . ILE A 1 159 ? -9.205  7.785   2.889   1.00 5.50  ? 220 ILE A N   1 
ATOM   1273 C CA  . ILE A 1 159 ? -7.837  8.052   2.457   1.00 4.76  ? 220 ILE A CA  1 
ATOM   1274 C C   . ILE A 1 159 ? -7.529  9.545   2.544   1.00 5.91  ? 220 ILE A C   1 
ATOM   1275 O O   . ILE A 1 159 ? -6.451  9.952   2.977   1.00 6.59  ? 220 ILE A O   1 
ATOM   1276 C CB  . ILE A 1 159 ? -7.618  7.579   1.002   1.00 4.06  ? 220 ILE A CB  1 
ATOM   1277 C CG1 . ILE A 1 159 ? -7.559  6.044   0.924   1.00 5.86  ? 220 ILE A CG1 1 
ATOM   1278 C CG2 . ILE A 1 159 ? -6.354  8.193   0.419   1.00 4.78  ? 220 ILE A CG2 1 
ATOM   1279 C CD1 . ILE A 1 159 ? -6.269  5.433   1.468   1.00 5.56  ? 220 ILE A CD1 1 
ATOM   1280 N N   . ASN A 1 160 ? -8.492  10.363  2.143   1.00 6.34  ? 221 ASN A N   1 
ATOM   1281 C CA  . ASN A 1 160 ? -8.256  11.796  2.013   1.00 7.37  ? 221 ASN A CA  1 
ATOM   1282 C C   . ASN A 1 160 ? -8.559  12.634  3.237   1.00 8.35  ? 221 ASN A C   1 
ATOM   1283 O O   . ASN A 1 160 ? -7.997  13.715  3.393   1.00 9.34  ? 221 ASN A O   1 
ATOM   1284 C CB  . ASN A 1 160 ? -9.001  12.340  0.798   1.00 5.36  ? 221 ASN A CB  1 
ATOM   1285 C CG  . ASN A 1 160 ? -8.315  11.966  -0.486  1.00 5.53  ? 221 ASN A CG  1 
ATOM   1286 O OD1 . ASN A 1 160 ? -7.121  12.200  -0.638  1.00 7.45  ? 221 ASN A OD1 1 
ATOM   1287 N ND2 . ASN A 1 160 ? -9.048  11.362  -1.406  1.00 8.51  ? 221 ASN A ND2 1 
ATOM   1288 N N   . ASN A 1 161 ? -9.441  12.141  4.102   1.00 6.70  ? 222 ASN A N   1 
ATOM   1289 C CA  . ASN A 1 161 ? -9.868  12.931  5.249   1.00 7.23  ? 222 ASN A CA  1 
ATOM   1290 C C   . ASN A 1 161 ? -9.732  12.206  6.582   1.00 8.49  ? 222 ASN A C   1 
ATOM   1291 O O   . ASN A 1 161 ? -9.983  12.789  7.637   1.00 11.34 ? 222 ASN A O   1 
ATOM   1292 C CB  . ASN A 1 161 ? -11.302 13.418  5.035   1.00 10.87 ? 222 ASN A CB  1 
ATOM   1293 C CG  . ASN A 1 161 ? -11.486 14.087  3.675   1.00 16.22 ? 222 ASN A CG  1 
ATOM   1294 O OD1 . ASN A 1 161 ? -11.134 15.249  3.491   1.00 19.08 ? 222 ASN A OD1 1 
ATOM   1295 N ND2 . ASN A 1 161 ? -12.021 13.343  2.716   1.00 20.45 ? 222 ASN A ND2 1 
ATOM   1296 N N   . GLY A 1 162 ? -9.326  10.940  6.527   1.00 6.51  ? 223 GLY A N   1 
ATOM   1297 C CA  . GLY A 1 162 ? -9.262  10.107  7.712   1.00 7.81  ? 223 GLY A CA  1 
ATOM   1298 C C   . GLY A 1 162 ? -10.608 9.481   8.035   1.00 8.60  ? 223 GLY A C   1 
ATOM   1299 O O   . GLY A 1 162 ? -11.624 9.782   7.398   1.00 8.39  ? 223 GLY A O   1 
ATOM   1300 N N   . LEU A 1 163 ? -10.618 8.602   9.029   1.00 9.28  ? 224 LEU A N   1 
ATOM   1301 C CA  . LEU A 1 163 ? -11.865 7.979   9.465   1.00 12.93 ? 224 LEU A CA  1 
ATOM   1302 C C   . LEU A 1 163 ? -12.718 9.007   10.198  1.00 18.62 ? 224 LEU A C   1 
ATOM   1303 O O   . LEU A 1 163 ? -12.189 9.844   10.940  1.00 20.30 ? 224 LEU A O   1 
ATOM   1304 C CB  . LEU A 1 163 ? -11.587 6.782   10.382  1.00 13.89 ? 224 LEU A CB  1 
ATOM   1305 C CG  . LEU A 1 163 ? -10.619 5.716   9.873   1.00 16.19 ? 224 LEU A CG  1 
ATOM   1306 C CD1 . LEU A 1 163 ? -10.476 4.597   10.896  1.00 17.90 ? 224 LEU A CD1 1 
ATOM   1307 C CD2 . LEU A 1 163 ? -11.082 5.167   8.537   1.00 18.50 ? 224 LEU A CD2 1 
HETATM 1308 C C1  . GLA B 2 .   ? 0.046   2.739   -17.428 1.00 8.79  ? 1   GLA B C1  1 
HETATM 1309 C C2  . GLA B 2 .   ? 0.658   1.385   -17.301 1.00 8.34  ? 1   GLA B C2  1 
HETATM 1310 C C3  . GLA B 2 .   ? -0.157  0.429   -16.532 1.00 7.12  ? 1   GLA B C3  1 
HETATM 1311 C C4  . GLA B 2 .   ? -0.616  0.987   -15.265 1.00 7.77  ? 1   GLA B C4  1 
HETATM 1312 C C5  . GLA B 2 .   ? -1.268  2.353   -15.485 1.00 9.05  ? 1   GLA B C5  1 
HETATM 1313 C C6  . GLA B 2 .   ? -1.735  2.963   -14.205 1.00 11.13 ? 1   GLA B C6  1 
HETATM 1314 O O1  . GLA B 2 .   ? -1.034  2.704   -18.273 1.00 9.61  ? 1   GLA B O1  1 
HETATM 1315 O O2  . GLA B 2 .   ? 0.892   0.841   -18.622 1.00 9.36  ? 1   GLA B O2  1 
HETATM 1316 O O3  . GLA B 2 .   ? 0.672   -0.765  -16.365 1.00 7.22  ? 1   GLA B O3  1 
HETATM 1317 O O4  . GLA B 2 .   ? 0.435   1.131   -14.334 1.00 8.48  ? 1   GLA B O4  1 
HETATM 1318 O O5  . GLA B 2 .   ? -0.382  3.255   -16.105 1.00 9.08  ? 1   GLA B O5  1 
HETATM 1319 O O6  . GLA B 2 .   ? -2.275  4.238   -14.314 1.00 18.20 ? 1   GLA B O6  1 
HETATM 1320 C C1  . FUC B 2 .   ? 2.229   0.970   -19.051 1.00 8.86  ? 2   FUC B C1  1 
HETATM 1321 C C2  . FUC B 2 .   ? 2.399   0.165   -20.322 1.00 9.40  ? 2   FUC B C2  1 
HETATM 1322 C C3  . FUC B 2 .   ? 1.552   0.704   -21.411 1.00 11.41 ? 2   FUC B C3  1 
HETATM 1323 C C4  . FUC B 2 .   ? 1.765   2.093   -21.638 1.00 10.15 ? 2   FUC B C4  1 
HETATM 1324 C C5  . FUC B 2 .   ? 1.663   2.885   -20.361 1.00 9.36  ? 2   FUC B C5  1 
HETATM 1325 C C6  . FUC B 2 .   ? 1.986   4.299   -20.587 1.00 9.24  ? 2   FUC B C6  1 
HETATM 1326 O O2  . FUC B 2 .   ? 2.077   -1.177  -20.111 1.00 10.91 ? 2   FUC B O2  1 
HETATM 1327 O O3  . FUC B 2 .   ? 1.755   -0.057  -22.635 1.00 12.68 ? 2   FUC B O3  1 
HETATM 1328 O O4  . FUC B 2 .   ? 3.041   2.328   -22.250 1.00 9.28  ? 2   FUC B O4  1 
HETATM 1329 O O5  . FUC B 2 .   ? 2.522   2.320   -19.287 1.00 8.82  ? 2   FUC B O5  1 
HETATM 1330 O O5  . A2G B 2 .   ? -1.026  -2.318  -16.820 1.00 8.27  ? 3   A2G B O5  1 
HETATM 1331 C C1  . A2G B 2 .   ? 0.051   -1.890  -15.918 1.00 7.80  ? 3   A2G B C1  1 
HETATM 1332 C C2  . A2G B 2 .   ? 1.074   -2.958  -15.801 1.00 8.62  ? 3   A2G B C2  1 
HETATM 1333 N N2  . A2G B 2 .   ? 2.189   -2.421  -14.928 1.00 7.50  ? 3   A2G B N2  1 
HETATM 1334 C C3  . A2G B 2 .   ? 1.599   -3.348  -17.076 1.00 9.98  ? 3   A2G B C3  1 
HETATM 1335 O O3  . A2G B 2 .   ? 2.580   -4.411  -16.921 1.00 12.03 ? 3   A2G B O3  1 
HETATM 1336 C C4  . A2G B 2 .   ? 0.547   -3.736  -18.020 1.00 9.59  ? 3   A2G B C4  1 
HETATM 1337 O O4  . A2G B 2 .   ? -0.019  -4.991  -17.674 1.00 11.47 ? 3   A2G B O4  1 
HETATM 1338 C C5  . A2G B 2 .   ? -0.544  -2.693  -18.089 1.00 9.48  ? 3   A2G B C5  1 
HETATM 1339 C C6  . A2G B 2 .   ? -1.717  -3.160  -18.902 1.00 12.85 ? 3   A2G B C6  1 
HETATM 1340 O O6  . A2G B 2 .   ? -2.751  -2.173  -19.078 1.00 18.63 ? 3   A2G B O6  1 
HETATM 1341 C C7  . A2G B 2 .   ? 2.684   -3.185  -13.843 1.00 4.43  ? 3   A2G B C7  1 
HETATM 1342 O O7  . A2G B 2 .   ? 2.215   -4.283  -13.588 1.00 5.23  ? 3   A2G B O7  1 
HETATM 1343 C C8  . A2G B 2 .   ? 3.828   -2.592  -12.967 1.00 7.40  ? 3   A2G B C8  1 
HETATM 1344 O O   . HOH C 3 .   ? 12.580  -7.120  -10.697 1.00 5.22  ? 401 HOH A O   1 
HETATM 1345 O O   . HOH C 3 .   ? 10.830  4.168   6.005   1.00 5.90  ? 402 HOH A O   1 
HETATM 1346 O O   . HOH C 3 .   ? 13.028  11.265  10.874  1.00 7.78  ? 403 HOH A O   1 
HETATM 1347 O O   . HOH C 3 .   ? 10.232  -3.527  -11.249 1.00 5.83  ? 404 HOH A O   1 
HETATM 1348 O O   . HOH C 3 .   ? 12.953  -3.467  -11.068 1.00 7.68  ? 405 HOH A O   1 
HETATM 1349 O O   . HOH C 3 .   ? -9.512  -6.745  -3.289  1.00 5.48  ? 406 HOH A O   1 
HETATM 1350 O O   . HOH C 3 .   ? 7.514   -7.651  -1.623  1.00 9.52  ? 407 HOH A O   1 
HETATM 1351 O O   . HOH C 3 .   ? -6.615  -8.801  -8.972  1.00 6.29  ? 408 HOH A O   1 
HETATM 1352 O O   . HOH C 3 .   ? -2.642  3.718   -1.295  1.00 4.93  ? 409 HOH A O   1 
HETATM 1353 O O   . HOH C 3 .   ? 9.190   -9.678  3.778   1.00 8.86  ? 410 HOH A O   1 
HETATM 1354 O O   . HOH C 3 .   ? -16.140 -1.471  5.639   1.00 8.02  ? 411 HOH A O   1 
HETATM 1355 O O   . HOH C 3 .   ? 15.609  -4.574  -4.529  1.00 7.30  ? 412 HOH A O   1 
HETATM 1356 O O   . HOH C 3 .   ? -3.937  17.776  -2.863  1.00 8.66  ? 413 HOH A O   1 
HETATM 1357 O O   . HOH C 3 .   ? -4.248  8.632   3.761   1.00 6.90  ? 414 HOH A O   1 
HETATM 1358 O O   . HOH C 3 .   ? -8.981  -9.604  -10.198 1.00 7.59  ? 415 HOH A O   1 
HETATM 1359 O O   . HOH C 3 .   ? 9.398   9.665   -4.490  1.00 8.56  ? 416 HOH A O   1 
HETATM 1360 O O   . HOH C 3 .   ? -3.135  14.227  -5.917  1.00 9.98  ? 417 HOH A O   1 
HETATM 1361 O O   . HOH C 3 .   ? -19.447 -4.040  -3.745  1.00 8.83  ? 418 HOH A O   1 
HETATM 1362 O O   . HOH C 3 .   ? -8.213  -9.976  13.176  1.00 8.59  ? 419 HOH A O   1 
HETATM 1363 O O   . HOH C 3 .   ? -4.173  -5.515  -16.725 1.00 10.31 ? 420 HOH A O   1 
HETATM 1364 O O   . HOH C 3 .   ? -6.509  -10.739 10.898  1.00 9.17  ? 421 HOH A O   1 
HETATM 1365 O O   . HOH C 3 .   ? 16.987  13.348  6.619   1.00 11.35 ? 422 HOH A O   1 
HETATM 1366 O O   . HOH C 3 .   ? 15.804  10.663  -3.760  1.00 10.07 ? 423 HOH A O   1 
HETATM 1367 O O   . HOH C 3 .   ? -17.055 0.689   4.337   1.00 11.53 ? 424 HOH A O   1 
HETATM 1368 O O   . HOH C 3 .   ? 1.492   -9.964  -14.209 1.00 9.85  ? 425 HOH A O   1 
HETATM 1369 O O   . HOH C 3 .   ? -4.352  16.401  3.548   1.00 12.88 ? 426 HOH A O   1 
HETATM 1370 O O   . HOH C 3 .   ? 5.171   4.746   -12.507 1.00 11.78 ? 427 HOH A O   1 
HETATM 1371 O O   . HOH C 3 .   ? -8.243  8.382   10.634  1.00 11.07 ? 428 HOH A O   1 
HETATM 1372 O O   . HOH C 3 .   ? -9.343  -0.819  -18.032 1.00 12.60 ? 429 HOH A O   1 
HETATM 1373 O O   . HOH C 3 .   ? -8.818  20.180  -3.165  1.00 10.72 ? 430 HOH A O   1 
HETATM 1374 O O   . HOH C 3 .   ? 6.578   18.131  -0.831  1.00 11.85 ? 431 HOH A O   1 
HETATM 1375 O O   . HOH C 3 .   ? -17.719 2.692   6.105   1.00 10.17 ? 432 HOH A O   1 
HETATM 1376 O O   . HOH C 3 .   ? -23.003 -0.512  -0.339  1.00 14.59 ? 433 HOH A O   1 
HETATM 1377 O O   . HOH C 3 .   ? 13.527  13.708  9.856   1.00 11.33 ? 434 HOH A O   1 
HETATM 1378 O O   . HOH C 3 .   ? 14.456  1.436   -10.915 1.00 9.61  ? 435 HOH A O   1 
HETATM 1379 O O   . HOH C 3 .   ? -0.369  -14.388 -13.578 1.00 13.53 ? 436 HOH A O   1 
HETATM 1380 O O   . HOH C 3 .   ? 4.719   16.005  -0.591  1.00 15.92 ? 437 HOH A O   1 
HETATM 1381 O O   . HOH C 3 .   ? -14.921 -4.064  -12.979 1.00 16.07 ? 438 HOH A O   1 
HETATM 1382 O O   . HOH C 3 .   ? 0.901   7.113   -9.275  1.00 13.49 ? 439 HOH A O   1 
HETATM 1383 O O   . HOH C 3 .   ? -14.031 10.886  6.977   1.00 16.50 ? 440 HOH A O   1 
HETATM 1384 O O   . HOH C 3 .   ? 11.378  -4.320  7.016   1.00 13.26 ? 441 HOH A O   1 
HETATM 1385 O O   . HOH C 3 .   ? 3.391   -2.323  12.827  1.00 17.44 ? 442 HOH A O   1 
HETATM 1386 O O   . HOH C 3 .   ? 13.318  -9.612  -2.278  1.00 9.53  ? 443 HOH A O   1 
HETATM 1387 O O   . HOH C 3 .   ? 17.570  -2.841  -3.868  1.00 14.16 ? 444 HOH A O   1 
HETATM 1388 O O   . HOH C 3 .   ? -8.547  -6.177  -17.115 1.00 14.16 ? 445 HOH A O   1 
HETATM 1389 O O   . HOH C 3 .   ? 15.978  -7.377  -4.624  1.00 11.91 ? 446 HOH A O   1 
HETATM 1390 O O   . HOH C 3 .   ? -9.588  -14.499 -3.733  1.00 17.76 ? 447 HOH A O   1 
HETATM 1391 O O   . HOH C 3 .   ? 0.488   -15.278 -3.370  1.00 8.91  ? 448 HOH A O   1 
HETATM 1392 O O   . HOH C 3 .   ? -18.281 -5.028  9.625   1.00 10.30 ? 449 HOH A O   1 
HETATM 1393 O O   . HOH C 3 .   ? -6.870  -15.922 -11.153 1.00 10.93 ? 450 HOH A O   1 
HETATM 1394 O O   . HOH C 3 .   ? -5.838  -11.068 -10.363 1.00 7.78  ? 451 HOH A O   1 
HETATM 1395 O O   . HOH C 3 .   ? 12.179  3.229   -10.000 1.00 14.01 ? 452 HOH A O   1 
HETATM 1396 O O   . HOH C 3 .   ? 22.095  4.565   4.336   1.00 13.67 ? 453 HOH A O   1 
HETATM 1397 O O   . HOH C 3 .   ? -20.152 -2.214  4.005   1.00 13.99 ? 454 HOH A O   1 
HETATM 1398 O O   . HOH C 3 .   ? 21.361  10.782  2.953   1.00 21.01 ? 455 HOH A O   1 
HETATM 1399 O O   . HOH C 3 .   ? 2.686   16.267  -2.466  1.00 12.99 ? 456 HOH A O   1 
HETATM 1400 O O   . HOH C 3 .   ? 17.304  10.747  5.429   1.00 13.36 ? 457 HOH A O   1 
HETATM 1401 O O   . HOH C 3 .   ? -11.668 -11.662 -11.336 1.00 13.05 ? 458 HOH A O   1 
HETATM 1402 O O   . HOH C 3 .   ? -17.490 -5.859  -3.308  1.00 14.03 ? 459 HOH A O   1 
HETATM 1403 O O   . HOH C 3 .   ? -21.266 -4.214  -1.545  1.00 11.55 ? 460 HOH A O   1 
HETATM 1404 O O   . HOH C 3 .   ? 5.773   -9.714  -2.087  1.00 12.83 ? 461 HOH A O   1 
HETATM 1405 O O   . HOH C 3 .   ? 0.218   0.639   -24.780 1.00 20.09 ? 462 HOH A O   1 
HETATM 1406 O O   . HOH C 3 .   ? -18.984 4.244   -3.899  1.00 20.11 ? 463 HOH A O   1 
HETATM 1407 O O   . HOH C 3 .   ? -10.790 -9.332  13.798  1.00 14.49 ? 464 HOH A O   1 
HETATM 1408 O O   . HOH C 3 .   ? 9.343   13.596  10.604  1.00 11.67 ? 465 HOH A O   1 
HETATM 1409 O O   . HOH C 3 .   ? 9.462   20.715  0.586   1.00 14.73 ? 466 HOH A O   1 
HETATM 1410 O O   . HOH C 3 .   ? -7.257  3.208   12.414  1.00 16.38 ? 467 HOH A O   1 
HETATM 1411 O O   . HOH C 3 .   ? 11.517  9.050   -2.930  1.00 16.33 ? 468 HOH A O   1 
HETATM 1412 O O   . HOH C 3 .   ? 4.204   -0.160  9.216   1.00 13.46 ? 469 HOH A O   1 
HETATM 1413 O O   . HOH C 3 .   ? -10.883 2.549   14.157  1.00 15.90 ? 470 HOH A O   1 
HETATM 1414 O O   . HOH C 3 .   ? 2.511   -0.219  11.533  1.00 9.42  ? 471 HOH A O   1 
HETATM 1415 O O   . HOH C 3 .   ? 19.976  -4.353  -1.715  1.00 15.53 ? 472 HOH A O   1 
HETATM 1416 O O   . HOH C 3 .   ? 21.904  7.365   3.842   1.00 15.70 ? 473 HOH A O   1 
HETATM 1417 O O   . HOH C 3 .   ? 15.602  -8.680  -12.881 1.00 12.67 ? 474 HOH A O   1 
HETATM 1418 O O   . HOH C 3 .   ? -19.880 9.930   3.758   1.00 20.08 ? 475 HOH A O   1 
HETATM 1419 O O   . HOH C 3 .   ? -1.699  -0.844  12.614  1.00 13.41 ? 476 HOH A O   1 
HETATM 1420 O O   . HOH C 3 .   ? 13.754  15.250  1.040   1.00 13.58 ? 477 HOH A O   1 
HETATM 1421 O O   . HOH C 3 .   ? 5.977   -9.234  -16.437 1.00 12.99 ? 478 HOH A O   1 
HETATM 1422 O O   . HOH C 3 .   ? 12.599  7.041   -3.905  1.00 17.33 ? 479 HOH A O   1 
HETATM 1423 O O   . HOH C 3 .   ? -14.175 7.545   -5.254  1.00 14.30 ? 480 HOH A O   1 
HETATM 1424 O O   . HOH C 3 .   ? -9.938  12.228  -4.903  1.00 14.78 ? 481 HOH A O   1 
HETATM 1425 O O   . HOH C 3 .   ? -21.519 9.933   14.028  1.00 15.95 ? 482 HOH A O   1 
HETATM 1426 O O   . HOH C 3 .   ? 15.447  13.479  -3.078  1.00 11.91 ? 483 HOH A O   1 
HETATM 1427 O O   . HOH C 3 .   ? 13.504  -12.763 6.470   1.00 19.43 ? 484 HOH A O   1 
HETATM 1428 O O   . HOH C 3 .   ? 18.609  -10.899 2.781   1.00 12.25 ? 485 HOH A O   1 
HETATM 1429 O O   . HOH C 3 .   ? -5.524  -7.781  -15.978 1.00 13.55 ? 486 HOH A O   1 
HETATM 1430 O O   . HOH C 3 .   ? -8.581  -6.575  15.712  1.00 20.33 ? 487 HOH A O   1 
HETATM 1431 O O   . HOH C 3 .   ? -15.270 -10.906 -3.829  1.00 15.98 ? 488 HOH A O   1 
HETATM 1432 O O   . HOH C 3 .   ? 16.080  -9.383  -2.648  1.00 14.25 ? 489 HOH A O   1 
HETATM 1433 O O   . HOH C 3 .   ? -14.980 10.270  -4.641  1.00 25.24 ? 490 HOH A O   1 
HETATM 1434 O O   . HOH C 3 .   ? 16.887  18.527  8.511   1.00 26.38 ? 491 HOH A O   1 
HETATM 1435 O O   . HOH C 3 .   ? 10.246  -15.152 -11.236 1.00 22.54 ? 492 HOH A O   1 
HETATM 1436 O O   . HOH C 3 .   ? 9.977   -2.354  8.320   1.00 17.60 ? 493 HOH A O   1 
HETATM 1437 O O   . HOH C 3 .   ? -16.238 -1.464  -13.550 1.00 15.01 ? 494 HOH A O   1 
HETATM 1438 O O   . HOH C 3 .   ? -11.880 -14.349 -7.591  1.00 18.28 ? 495 HOH A O   1 
HETATM 1439 O O   . HOH C 3 .   ? 8.224   -10.246 -15.225 1.00 15.90 ? 496 HOH A O   1 
HETATM 1440 O O   . HOH C 3 .   ? -11.553 -13.374 -4.759  1.00 15.03 ? 497 HOH A O   1 
HETATM 1441 O O   . HOH C 3 .   ? -14.241 1.263   -7.754  1.00 15.84 ? 498 HOH A O   1 
HETATM 1442 O O   . HOH C 3 .   ? -6.413  -16.749 3.080   1.00 17.53 ? 499 HOH A O   1 
HETATM 1443 O O   . HOH C 3 .   ? -7.120  -6.860  -19.111 1.00 19.98 ? 500 HOH A O   1 
HETATM 1444 O O   . HOH C 3 .   ? 16.234  -6.586  -11.340 1.00 16.01 ? 501 HOH A O   1 
HETATM 1445 O O   . HOH C 3 .   ? -15.245 1.202   12.444  1.00 16.18 ? 502 HOH A O   1 
HETATM 1446 O O   . HOH C 3 .   ? -4.881  -5.226  -19.292 1.00 16.54 ? 503 HOH A O   1 
HETATM 1447 O O   . HOH C 3 .   ? 4.678   -9.155  7.359   1.00 22.13 ? 504 HOH A O   1 
HETATM 1448 O O   . HOH C 3 .   ? 7.110   -16.107 -4.117  1.00 13.27 ? 505 HOH A O   1 
HETATM 1449 O O   . HOH C 3 .   ? 23.597  3.533   2.503   1.00 15.81 ? 506 HOH A O   1 
HETATM 1450 O O   . HOH C 3 .   ? 20.873  4.093   -5.131  1.00 20.84 ? 507 HOH A O   1 
HETATM 1451 O O   . HOH C 3 .   ? 9.123   -11.334 5.896   1.00 14.54 ? 508 HOH A O   1 
HETATM 1452 O O   . HOH C 3 .   ? 0.174   15.984  7.866   1.00 17.96 ? 509 HOH A O   1 
HETATM 1453 O O   . HOH C 3 .   ? 5.641   13.710  0.227   1.00 15.94 ? 510 HOH A O   1 
HETATM 1454 O O   . HOH C 3 .   ? -2.979  -8.822  -18.834 1.00 20.88 ? 511 HOH A O   1 
HETATM 1455 O O   . HOH C 3 .   ? 1.661   -2.621  -22.133 1.00 15.15 ? 512 HOH A O   1 
HETATM 1456 O O   . HOH C 3 .   ? 14.791  -17.864 -6.065  1.00 21.06 ? 513 HOH A O   1 
HETATM 1457 O O   . HOH C 3 .   ? -20.520 2.809   6.069   1.00 21.59 ? 514 HOH A O   1 
HETATM 1458 O O   . HOH C 3 .   ? -1.144  7.340   -10.899 1.00 19.25 ? 515 HOH A O   1 
HETATM 1459 O O   . HOH C 3 .   ? 19.784  13.368  6.547   1.00 18.58 ? 516 HOH A O   1 
HETATM 1460 O O   . HOH C 3 .   ? 2.362   -16.116 -1.604  1.00 24.69 ? 517 HOH A O   1 
HETATM 1461 O O   . HOH C 3 .   ? -8.237  -12.059 -12.942 1.00 24.77 ? 518 HOH A O   1 
HETATM 1462 O O   . HOH C 3 .   ? -9.916  -3.715  -17.623 1.00 12.76 ? 519 HOH A O   1 
HETATM 1463 O O   . HOH C 3 .   ? 0.466   -15.696 -11.190 1.00 12.37 ? 520 HOH A O   1 
HETATM 1464 O O   . HOH C 3 .   ? -3.860  -17.850 -1.910  1.00 14.66 ? 521 HOH A O   1 
HETATM 1465 O O   . HOH C 3 .   ? -0.705  11.356  -8.654  1.00 24.57 ? 522 HOH A O   1 
HETATM 1466 O O   . HOH C 3 .   ? 15.153  -10.646 -5.318  1.00 15.81 ? 523 HOH A O   1 
HETATM 1467 O O   . HOH C 3 .   ? -17.762 13.716  5.831   1.00 21.50 ? 524 HOH A O   1 
HETATM 1468 O O   . HOH C 3 .   ? -4.689  1.565   13.073  1.00 15.44 ? 525 HOH A O   1 
HETATM 1469 O O   . HOH C 3 .   ? -18.597 6.970   6.821   1.00 21.25 ? 526 HOH A O   1 
HETATM 1470 O O   . HOH C 3 .   ? -10.149 -14.982 -1.095  1.00 19.36 ? 527 HOH A O   1 
HETATM 1471 O O   . HOH C 3 .   ? -1.708  5.344   -18.071 1.00 17.14 ? 528 HOH A O   1 
HETATM 1472 O O   . HOH C 3 .   ? 7.237   -2.978  9.589   1.00 21.66 ? 529 HOH A O   1 
HETATM 1473 O O   . HOH C 3 .   ? -4.998  -18.378 -9.087  1.00 19.91 ? 530 HOH A O   1 
HETATM 1474 O O   . HOH C 3 .   ? 16.062  14.469  8.813   1.00 14.93 ? 531 HOH A O   1 
HETATM 1475 O O   . HOH C 3 .   ? 1.832   -12.501 8.038   1.00 19.14 ? 532 HOH A O   1 
HETATM 1476 O O   . HOH C 3 .   ? -0.950  18.261  7.647   1.00 28.37 ? 533 HOH A O   1 
HETATM 1477 O O   . HOH C 3 .   ? 0.032   -1.079  14.525  1.00 24.89 ? 534 HOH A O   1 
HETATM 1478 O O   . HOH C 3 .   ? 0.581   20.519  5.176   1.00 22.02 ? 535 HOH A O   1 
HETATM 1479 O O   . HOH C 3 .   ? -12.288 12.563  -0.589  1.00 16.85 ? 536 HOH A O   1 
HETATM 1480 O O   . HOH C 3 .   ? -4.135  0.845   15.590  1.00 24.21 ? 537 HOH A O   1 
HETATM 1481 O O   . HOH C 3 .   ? -2.522  18.680  1.147   1.00 14.60 ? 538 HOH A O   1 
HETATM 1482 O O   . HOH C 3 .   ? 7.604   -17.741 -6.390  1.00 22.41 ? 539 HOH A O   1 
HETATM 1483 O O   . HOH C 3 .   ? -16.856 1.867   14.594  1.00 19.87 ? 540 HOH A O   1 
HETATM 1484 O O   . HOH C 3 .   ? -5.296  -14.974 7.855   1.00 19.67 ? 541 HOH A O   1 
HETATM 1485 O O   . HOH C 3 .   ? -10.383 12.130  10.297  1.00 17.50 ? 542 HOH A O   1 
HETATM 1486 O O   . HOH C 3 .   ? 8.364   -0.908  11.199  1.00 25.90 ? 543 HOH A O   1 
HETATM 1487 O O   . HOH C 3 .   ? 3.212   16.421  10.390  1.00 19.63 ? 544 HOH A O   1 
HETATM 1488 O O   . HOH C 3 .   ? -0.203  5.870   -13.452 1.00 27.73 ? 545 HOH A O   1 
HETATM 1489 O O   . HOH C 3 .   ? 16.111  16.614  7.106   1.00 17.00 ? 546 HOH A O   1 
HETATM 1490 O O   . HOH C 3 .   ? -20.006 4.748   8.361   1.00 19.75 ? 547 HOH A O   1 
HETATM 1491 O O   . HOH C 3 .   ? 14.413  3.772   -7.296  1.00 22.80 ? 548 HOH A O   1 
HETATM 1492 O O   . HOH C 3 .   ? 22.468  -5.498  5.336   1.00 22.63 ? 549 HOH A O   1 
HETATM 1493 O O   . HOH C 3 .   ? 2.471   11.563  -3.913  1.00 26.50 ? 550 HOH A O   1 
HETATM 1494 O O   . HOH C 3 .   ? 4.146   -6.859  5.032   1.00 25.21 ? 551 HOH A O   1 
HETATM 1495 O O   . HOH C 3 .   ? -8.247  -11.874 9.118   1.00 20.17 ? 552 HOH A O   1 
HETATM 1496 O O   . HOH C 3 .   ? 18.709  8.684   6.457   1.00 16.33 ? 553 HOH A O   1 
HETATM 1497 O O   . HOH C 3 .   ? 3.805   18.907  1.598   1.00 15.85 ? 554 HOH A O   1 
HETATM 1498 O O   . HOH C 3 .   ? -15.279 8.664   12.384  1.00 25.36 ? 555 HOH A O   1 
HETATM 1499 O O   . HOH C 3 .   ? 7.380   21.050  2.675   1.00 17.70 ? 556 HOH A O   1 
HETATM 1500 O O   . HOH C 3 .   ? 4.493   20.689  4.258   1.00 26.41 ? 557 HOH A O   1 
HETATM 1501 O O   . HOH C 3 .   ? 12.758  15.724  11.334  1.00 21.32 ? 558 HOH A O   1 
HETATM 1502 O O   . HOH C 3 .   ? -1.345  15.165  9.854   1.00 20.42 ? 559 HOH A O   1 
HETATM 1503 O O   . HOH C 3 .   ? 7.658   3.932   13.702  1.00 21.42 ? 560 HOH A O   1 
HETATM 1504 O O   . HOH C 3 .   ? -1.303  -18.431 -6.609  1.00 16.22 ? 561 HOH A O   1 
HETATM 1505 O O   . HOH C 3 .   ? -12.204 -0.218  -13.565 1.00 24.13 ? 562 HOH A O   1 
HETATM 1506 O O   . HOH C 3 .   ? 1.347   -7.208  -18.280 1.00 25.17 ? 563 HOH A O   1 
HETATM 1507 O O   . HOH C 3 .   ? 14.749  8.295   -4.737  1.00 17.23 ? 564 HOH A O   1 
HETATM 1508 O O   . HOH C 3 .   ? -17.287 -9.438  -5.785  1.00 17.95 ? 565 HOH A O   1 
HETATM 1509 O O   . HOH C 3 .   ? -18.989 14.031  3.201   1.00 18.88 ? 566 HOH A O   1 
HETATM 1510 O O   . HOH C 3 .   ? -8.191  -18.994 -0.284  1.00 27.89 ? 567 HOH A O   1 
HETATM 1511 O O   . HOH C 3 .   ? 5.506   -13.381 -16.800 1.00 21.24 ? 568 HOH A O   1 
HETATM 1512 O O   . HOH C 3 .   ? 0.760   -3.472  13.735  1.00 23.24 ? 569 HOH A O   1 
HETATM 1513 O O   . HOH C 3 .   ? -9.856  -14.847 1.913   1.00 25.02 ? 570 HOH A O   1 
HETATM 1514 O O   . HOH C 3 .   ? -0.369  -14.426 9.818   1.00 31.00 ? 571 HOH A O   1 
HETATM 1515 O O   . HOH C 3 .   ? -15.046 1.007   -13.870 1.00 15.05 ? 572 HOH A O   1 
HETATM 1516 O O   . HOH C 3 .   ? 16.511  1.961   -4.814  1.00 18.99 ? 573 HOH A O   1 
HETATM 1517 O O   . HOH C 3 .   ? 5.764   17.456  10.488  1.00 32.38 ? 574 HOH A O   1 
HETATM 1518 O O   . HOH C 3 .   ? -21.640 -0.197  5.609   1.00 21.04 ? 575 HOH A O   1 
HETATM 1519 O O   . HOH C 3 .   ? 23.084  -1.213  4.154   1.00 26.55 ? 576 HOH A O   1 
HETATM 1520 O O   . HOH C 3 .   ? -0.225  -17.638 -4.027  1.00 25.07 ? 577 HOH A O   1 
HETATM 1521 O O   . HOH C 3 .   ? -3.200  10.429  -8.680  1.00 24.16 ? 578 HOH A O   1 
HETATM 1522 O O   . HOH C 3 .   ? -3.300  12.238  10.859  1.00 31.77 ? 579 HOH A O   1 
HETATM 1523 O O   . HOH C 3 .   ? -3.383  18.621  3.564   1.00 22.44 ? 580 HOH A O   1 
HETATM 1524 O O   . HOH C 3 .   ? 15.112  -16.864 -3.701  1.00 27.33 ? 581 HOH A O   1 
HETATM 1525 O O   . HOH C 3 .   ? 14.182  3.346   -4.761  1.00 20.98 ? 582 HOH A O   1 
HETATM 1526 O O   . HOH C 3 .   ? 6.416   -13.455 -1.221  1.00 30.00 ? 583 HOH A O   1 
HETATM 1527 O O   . HOH C 3 .   ? -14.910 13.517  5.979   1.00 21.45 ? 584 HOH A O   1 
HETATM 1528 O O   . HOH C 3 .   ? 12.864  -14.657 -1.258  1.00 23.23 ? 585 HOH A O   1 
HETATM 1529 O O   . HOH C 3 .   ? -23.862 -4.836  -2.444  1.00 14.67 ? 586 HOH A O   1 
HETATM 1530 O O   . HOH C 3 .   ? -18.498 -2.683  6.119   1.00 16.77 ? 587 HOH A O   1 
HETATM 1531 O O   . HOH C 3 .   ? -11.897 -11.350 3.550   1.00 19.85 ? 588 HOH A O   1 
HETATM 1532 O O   . HOH C 3 .   ? 10.295  2.687   13.840  1.00 22.34 ? 589 HOH A O   1 
HETATM 1533 O O   . HOH C 3 .   ? -7.581  -13.750 7.508   1.00 24.20 ? 590 HOH A O   1 
HETATM 1534 O O   . HOH C 3 .   ? 2.646   -8.924  -16.800 1.00 21.60 ? 591 HOH A O   1 
HETATM 1535 O O   . HOH C 3 .   ? 6.611   6.585   13.521  1.00 22.66 ? 592 HOH A O   1 
HETATM 1536 O O   . HOH C 3 .   ? 1.477   20.551  2.623   1.00 23.17 ? 593 HOH A O   1 
HETATM 1537 O O   . HOH C 3 .   ? -2.414  -5.017  16.842  1.00 24.03 ? 594 HOH A O   1 
HETATM 1538 O O   . HOH C 3 .   ? -5.306  -17.900 -11.484 1.00 23.85 ? 595 HOH A O   1 
HETATM 1539 O O   . HOH C 3 .   ? 17.026  -12.813 -3.184  1.00 31.58 ? 596 HOH A O   1 
HETATM 1540 O O   . HOH C 3 .   ? -10.483 7.354   -6.482  1.00 24.19 ? 597 HOH A O   1 
HETATM 1541 O O   . HOH C 3 .   ? 10.048  16.029  11.439  1.00 21.98 ? 598 HOH A O   1 
HETATM 1542 O O   . HOH C 3 .   ? 6.166   11.793  -4.626  1.00 19.31 ? 599 HOH A O   1 
HETATM 1543 O O   . HOH C 3 .   ? 14.331  -18.767 -8.649  1.00 24.92 ? 600 HOH A O   1 
HETATM 1544 O O   . HOH C 3 .   ? -15.597 10.448  -1.673  1.00 24.28 ? 601 HOH A O   1 
HETATM 1545 O O   . HOH C 3 .   ? -11.328 10.625  -6.735  1.00 21.87 ? 602 HOH A O   1 
HETATM 1546 O O   . HOH C 3 .   ? 3.786   -13.612 8.960   1.00 28.48 ? 603 HOH A O   1 
HETATM 1547 O O   . HOH C 3 .   ? -12.191 -13.744 2.933   1.00 23.58 ? 604 HOH A O   1 
HETATM 1548 O O   . HOH C 3 .   ? 5.103   -16.210 -1.561  1.00 33.05 ? 605 HOH A O   1 
HETATM 1549 O O   . HOH C 3 .   ? 13.582  -12.901 -2.970  1.00 25.25 ? 606 HOH A O   1 
HETATM 1550 O O   . HOH C 3 .   ? -13.028 5.870   -7.883  1.00 29.23 ? 607 HOH A O   1 
HETATM 1551 O O   . HOH C 3 .   ? 15.029  17.657  4.665   1.00 26.30 ? 608 HOH A O   1 
HETATM 1552 O O   . HOH C 3 .   ? -8.998  -15.008 5.335   1.00 25.66 ? 609 HOH A O   1 
HETATM 1553 O O   . HOH C 3 .   ? 8.171   -12.880 -16.472 1.00 20.94 ? 610 HOH A O   1 
HETATM 1554 O O   . HOH C 3 .   ? -22.029 4.222   10.690  1.00 22.65 ? 611 HOH A O   1 
HETATM 1555 O O   . HOH C 3 .   ? 22.337  -3.270  -1.115  1.00 28.77 ? 612 HOH A O   1 
HETATM 1556 O O   . HOH C 3 .   ? -16.093 2.716   -12.030 1.00 30.37 ? 613 HOH A O   1 
HETATM 1557 O O   . HOH C 3 .   ? -4.814  -15.587 10.442  1.00 26.16 ? 614 HOH A O   1 
HETATM 1558 O O   . HOH C 3 .   ? -13.935 2.032   -10.571 1.00 27.55 ? 615 HOH A O   1 
HETATM 1559 O O   . HOH C 3 .   ? -3.770  -20.621 -8.834  1.00 25.58 ? 616 HOH A O   1 
HETATM 1560 O O   . HOH C 3 .   ? -9.532  -10.324 6.894   1.00 25.43 ? 617 HOH A O   1 
HETATM 1561 O O   . HOH C 3 .   ? 9.002   -13.621 -13.417 1.00 35.65 ? 618 HOH A O   1 
HETATM 1562 O O   . HOH C 3 .   ? -16.900 2.162   -8.082  1.00 30.01 ? 619 HOH A O   1 
HETATM 1563 O O   . HOH C 3 .   ? 0.971   22.795  6.695   1.00 30.46 ? 620 HOH A O   1 
HETATM 1564 O O   . HOH C 3 .   ? -6.277  -18.849 1.185   1.00 26.55 ? 621 HOH A O   1 
HETATM 1565 O O   . HOH C 3 .   ? 4.263   23.173  3.694   1.00 28.06 ? 622 HOH A O   1 
HETATM 1566 O O   . HOH C 3 .   ? -10.186 14.664  -5.529  1.00 28.47 ? 623 HOH A O   1 
HETATM 1567 O O   . HOH C 3 .   ? 6.572   -11.860 1.980   1.00 28.09 ? 624 HOH A O   1 
HETATM 1568 O O   . HOH C 3 .   ? -6.260  9.213   9.275   1.00 24.74 ? 625 HOH A O   1 
HETATM 1569 O O   . HOH C 3 .   ? 20.434  15.839  1.482   1.00 28.33 ? 626 HOH A O   1 
HETATM 1570 O O   . HOH C 3 .   ? -5.123  11.573  -7.502  1.00 26.68 ? 627 HOH A O   1 
HETATM 1571 O O   . HOH C 3 .   ? -8.809  -4.734  17.850  1.00 28.47 ? 628 HOH A O   1 
HETATM 1572 O O   . HOH C 3 .   ? 21.564  13.523  4.370   1.00 29.26 ? 629 HOH A O   1 
HETATM 1573 O O   . HOH C 3 .   ? 5.128   -11.484 -0.262  1.00 23.25 ? 630 HOH A O   1 
HETATM 1574 O O   . HOH C 3 .   ? -0.634  -18.052 -11.498 1.00 28.39 ? 631 HOH A O   1 
HETATM 1575 O O   . HOH C 3 .   ? -2.030  -16.035 7.997   1.00 29.36 ? 632 HOH A O   1 
HETATM 1576 O O   . HOH C 3 .   ? 0.804   -19.611 -7.686  1.00 29.88 ? 633 HOH A O   1 
HETATM 1577 O O   . HOH C 3 .   ? -7.183  -2.572  17.676  1.00 31.34 ? 634 HOH A O   1 
HETATM 1578 O O   . HOH C 3 .   ? 18.879  -6.601  -10.717 1.00 30.31 ? 635 HOH A O   1 
HETATM 1579 O O   . HOH C 3 .   ? -3.097  -17.076 -12.520 1.00 31.44 ? 636 HOH A O   1 
HETATM 1580 O O   . HOH C 3 .   ? -14.092 -13.380 -3.770  1.00 31.61 ? 637 HOH A O   1 
HETATM 1581 O O   . HOH C 3 .   ? 1.363   13.449  -5.617  1.00 25.23 ? 638 HOH A O   1 
HETATM 1582 O O   . HOH C 3 .   ? -14.032 -0.527  13.374  1.00 31.65 ? 639 HOH A O   1 
HETATM 1583 O O   . HOH C 3 .   ? 20.980  -4.709  2.139   1.00 34.01 ? 640 HOH A O   1 
HETATM 1584 O O   . HOH C 3 .   ? 4.355   4.597   16.382  1.00 31.62 ? 641 HOH A O   1 
HETATM 1585 O O   . HOH C 3 .   ? -18.619 2.305   -6.346  1.00 31.59 ? 642 HOH A O   1 
HETATM 1586 O O   . HOH C 3 .   ? -11.330 -11.605 5.929   1.00 28.26 ? 643 HOH A O   1 
HETATM 1587 O O   . HOH C 3 .   ? -0.741  -2.198  -22.512 1.00 34.52 ? 644 HOH A O   1 
HETATM 1588 O O   . HOH C 3 .   ? -10.599 15.556  8.076   1.00 30.64 ? 645 HOH A O   1 
HETATM 1589 O O   . HOH C 3 .   ? 0.054   19.700  9.840   1.00 37.35 ? 646 HOH A O   1 
HETATM 1590 O O   . HOH C 3 .   ? 2.517   -14.536 -14.394 1.00 27.33 ? 647 HOH A O   1 
HETATM 1591 O O   . HOH C 3 .   ? -8.508  1.706   -14.977 1.00 19.64 ? 648 HOH A O   1 
HETATM 1592 O O   . HOH C 3 .   ? 7.734   -16.800 -13.967 1.00 28.65 ? 649 HOH A O   1 
HETATM 1593 O O   . HOH C 3 .   ? -1.732  19.922  5.609   1.00 32.68 ? 650 HOH A O   1 
HETATM 1594 O O   . HOH C 3 .   ? 4.693   -19.992 -8.410  1.00 30.21 ? 651 HOH A O   1 
HETATM 1595 O O   . HOH C 3 .   ? -2.760  -12.940 12.256  1.00 36.31 ? 652 HOH A O   1 
HETATM 1596 O O   . HOH C 3 .   ? -6.324  12.026  9.923   1.00 25.81 ? 653 HOH A O   1 
HETATM 1597 O O   . HOH C 3 .   ? 7.394   -19.210 -12.169 1.00 34.66 ? 654 HOH A O   1 
HETATM 1598 O O   . HOH C 3 .   ? -21.278 5.819   -3.357  1.00 33.78 ? 655 HOH A O   1 
HETATM 1599 O O   . HOH C 3 .   ? 22.193  17.138  4.753   1.00 31.91 ? 656 HOH A O   1 
HETATM 1600 O O   . HOH C 3 .   ? -3.690  2.362   17.678  1.00 31.55 ? 657 HOH A O   1 
HETATM 1601 O O   . HOH C 3 .   ? 12.669  6.270   -7.553  1.00 21.81 ? 658 HOH A O   1 
HETATM 1602 O O   . HOH C 3 .   ? 15.191  -14.334 -4.297  1.00 28.74 ? 659 HOH A O   1 
HETATM 1603 O O   . HOH C 3 .   ? 18.490  -8.810  -1.014  1.00 25.11 ? 660 HOH A O   1 
HETATM 1604 O O   . HOH C 3 .   ? 12.665  -15.090 5.589   1.00 32.22 ? 661 HOH A O   1 
HETATM 1605 O O   . HOH C 3 .   ? -19.021 10.883  -2.674  1.00 26.76 ? 662 HOH A O   1 
HETATM 1606 O O   . HOH C 3 .   ? 18.666  -8.921  -9.002  1.00 35.13 ? 663 HOH A O   1 
HETATM 1607 O O   . HOH C 3 .   ? 9.679   -17.275 -10.255 1.00 33.53 ? 664 HOH A O   1 
HETATM 1608 O O   . HOH C 3 .   ? -1.382  -20.268 -10.135 1.00 30.18 ? 665 HOH A O   1 
HETATM 1609 O O   . HOH C 3 .   ? 19.698  -11.223 -0.528  1.00 22.67 ? 666 HOH A O   1 
HETATM 1610 O O   . HOH C 3 .   ? 6.986   12.959  -2.259  1.00 21.49 ? 667 HOH A O   1 
HETATM 1611 O O   . HOH C 3 .   ? -1.707  -1.165  16.373  1.00 35.10 ? 668 HOH A O   1 
HETATM 1612 O O   . HOH C 3 .   ? 13.072  -18.541 -1.787  1.00 27.14 ? 669 HOH A O   1 
HETATM 1613 O O   . HOH C 3 .   ? 4.229   -2.988  -21.955 1.00 30.02 ? 670 HOH A O   1 
HETATM 1614 O O   . HOH C 3 .   ? -10.761 17.010  5.699   1.00 27.53 ? 671 HOH A O   1 
HETATM 1615 O O   . HOH C 3 .   ? -22.409 2.668   -4.242  1.00 32.94 ? 672 HOH A O   1 
HETATM 1616 O O   . HOH C 3 .   ? 15.406  1.585   -8.374  1.00 20.80 ? 673 HOH A O   1 
HETATM 1617 O O   . HOH C 3 .   ? -2.512  0.596   -19.190 1.00 18.43 ? 674 HOH A O   1 
HETATM 1618 O O   . HOH C 3 .   ? -16.407 -11.719 -1.733  1.00 24.84 ? 675 HOH A O   1 
HETATM 1619 O O   . HOH C 3 .   ? 15.986  14.826  -0.713  1.00 24.44 ? 676 HOH A O   1 
HETATM 1620 O O   . HOH C 3 .   ? 7.219   4.677   15.846  1.00 28.64 ? 677 HOH A O   1 
HETATM 1621 O O   . HOH C 3 .   ? 25.379  2.041   -0.640  1.00 24.94 ? 678 HOH A O   1 
HETATM 1622 O O   . HOH C 3 .   ? -7.134  15.124  7.188   1.00 34.40 ? 679 HOH A O   1 
HETATM 1623 O O   . HOH C 3 .   ? -16.217 6.507   -6.332  1.00 31.33 ? 680 HOH A O   1 
HETATM 1624 O O   . HOH C 3 .   ? -14.814 12.747  -0.246  1.00 33.11 ? 681 HOH A O   1 
HETATM 1625 O O   . HOH C 3 .   ? -9.303  4.177   -11.490 1.00 33.28 ? 682 HOH A O   1 
HETATM 1626 O O   . HOH C 3 .   ? -2.895  19.315  11.465  1.00 42.77 ? 683 HOH A O   1 
HETATM 1627 O O   . HOH C 3 .   ? -3.536  16.936  9.703   1.00 32.63 ? 684 HOH A O   1 
HETATM 1628 O O   . HOH C 3 .   ? 1.160   9.732   -8.173  1.00 38.59 ? 685 HOH A O   1 
HETATM 1629 O O   . HOH C 3 .   ? 7.073   12.619  11.897  1.00 26.47 ? 686 HOH A O   1 
HETATM 1630 O O   . HOH C 3 .   ? -10.811 13.574  -2.628  1.00 29.88 ? 687 HOH A O   1 
HETATM 1631 O O   . HOH C 3 .   ? 1.713   -16.602 0.967   1.00 26.17 ? 688 HOH A O   1 
HETATM 1632 O O   . HOH C 3 .   ? -5.979  -9.132  -18.919 1.00 39.41 ? 689 HOH A O   1 
HETATM 1633 O O   . HOH C 3 .   ? 13.742  -14.990 -10.804 1.00 34.53 ? 690 HOH A O   1 
HETATM 1634 O O   . HOH C 3 .   ? 4.064   6.632   12.599  1.00 32.21 ? 691 HOH A O   1 
HETATM 1635 O O   . HOH C 3 .   ? 2.792   18.971  -2.475  1.00 31.58 ? 692 HOH A O   1 
HETATM 1636 O O   . HOH C 3 .   ? 13.353  -14.483 1.156   1.00 39.16 ? 693 HOH A O   1 
HETATM 1637 O O   . HOH C 3 .   ? 2.960   -1.628  15.678  1.00 32.32 ? 694 HOH A O   1 
HETATM 1638 O O   . HOH C 3 .   ? -10.279 -17.431 0.268   1.00 36.95 ? 695 HOH A O   1 
HETATM 1639 O O   . HOH C 3 .   ? -11.746 15.624  0.448   1.00 20.27 ? 696 HOH A O   1 
HETATM 1640 O O   . HOH C 3 .   ? 2.308   -12.290 0.535   1.00 32.80 ? 697 HOH A O   1 
HETATM 1641 O O   . HOH C 3 .   ? 13.029  -17.536 -10.810 1.00 34.38 ? 698 HOH A O   1 
HETATM 1642 O O   . HOH C 3 .   ? 1.506   22.070  9.791   1.00 39.10 ? 699 HOH A O   1 
HETATM 1643 O O   . HOH C 3 .   ? 14.256  1.261   -6.473  1.00 40.46 ? 700 HOH A O   1 
# 
loop_
_pdbx_poly_seq_scheme.asym_id 
_pdbx_poly_seq_scheme.entity_id 
_pdbx_poly_seq_scheme.seq_id 
_pdbx_poly_seq_scheme.mon_id 
_pdbx_poly_seq_scheme.ndb_seq_num 
_pdbx_poly_seq_scheme.pdb_seq_num 
_pdbx_poly_seq_scheme.auth_seq_num 
_pdbx_poly_seq_scheme.pdb_mon_id 
_pdbx_poly_seq_scheme.auth_mon_id 
_pdbx_poly_seq_scheme.pdb_strand_id 
_pdbx_poly_seq_scheme.pdb_ins_code 
_pdbx_poly_seq_scheme.hetero 
A 1 1   GLY 1   62  62  GLY GLY A . n 
A 1 2   SER 2   63  63  SER SER A . n 
A 1 3   THR 3   64  64  THR THR A . n 
A 1 4   LEU 4   65  65  LEU LEU A . n 
A 1 5   ASP 5   66  66  ASP ASP A . n 
A 1 6   GLY 6   67  67  GLY GLY A . n 
A 1 7   PRO 7   68  68  PRO PRO A . n 
A 1 8   TYR 8   69  69  TYR TYR A . n 
A 1 9   GLN 9   70  70  GLN GLN A . n 
A 1 10  PRO 10  71  71  PRO PRO A . n 
A 1 11  THR 11  72  72  THR THR A . n 
A 1 12  THR 12  73  73  THR THR A . n 
A 1 13  PHE 13  74  74  PHE PHE A . n 
A 1 14  ASN 14  75  75  ASN ASN A . n 
A 1 15  LEU 15  76  76  LEU LEU A . n 
A 1 16  PRO 16  77  77  PRO PRO A . n 
A 1 17  ILE 17  78  78  ILE ILE A . n 
A 1 18  ASP 18  79  79  ASP ASP A . n 
A 1 19  TYR 19  80  80  TYR TYR A . n 
A 1 20  TRP 20  81  81  TRP TRP A . n 
A 1 21  MET 21  82  82  MET MET A . n 
A 1 22  LEU 22  83  83  LEU LEU A . n 
A 1 23  ILE 23  84  84  ILE ILE A . n 
A 1 24  ALA 24  85  85  ALA ALA A . n 
A 1 25  PRO 25  86  86  PRO PRO A . n 
A 1 26  THR 26  87  87  THR THR A . n 
A 1 27  GLN 27  88  88  GLN GLN A . n 
A 1 28  ILE 28  89  89  ILE ILE A . n 
A 1 29  GLY 29  90  90  GLY GLY A . n 
A 1 30  ARG 30  91  91  ARG ARG A . n 
A 1 31  VAL 31  92  92  VAL VAL A . n 
A 1 32  ALA 32  93  93  ALA ALA A . n 
A 1 33  GLU 33  94  94  GLU GLU A . n 
A 1 34  GLY 34  95  95  GLY GLY A . n 
A 1 35  THR 35  96  96  THR THR A . n 
A 1 36  ASN 36  97  97  ASN ASN A . n 
A 1 37  THR 37  98  98  THR THR A . n 
A 1 38  THR 38  99  99  THR THR A . n 
A 1 39  ASP 39  100 100 ASP ASP A . n 
A 1 40  ARG 40  101 101 ARG ARG A . n 
A 1 41  TRP 41  102 102 TRP TRP A . n 
A 1 42  PHE 42  103 103 PHE PHE A . n 
A 1 43  ALA 43  104 104 ALA ALA A . n 
A 1 44  CYS 44  105 105 CYS CYS A . n 
A 1 45  VAL 45  106 106 VAL VAL A . n 
A 1 46  LEU 46  107 107 LEU LEU A . n 
A 1 47  VAL 47  108 108 VAL VAL A . n 
A 1 48  GLU 48  109 109 GLU GLU A . n 
A 1 49  PRO 49  110 110 PRO PRO A . n 
A 1 50  ASN 50  111 111 ASN ASN A . n 
A 1 51  VAL 51  112 112 VAL VAL A . n 
A 1 52  GLN 52  113 113 GLN GLN A . n 
A 1 53  ASN 53  114 114 ASN ASN A . n 
A 1 54  THR 54  115 115 THR THR A . n 
A 1 55  GLN 55  116 116 GLN GLN A . n 
A 1 56  ARG 56  117 117 ARG ARG A . n 
A 1 57  GLU 57  118 118 GLU GLU A . n 
A 1 58  TYR 58  119 119 TYR TYR A . n 
A 1 59  VAL 59  120 120 VAL VAL A . n 
A 1 60  LEU 60  121 121 LEU LEU A . n 
A 1 61  ASP 61  122 122 ASP ASP A . n 
A 1 62  GLY 62  123 123 GLY GLY A . n 
A 1 63  GLN 63  124 124 GLN GLN A . n 
A 1 64  THR 64  125 125 THR THR A . n 
A 1 65  VAL 65  126 126 VAL VAL A . n 
A 1 66  GLN 66  127 127 GLN GLN A . n 
A 1 67  LEU 67  128 128 LEU LEU A . n 
A 1 68  GLN 68  129 129 GLN GLN A . n 
A 1 69  VAL 69  130 130 VAL VAL A . n 
A 1 70  SER 70  131 131 SER SER A . n 
A 1 71  ASN 71  132 132 ASN ASN A . n 
A 1 72  ASN 72  133 133 ASN ASN A . n 
A 1 73  SER 73  134 134 SER SER A . n 
A 1 74  SER 74  135 135 SER SER A . n 
A 1 75  THR 75  136 136 THR THR A . n 
A 1 76  LEU 76  137 137 LEU LEU A . n 
A 1 77  TRP 77  138 138 TRP TRP A . n 
A 1 78  LYS 78  139 139 LYS LYS A . n 
A 1 79  PHE 79  140 140 PHE PHE A . n 
A 1 80  ILE 80  141 141 ILE ILE A . n 
A 1 81  LEU 81  142 142 LEU LEU A . n 
A 1 82  PHE 82  143 143 PHE PHE A . n 
A 1 83  ILE 83  144 144 ILE ILE A . n 
A 1 84  LYS 84  145 145 LYS LYS A . n 
A 1 85  LEU 85  146 146 LEU LEU A . n 
A 1 86  GLU 86  147 147 GLU GLU A . n 
A 1 87  LYS 87  148 148 LYS LYS A . n 
A 1 88  ASN 88  149 149 ASN ASN A . n 
A 1 89  GLY 89  150 150 GLY GLY A . n 
A 1 90  ALA 90  151 151 ALA ALA A . n 
A 1 91  TYR 91  152 152 TYR TYR A . n 
A 1 92  SER 92  153 153 SER SER A . n 
A 1 93  GLN 93  154 154 GLN GLN A . n 
A 1 94  TYR 94  155 155 TYR TYR A . n 
A 1 95  SER 95  156 156 SER SER A . n 
A 1 96  THR 96  157 157 THR THR A . n 
A 1 97  LEU 97  158 158 LEU LEU A . n 
A 1 98  SER 98  159 159 SER SER A . n 
A 1 99  THR 99  160 160 THR THR A . n 
A 1 100 SER 100 161 161 SER SER A . n 
A 1 101 ASN 101 162 162 ASN ASN A . n 
A 1 102 LYS 102 163 163 LYS LYS A . n 
A 1 103 LEU 103 164 164 LEU LEU A . n 
A 1 104 CYS 104 165 165 CYS CYS A . n 
A 1 105 ALA 105 166 166 ALA ALA A . n 
A 1 106 TRP 106 167 167 TRP TRP A . n 
A 1 107 MET 107 168 168 MET MET A . n 
A 1 108 LYS 108 169 169 LYS LYS A . n 
A 1 109 ARG 109 170 170 ARG ARG A . n 
A 1 110 GLU 110 171 171 GLU GLU A . n 
A 1 111 GLY 111 172 172 GLY GLY A . n 
A 1 112 ARG 112 173 173 ARG ARG A . n 
A 1 113 VAL 113 174 174 VAL VAL A . n 
A 1 114 TYR 114 175 175 TYR TYR A . n 
A 1 115 TRP 115 176 176 TRP TRP A . n 
A 1 116 TYR 116 177 177 TYR TYR A . n 
A 1 117 ALA 117 178 178 ALA ALA A . n 
A 1 118 GLY 118 179 179 GLY GLY A . n 
A 1 119 THR 119 180 180 THR THR A . n 
A 1 120 THR 120 181 181 THR THR A . n 
A 1 121 PRO 121 182 182 PRO PRO A . n 
A 1 122 ASN 122 183 183 ASN ASN A . n 
A 1 123 ALA 123 184 184 ALA ALA A . n 
A 1 124 SER 124 185 185 SER SER A . n 
A 1 125 GLU 125 186 186 GLU GLU A . n 
A 1 126 SER 126 187 187 SER SER A . n 
A 1 127 TYR 127 188 188 TYR TYR A . n 
A 1 128 TYR 128 189 189 TYR TYR A . n 
A 1 129 LEU 129 190 190 LEU LEU A . n 
A 1 130 THR 130 191 191 THR THR A . n 
A 1 131 ILE 131 192 192 ILE ILE A . n 
A 1 132 ASN 132 193 193 ASN ASN A . n 
A 1 133 ASN 133 194 194 ASN ASN A . n 
A 1 134 ASP 134 195 195 ASP ASP A . n 
A 1 135 ASN 135 196 196 ASN ASN A . n 
A 1 136 SER 136 197 197 SER SER A . n 
A 1 137 ASN 137 198 198 ASN ASN A . n 
A 1 138 VAL 138 199 199 VAL VAL A . n 
A 1 139 SER 139 200 200 SER SER A . n 
A 1 140 CYS 140 201 201 CYS CYS A . n 
A 1 141 ASP 141 202 202 ASP ASP A . n 
A 1 142 ALA 142 203 203 ALA ALA A . n 
A 1 143 GLU 143 204 204 GLU GLU A . n 
A 1 144 PHE 144 205 205 PHE PHE A . n 
A 1 145 TYR 145 206 206 TYR TYR A . n 
A 1 146 LEU 146 207 207 LEU LEU A . n 
A 1 147 ILE 147 208 208 ILE ILE A . n 
A 1 148 PRO 148 209 209 PRO PRO A . n 
A 1 149 ARG 149 210 210 ARG ARG A . n 
A 1 150 SER 150 211 211 SER SER A . n 
A 1 151 GLN 151 212 212 GLN GLN A . n 
A 1 152 THR 152 213 213 THR THR A . n 
A 1 153 GLU 153 214 214 GLU GLU A . n 
A 1 154 LEU 154 215 215 LEU LEU A . n 
A 1 155 CYS 155 216 216 CYS CYS A . n 
A 1 156 THR 156 217 217 THR THR A . n 
A 1 157 GLN 157 218 218 GLN GLN A . n 
A 1 158 TYR 158 219 219 TYR TYR A . n 
A 1 159 ILE 159 220 220 ILE ILE A . n 
A 1 160 ASN 160 221 221 ASN ASN A . n 
A 1 161 ASN 161 222 222 ASN ASN A . n 
A 1 162 GLY 162 223 223 GLY GLY A . n 
A 1 163 LEU 163 224 224 LEU LEU A . n 
# 
loop_
_pdbx_nonpoly_scheme.asym_id 
_pdbx_nonpoly_scheme.entity_id 
_pdbx_nonpoly_scheme.mon_id 
_pdbx_nonpoly_scheme.ndb_seq_num 
_pdbx_nonpoly_scheme.pdb_seq_num 
_pdbx_nonpoly_scheme.auth_seq_num 
_pdbx_nonpoly_scheme.pdb_mon_id 
_pdbx_nonpoly_scheme.auth_mon_id 
_pdbx_nonpoly_scheme.pdb_strand_id 
_pdbx_nonpoly_scheme.pdb_ins_code 
C 3 HOH 1   401 1   HOH HOH A . 
C 3 HOH 2   402 2   HOH HOH A . 
C 3 HOH 3   403 3   HOH HOH A . 
C 3 HOH 4   404 4   HOH HOH A . 
C 3 HOH 5   405 5   HOH HOH A . 
C 3 HOH 6   406 6   HOH HOH A . 
C 3 HOH 7   407 7   HOH HOH A . 
C 3 HOH 8   408 8   HOH HOH A . 
C 3 HOH 9   409 9   HOH HOH A . 
C 3 HOH 10  410 10  HOH HOH A . 
C 3 HOH 11  411 11  HOH HOH A . 
C 3 HOH 12  412 12  HOH HOH A . 
C 3 HOH 13  413 13  HOH HOH A . 
C 3 HOH 14  414 14  HOH HOH A . 
C 3 HOH 15  415 15  HOH HOH A . 
C 3 HOH 16  416 16  HOH HOH A . 
C 3 HOH 17  417 17  HOH HOH A . 
C 3 HOH 18  418 18  HOH HOH A . 
C 3 HOH 19  419 19  HOH HOH A . 
C 3 HOH 20  420 20  HOH HOH A . 
C 3 HOH 21  421 21  HOH HOH A . 
C 3 HOH 22  422 22  HOH HOH A . 
C 3 HOH 23  423 23  HOH HOH A . 
C 3 HOH 24  424 24  HOH HOH A . 
C 3 HOH 25  425 25  HOH HOH A . 
C 3 HOH 26  426 26  HOH HOH A . 
C 3 HOH 27  427 27  HOH HOH A . 
C 3 HOH 28  428 28  HOH HOH A . 
C 3 HOH 29  429 29  HOH HOH A . 
C 3 HOH 30  430 30  HOH HOH A . 
C 3 HOH 31  431 31  HOH HOH A . 
C 3 HOH 32  432 32  HOH HOH A . 
C 3 HOH 33  433 33  HOH HOH A . 
C 3 HOH 34  434 34  HOH HOH A . 
C 3 HOH 35  435 35  HOH HOH A . 
C 3 HOH 36  436 36  HOH HOH A . 
C 3 HOH 37  437 37  HOH HOH A . 
C 3 HOH 38  438 38  HOH HOH A . 
C 3 HOH 39  439 39  HOH HOH A . 
C 3 HOH 40  440 40  HOH HOH A . 
C 3 HOH 41  441 41  HOH HOH A . 
C 3 HOH 42  442 42  HOH HOH A . 
C 3 HOH 43  443 43  HOH HOH A . 
C 3 HOH 44  444 44  HOH HOH A . 
C 3 HOH 45  445 45  HOH HOH A . 
C 3 HOH 46  446 46  HOH HOH A . 
C 3 HOH 47  447 47  HOH HOH A . 
C 3 HOH 48  448 48  HOH HOH A . 
C 3 HOH 49  449 49  HOH HOH A . 
C 3 HOH 50  450 50  HOH HOH A . 
C 3 HOH 51  451 51  HOH HOH A . 
C 3 HOH 52  452 52  HOH HOH A . 
C 3 HOH 53  453 53  HOH HOH A . 
C 3 HOH 54  454 54  HOH HOH A . 
C 3 HOH 55  455 55  HOH HOH A . 
C 3 HOH 56  456 56  HOH HOH A . 
C 3 HOH 57  457 57  HOH HOH A . 
C 3 HOH 58  458 58  HOH HOH A . 
C 3 HOH 59  459 59  HOH HOH A . 
C 3 HOH 60  460 60  HOH HOH A . 
C 3 HOH 61  461 61  HOH HOH A . 
C 3 HOH 62  462 62  HOH HOH A . 
C 3 HOH 63  463 63  HOH HOH A . 
C 3 HOH 64  464 64  HOH HOH A . 
C 3 HOH 65  465 65  HOH HOH A . 
C 3 HOH 66  466 66  HOH HOH A . 
C 3 HOH 67  467 67  HOH HOH A . 
C 3 HOH 68  468 68  HOH HOH A . 
C 3 HOH 69  469 69  HOH HOH A . 
C 3 HOH 70  470 70  HOH HOH A . 
C 3 HOH 71  471 71  HOH HOH A . 
C 3 HOH 72  472 72  HOH HOH A . 
C 3 HOH 73  473 73  HOH HOH A . 
C 3 HOH 74  474 74  HOH HOH A . 
C 3 HOH 75  475 75  HOH HOH A . 
C 3 HOH 76  476 76  HOH HOH A . 
C 3 HOH 77  477 77  HOH HOH A . 
C 3 HOH 78  478 78  HOH HOH A . 
C 3 HOH 79  479 79  HOH HOH A . 
C 3 HOH 80  480 80  HOH HOH A . 
C 3 HOH 81  481 81  HOH HOH A . 
C 3 HOH 82  482 82  HOH HOH A . 
C 3 HOH 83  483 83  HOH HOH A . 
C 3 HOH 84  484 84  HOH HOH A . 
C 3 HOH 85  485 85  HOH HOH A . 
C 3 HOH 86  486 86  HOH HOH A . 
C 3 HOH 87  487 87  HOH HOH A . 
C 3 HOH 88  488 88  HOH HOH A . 
C 3 HOH 89  489 89  HOH HOH A . 
C 3 HOH 90  490 90  HOH HOH A . 
C 3 HOH 91  491 91  HOH HOH A . 
C 3 HOH 92  492 92  HOH HOH A . 
C 3 HOH 93  493 93  HOH HOH A . 
C 3 HOH 94  494 94  HOH HOH A . 
C 3 HOH 95  495 95  HOH HOH A . 
C 3 HOH 96  496 96  HOH HOH A . 
C 3 HOH 97  497 97  HOH HOH A . 
C 3 HOH 98  498 98  HOH HOH A . 
C 3 HOH 99  499 99  HOH HOH A . 
C 3 HOH 100 500 100 HOH HOH A . 
C 3 HOH 101 501 101 HOH HOH A . 
C 3 HOH 102 502 102 HOH HOH A . 
C 3 HOH 103 503 103 HOH HOH A . 
C 3 HOH 104 504 104 HOH HOH A . 
C 3 HOH 105 505 105 HOH HOH A . 
C 3 HOH 106 506 106 HOH HOH A . 
C 3 HOH 107 507 107 HOH HOH A . 
C 3 HOH 108 508 108 HOH HOH A . 
C 3 HOH 109 509 109 HOH HOH A . 
C 3 HOH 110 510 110 HOH HOH A . 
C 3 HOH 111 511 111 HOH HOH A . 
C 3 HOH 112 512 112 HOH HOH A . 
C 3 HOH 113 513 113 HOH HOH A . 
C 3 HOH 114 514 114 HOH HOH A . 
C 3 HOH 115 515 115 HOH HOH A . 
C 3 HOH 116 516 116 HOH HOH A . 
C 3 HOH 117 517 117 HOH HOH A . 
C 3 HOH 118 518 118 HOH HOH A . 
C 3 HOH 119 519 119 HOH HOH A . 
C 3 HOH 120 520 120 HOH HOH A . 
C 3 HOH 121 521 121 HOH HOH A . 
C 3 HOH 122 522 122 HOH HOH A . 
C 3 HOH 123 523 123 HOH HOH A . 
C 3 HOH 124 524 124 HOH HOH A . 
C 3 HOH 125 525 125 HOH HOH A . 
C 3 HOH 126 526 126 HOH HOH A . 
C 3 HOH 127 527 127 HOH HOH A . 
C 3 HOH 128 528 128 HOH HOH A . 
C 3 HOH 129 529 129 HOH HOH A . 
C 3 HOH 130 530 130 HOH HOH A . 
C 3 HOH 131 531 131 HOH HOH A . 
C 3 HOH 132 532 132 HOH HOH A . 
C 3 HOH 133 533 133 HOH HOH A . 
C 3 HOH 134 534 134 HOH HOH A . 
C 3 HOH 135 535 135 HOH HOH A . 
C 3 HOH 136 536 136 HOH HOH A . 
C 3 HOH 137 537 137 HOH HOH A . 
C 3 HOH 138 538 138 HOH HOH A . 
C 3 HOH 139 539 139 HOH HOH A . 
C 3 HOH 140 540 140 HOH HOH A . 
C 3 HOH 141 541 141 HOH HOH A . 
C 3 HOH 142 542 142 HOH HOH A . 
C 3 HOH 143 543 143 HOH HOH A . 
C 3 HOH 144 544 144 HOH HOH A . 
C 3 HOH 145 545 145 HOH HOH A . 
C 3 HOH 146 546 146 HOH HOH A . 
C 3 HOH 147 547 147 HOH HOH A . 
C 3 HOH 148 548 148 HOH HOH A . 
C 3 HOH 149 549 149 HOH HOH A . 
C 3 HOH 150 550 150 HOH HOH A . 
C 3 HOH 151 551 151 HOH HOH A . 
C 3 HOH 152 552 152 HOH HOH A . 
C 3 HOH 153 553 153 HOH HOH A . 
C 3 HOH 154 554 154 HOH HOH A . 
C 3 HOH 155 555 155 HOH HOH A . 
C 3 HOH 156 556 157 HOH HOH A . 
C 3 HOH 157 557 158 HOH HOH A . 
C 3 HOH 158 558 159 HOH HOH A . 
C 3 HOH 159 559 160 HOH HOH A . 
C 3 HOH 160 560 161 HOH HOH A . 
C 3 HOH 161 561 162 HOH HOH A . 
C 3 HOH 162 562 163 HOH HOH A . 
C 3 HOH 163 563 164 HOH HOH A . 
C 3 HOH 164 564 165 HOH HOH A . 
C 3 HOH 165 565 166 HOH HOH A . 
C 3 HOH 166 566 167 HOH HOH A . 
C 3 HOH 167 567 168 HOH HOH A . 
C 3 HOH 168 568 169 HOH HOH A . 
C 3 HOH 169 569 170 HOH HOH A . 
C 3 HOH 170 570 171 HOH HOH A . 
C 3 HOH 171 571 172 HOH HOH A . 
C 3 HOH 172 572 174 HOH HOH A . 
C 3 HOH 173 573 175 HOH HOH A . 
C 3 HOH 174 574 176 HOH HOH A . 
C 3 HOH 175 575 177 HOH HOH A . 
C 3 HOH 176 576 178 HOH HOH A . 
C 3 HOH 177 577 179 HOH HOH A . 
C 3 HOH 178 578 181 HOH HOH A . 
C 3 HOH 179 579 182 HOH HOH A . 
C 3 HOH 180 580 183 HOH HOH A . 
C 3 HOH 181 581 184 HOH HOH A . 
C 3 HOH 182 582 185 HOH HOH A . 
C 3 HOH 183 583 186 HOH HOH A . 
C 3 HOH 184 584 187 HOH HOH A . 
C 3 HOH 185 585 188 HOH HOH A . 
C 3 HOH 186 586 189 HOH HOH A . 
C 3 HOH 187 587 190 HOH HOH A . 
C 3 HOH 188 588 191 HOH HOH A . 
C 3 HOH 189 589 192 HOH HOH A . 
C 3 HOH 190 590 193 HOH HOH A . 
C 3 HOH 191 591 194 HOH HOH A . 
C 3 HOH 192 592 195 HOH HOH A . 
C 3 HOH 193 593 196 HOH HOH A . 
C 3 HOH 194 594 197 HOH HOH A . 
C 3 HOH 195 595 198 HOH HOH A . 
C 3 HOH 196 596 199 HOH HOH A . 
C 3 HOH 197 597 200 HOH HOH A . 
C 3 HOH 198 598 201 HOH HOH A . 
C 3 HOH 199 599 202 HOH HOH A . 
C 3 HOH 200 600 203 HOH HOH A . 
C 3 HOH 201 601 204 HOH HOH A . 
C 3 HOH 202 602 205 HOH HOH A . 
C 3 HOH 203 603 206 HOH HOH A . 
C 3 HOH 204 604 207 HOH HOH A . 
C 3 HOH 205 605 208 HOH HOH A . 
C 3 HOH 206 606 209 HOH HOH A . 
C 3 HOH 207 607 210 HOH HOH A . 
C 3 HOH 208 608 211 HOH HOH A . 
C 3 HOH 209 609 212 HOH HOH A . 
C 3 HOH 210 610 213 HOH HOH A . 
C 3 HOH 211 611 214 HOH HOH A . 
C 3 HOH 212 612 215 HOH HOH A . 
C 3 HOH 213 613 216 HOH HOH A . 
C 3 HOH 214 614 217 HOH HOH A . 
C 3 HOH 215 615 218 HOH HOH A . 
C 3 HOH 216 616 219 HOH HOH A . 
C 3 HOH 217 617 220 HOH HOH A . 
C 3 HOH 218 618 221 HOH HOH A . 
C 3 HOH 219 619 222 HOH HOH A . 
C 3 HOH 220 620 223 HOH HOH A . 
C 3 HOH 221 621 224 HOH HOH A . 
C 3 HOH 222 622 225 HOH HOH A . 
C 3 HOH 223 623 226 HOH HOH A . 
C 3 HOH 224 624 227 HOH HOH A . 
C 3 HOH 225 625 228 HOH HOH A . 
C 3 HOH 226 626 229 HOH HOH A . 
C 3 HOH 227 627 230 HOH HOH A . 
C 3 HOH 228 628 231 HOH HOH A . 
C 3 HOH 229 629 232 HOH HOH A . 
C 3 HOH 230 630 233 HOH HOH A . 
C 3 HOH 231 631 234 HOH HOH A . 
C 3 HOH 232 632 235 HOH HOH A . 
C 3 HOH 233 633 236 HOH HOH A . 
C 3 HOH 234 634 237 HOH HOH A . 
C 3 HOH 235 635 238 HOH HOH A . 
C 3 HOH 236 636 239 HOH HOH A . 
C 3 HOH 237 637 240 HOH HOH A . 
C 3 HOH 238 638 241 HOH HOH A . 
C 3 HOH 239 639 242 HOH HOH A . 
C 3 HOH 240 640 243 HOH HOH A . 
C 3 HOH 241 641 244 HOH HOH A . 
C 3 HOH 242 642 245 HOH HOH A . 
C 3 HOH 243 643 247 HOH HOH A . 
C 3 HOH 244 644 249 HOH HOH A . 
C 3 HOH 245 645 250 HOH HOH A . 
C 3 HOH 246 646 251 HOH HOH A . 
C 3 HOH 247 647 252 HOH HOH A . 
C 3 HOH 248 648 253 HOH HOH A . 
C 3 HOH 249 649 254 HOH HOH A . 
C 3 HOH 250 650 255 HOH HOH A . 
C 3 HOH 251 651 256 HOH HOH A . 
C 3 HOH 252 652 257 HOH HOH A . 
C 3 HOH 253 653 258 HOH HOH A . 
C 3 HOH 254 654 259 HOH HOH A . 
C 3 HOH 255 655 260 HOH HOH A . 
C 3 HOH 256 656 261 HOH HOH A . 
C 3 HOH 257 657 262 HOH HOH A . 
C 3 HOH 258 658 263 HOH HOH A . 
C 3 HOH 259 659 264 HOH HOH A . 
C 3 HOH 260 660 265 HOH HOH A . 
C 3 HOH 261 661 266 HOH HOH A . 
C 3 HOH 262 662 267 HOH HOH A . 
C 3 HOH 263 663 268 HOH HOH A . 
C 3 HOH 264 664 269 HOH HOH A . 
C 3 HOH 265 665 270 HOH HOH A . 
C 3 HOH 266 666 271 HOH HOH A . 
C 3 HOH 267 667 272 HOH HOH A . 
C 3 HOH 268 668 273 HOH HOH A . 
C 3 HOH 269 669 274 HOH HOH A . 
C 3 HOH 270 670 275 HOH HOH A . 
C 3 HOH 271 671 276 HOH HOH A . 
C 3 HOH 272 672 277 HOH HOH A . 
C 3 HOH 273 673 278 HOH HOH A . 
C 3 HOH 274 674 279 HOH HOH A . 
C 3 HOH 275 675 280 HOH HOH A . 
C 3 HOH 276 676 281 HOH HOH A . 
C 3 HOH 277 677 282 HOH HOH A . 
C 3 HOH 278 678 283 HOH HOH A . 
C 3 HOH 279 679 284 HOH HOH A . 
C 3 HOH 280 680 285 HOH HOH A . 
C 3 HOH 281 681 286 HOH HOH A . 
C 3 HOH 282 682 287 HOH HOH A . 
C 3 HOH 283 683 288 HOH HOH A . 
C 3 HOH 284 684 289 HOH HOH A . 
C 3 HOH 285 685 290 HOH HOH A . 
C 3 HOH 286 686 291 HOH HOH A . 
C 3 HOH 287 687 294 HOH HOH A . 
C 3 HOH 288 688 295 HOH HOH A . 
C 3 HOH 289 689 296 HOH HOH A . 
C 3 HOH 290 690 297 HOH HOH A . 
C 3 HOH 291 691 298 HOH HOH A . 
C 3 HOH 292 692 299 HOH HOH A . 
C 3 HOH 293 693 300 HOH HOH A . 
C 3 HOH 294 694 301 HOH HOH A . 
C 3 HOH 295 695 302 HOH HOH A . 
C 3 HOH 296 696 303 HOH HOH A . 
C 3 HOH 297 697 304 HOH HOH A . 
C 3 HOH 298 698 305 HOH HOH A . 
C 3 HOH 299 699 306 HOH HOH A . 
C 3 HOH 300 700 307 HOH HOH A . 
# 
_pdbx_struct_assembly.id                   1 
_pdbx_struct_assembly.details              author_and_software_defined_assembly 
_pdbx_struct_assembly.method_details       PISA 
_pdbx_struct_assembly.oligomeric_details   monomeric 
_pdbx_struct_assembly.oligomeric_count     1 
# 
_pdbx_struct_assembly_gen.assembly_id       1 
_pdbx_struct_assembly_gen.oper_expression   1 
_pdbx_struct_assembly_gen.asym_id_list      A,B,C 
# 
_pdbx_struct_oper_list.id                   1 
_pdbx_struct_oper_list.type                 'identity operation' 
_pdbx_struct_oper_list.name                 1_555 
_pdbx_struct_oper_list.symmetry_operation   x,y,z 
_pdbx_struct_oper_list.matrix[1][1]         1.0000000000 
_pdbx_struct_oper_list.matrix[1][2]         0.0000000000 
_pdbx_struct_oper_list.matrix[1][3]         0.0000000000 
_pdbx_struct_oper_list.vector[1]            0.0000000000 
_pdbx_struct_oper_list.matrix[2][1]         0.0000000000 
_pdbx_struct_oper_list.matrix[2][2]         1.0000000000 
_pdbx_struct_oper_list.matrix[2][3]         0.0000000000 
_pdbx_struct_oper_list.vector[2]            0.0000000000 
_pdbx_struct_oper_list.matrix[3][1]         0.0000000000 
_pdbx_struct_oper_list.matrix[3][2]         0.0000000000 
_pdbx_struct_oper_list.matrix[3][3]         1.0000000000 
_pdbx_struct_oper_list.vector[3]            0.0000000000 
# 
loop_
_pdbx_audit_revision_history.ordinal 
_pdbx_audit_revision_history.data_content_type 
_pdbx_audit_revision_history.major_revision 
_pdbx_audit_revision_history.minor_revision 
_pdbx_audit_revision_history.revision_date 
1 'Structure model' 1 0 2012-04-11 
2 'Structure model' 1 1 2012-05-23 
3 'Structure model' 2 0 2020-07-29 
4 'Structure model' 2 1 2023-09-13 
# 
loop_
_pdbx_audit_revision_details.ordinal 
_pdbx_audit_revision_details.revision_ordinal 
_pdbx_audit_revision_details.data_content_type 
_pdbx_audit_revision_details.provider 
_pdbx_audit_revision_details.type 
_pdbx_audit_revision_details.description 
_pdbx_audit_revision_details.details 
1 1 'Structure model' repository 'Initial release' ?                          ? 
2 3 'Structure model' repository Remediation       'Carbohydrate remediation' ? 
# 
loop_
_pdbx_audit_revision_group.ordinal 
_pdbx_audit_revision_group.revision_ordinal 
_pdbx_audit_revision_group.data_content_type 
_pdbx_audit_revision_group.group 
1  2 'Structure model' 'Database references'    
2  3 'Structure model' 'Atomic model'           
3  3 'Structure model' 'Data collection'        
4  3 'Structure model' 'Database references'    
5  3 'Structure model' 'Derived calculations'   
6  3 'Structure model' 'Structure summary'      
7  4 'Structure model' 'Data collection'        
8  4 'Structure model' 'Database references'    
9  4 'Structure model' 'Refinement description' 
10 4 'Structure model' 'Structure summary'      
# 
loop_
_pdbx_audit_revision_category.ordinal 
_pdbx_audit_revision_category.revision_ordinal 
_pdbx_audit_revision_category.data_content_type 
_pdbx_audit_revision_category.category 
1  3 'Structure model' atom_site                     
2  3 'Structure model' chem_comp                     
3  3 'Structure model' entity                        
4  3 'Structure model' pdbx_branch_scheme            
5  3 'Structure model' pdbx_chem_comp_identifier     
6  3 'Structure model' pdbx_entity_branch            
7  3 'Structure model' pdbx_entity_branch_descriptor 
8  3 'Structure model' pdbx_entity_branch_link       
9  3 'Structure model' pdbx_entity_branch_list       
10 3 'Structure model' pdbx_entity_nonpoly           
11 3 'Structure model' pdbx_nonpoly_scheme           
12 3 'Structure model' pdbx_struct_assembly_gen      
13 3 'Structure model' struct_asym                   
14 3 'Structure model' struct_conn                   
15 3 'Structure model' struct_ref_seq_dif            
16 3 'Structure model' struct_site                   
17 3 'Structure model' struct_site_gen               
18 4 'Structure model' chem_comp                     
19 4 'Structure model' chem_comp_atom                
20 4 'Structure model' chem_comp_bond                
21 4 'Structure model' database_2                    
22 4 'Structure model' pdbx_initial_refinement_model 
# 
loop_
_pdbx_audit_revision_item.ordinal 
_pdbx_audit_revision_item.revision_ordinal 
_pdbx_audit_revision_item.data_content_type 
_pdbx_audit_revision_item.item 
1  3 'Structure model' '_atom_site.B_iso_or_equiv'              
2  3 'Structure model' '_atom_site.Cartn_x'                     
3  3 'Structure model' '_atom_site.Cartn_y'                     
4  3 'Structure model' '_atom_site.Cartn_z'                     
5  3 'Structure model' '_atom_site.auth_asym_id'                
6  3 'Structure model' '_atom_site.auth_atom_id'                
7  3 'Structure model' '_atom_site.auth_comp_id'                
8  3 'Structure model' '_atom_site.auth_seq_id'                 
9  3 'Structure model' '_atom_site.label_asym_id'               
10 3 'Structure model' '_atom_site.label_atom_id'               
11 3 'Structure model' '_atom_site.label_comp_id'               
12 3 'Structure model' '_atom_site.label_entity_id'             
13 3 'Structure model' '_atom_site.type_symbol'                 
14 3 'Structure model' '_chem_comp.name'                        
15 3 'Structure model' '_chem_comp.type'                        
16 3 'Structure model' '_pdbx_struct_assembly_gen.asym_id_list' 
17 3 'Structure model' '_struct_conn.pdbx_dist_value'           
18 3 'Structure model' '_struct_conn.pdbx_leaving_atom_flag'    
19 3 'Structure model' '_struct_conn.ptnr1_auth_asym_id'        
20 3 'Structure model' '_struct_conn.ptnr1_auth_comp_id'        
21 3 'Structure model' '_struct_conn.ptnr1_auth_seq_id'         
22 3 'Structure model' '_struct_conn.ptnr1_label_asym_id'       
23 3 'Structure model' '_struct_conn.ptnr1_label_atom_id'       
24 3 'Structure model' '_struct_conn.ptnr1_label_comp_id'       
25 3 'Structure model' '_struct_conn.ptnr2_auth_asym_id'        
26 3 'Structure model' '_struct_conn.ptnr2_auth_comp_id'        
27 3 'Structure model' '_struct_conn.ptnr2_auth_seq_id'         
28 3 'Structure model' '_struct_conn.ptnr2_label_asym_id'       
29 3 'Structure model' '_struct_conn.ptnr2_label_atom_id'       
30 3 'Structure model' '_struct_conn.ptnr2_label_comp_id'       
31 3 'Structure model' '_struct_ref_seq_dif.details'            
32 4 'Structure model' '_chem_comp.pdbx_synonyms'               
33 4 'Structure model' '_database_2.pdbx_DOI'                   
34 4 'Structure model' '_database_2.pdbx_database_accession'    
# 
loop_
_pdbx_refine_tls.pdbx_refine_id 
_pdbx_refine_tls.id 
_pdbx_refine_tls.details 
_pdbx_refine_tls.method 
_pdbx_refine_tls.origin_x 
_pdbx_refine_tls.origin_y 
_pdbx_refine_tls.origin_z 
_pdbx_refine_tls.T[1][1] 
_pdbx_refine_tls.T[2][2] 
_pdbx_refine_tls.T[3][3] 
_pdbx_refine_tls.T[1][2] 
_pdbx_refine_tls.T[1][3] 
_pdbx_refine_tls.T[2][3] 
_pdbx_refine_tls.L[1][1] 
_pdbx_refine_tls.L[2][2] 
_pdbx_refine_tls.L[3][3] 
_pdbx_refine_tls.L[1][2] 
_pdbx_refine_tls.L[1][3] 
_pdbx_refine_tls.L[2][3] 
_pdbx_refine_tls.S[1][1] 
_pdbx_refine_tls.S[1][2] 
_pdbx_refine_tls.S[1][3] 
_pdbx_refine_tls.S[2][1] 
_pdbx_refine_tls.S[2][2] 
_pdbx_refine_tls.S[2][3] 
_pdbx_refine_tls.S[3][1] 
_pdbx_refine_tls.S[3][2] 
_pdbx_refine_tls.S[3][3] 
'X-RAY DIFFRACTION' 1 ? refined -9.6262  -5.5409 4.7197  0.0324 0.0423  0.0490 -0.0056 0.0036  -0.0057 0.2832 0.1024 0.1595 0.0084  -0.0706 -0.1224 0.0034  -0.0288 -0.0145 0.0076  0.0089  0.0462  -0.0015 -0.0196 -0.0159 
'X-RAY DIFFRACTION' 2 ? refined 3.9141   -2.2354 6.4195  0.0227 0.0448  0.0409 -0.0091 -0.0056 -0.0085 0.1832 0.2007 0.0648 -0.1463 -0.0666 -0.0050 0.0037  -0.0239 -0.0485 -0.0241 -0.0171 -0.0010 0.0009  -0.0160 0.0090  
'X-RAY DIFFRACTION' 3 ? refined 11.4326  -0.9761 0.0346  0.0305 0.0231  0.0446 0.0068  -0.0042 -0.0077 0.0510 0.1495 0.1630 0.0541  -0.0517 0.0315  0.0322  -0.0012 0.0343  0.0019  -0.0296 -0.0182 -0.0100 0.0159  -0.0014 
'X-RAY DIFFRACTION' 4 ? refined 0.6586   1.7183  -4.4235 0.0136 -0.0103 0.0407 0.0135  -0.0016 -0.0195 0.0032 0.0210 0.0271 -0.0062 -0.0078 0.0238  -0.0242 0.0173  0.0233  -0.0031 -0.0210 0.0034  -0.0073 -0.0112 -0.0131 
'X-RAY DIFFRACTION' 5 ? refined -10.1607 1.1665  3.0964  0.0330 0.0396  0.0506 0.0009  -0.0003 -0.0022 0.1127 0.0727 0.4002 0.0494  -0.1586 0.0251  0.0209  -0.0640 0.0067  -0.0120 0.0215  0.0351  -0.0110 -0.0283 -0.0359  
# 
loop_
_pdbx_refine_tls_group.pdbx_refine_id 
_pdbx_refine_tls_group.id 
_pdbx_refine_tls_group.refine_tls_id 
_pdbx_refine_tls_group.beg_auth_asym_id 
_pdbx_refine_tls_group.beg_auth_seq_id 
_pdbx_refine_tls_group.beg_label_asym_id 
_pdbx_refine_tls_group.beg_label_seq_id 
_pdbx_refine_tls_group.end_auth_asym_id 
_pdbx_refine_tls_group.end_auth_seq_id 
_pdbx_refine_tls_group.end_label_asym_id 
_pdbx_refine_tls_group.end_label_seq_id 
_pdbx_refine_tls_group.selection 
_pdbx_refine_tls_group.selection_details 
'X-RAY DIFFRACTION' 1 1 ? ? ? ? ? ? ? ? ? 
;chain 'A' and (resseq 62:84)
;
'X-RAY DIFFRACTION' 2 2 ? ? ? ? ? ? ? ? ? 
;chain 'A' and (resseq 85:96)
;
'X-RAY DIFFRACTION' 3 3 ? ? ? ? ? ? ? ? ? 
;chain 'A' and (resseq 97:130)
;
'X-RAY DIFFRACTION' 4 4 ? ? ? ? ? ? ? ? ? 
;chain 'A' and (resseq 131:197)
;
'X-RAY DIFFRACTION' 5 5 ? ? ? ? ? ? ? ? ? 
;chain 'A' and (resseq 198:224)
;
# 
_software.name             PHENIX 
_software.classification   refinement 
_software.version          '(phenix.refine: 1.7_650)' 
_software.citation_id      ? 
_software.pdbx_ordinal     1 
# 
loop_
_pdbx_validate_torsion.id 
_pdbx_validate_torsion.PDB_model_num 
_pdbx_validate_torsion.auth_comp_id 
_pdbx_validate_torsion.auth_asym_id 
_pdbx_validate_torsion.auth_seq_id 
_pdbx_validate_torsion.PDB_ins_code 
_pdbx_validate_torsion.label_alt_id 
_pdbx_validate_torsion.phi 
_pdbx_validate_torsion.psi 
1 1 THR A 98  ? ? 72.83   -0.80  
2 1 ASN A 114 ? ? -37.04  124.19 
3 1 ASN A 194 ? ? -162.88 94.78  
# 
loop_
_chem_comp_atom.comp_id 
_chem_comp_atom.atom_id 
_chem_comp_atom.type_symbol 
_chem_comp_atom.pdbx_aromatic_flag 
_chem_comp_atom.pdbx_stereo_config 
_chem_comp_atom.pdbx_ordinal 
A2G O5   O N N 1   
A2G C1   C N S 2   
A2G O1   O N N 3   
A2G C2   C N R 4   
A2G N2   N N N 5   
A2G C3   C N R 6   
A2G O3   O N N 7   
A2G C4   C N R 8   
A2G O4   O N N 9   
A2G C5   C N R 10  
A2G C6   C N N 11  
A2G O6   O N N 12  
A2G C7   C N N 13  
A2G O7   O N N 14  
A2G C8   C N N 15  
A2G H1   H N N 16  
A2G HO1  H N N 17  
A2G H2   H N N 18  
A2G HN2  H N N 19  
A2G H3   H N N 20  
A2G HO3  H N N 21  
A2G H4   H N N 22  
A2G HO4  H N N 23  
A2G H5   H N N 24  
A2G H61  H N N 25  
A2G H81  H N N 26  
A2G H82  H N N 27  
A2G H83  H N N 28  
A2G H62  H N N 29  
A2G HO6  H N N 30  
ALA N    N N N 31  
ALA CA   C N S 32  
ALA C    C N N 33  
ALA O    O N N 34  
ALA CB   C N N 35  
ALA OXT  O N N 36  
ALA H    H N N 37  
ALA H2   H N N 38  
ALA HA   H N N 39  
ALA HB1  H N N 40  
ALA HB2  H N N 41  
ALA HB3  H N N 42  
ALA HXT  H N N 43  
ARG N    N N N 44  
ARG CA   C N S 45  
ARG C    C N N 46  
ARG O    O N N 47  
ARG CB   C N N 48  
ARG CG   C N N 49  
ARG CD   C N N 50  
ARG NE   N N N 51  
ARG CZ   C N N 52  
ARG NH1  N N N 53  
ARG NH2  N N N 54  
ARG OXT  O N N 55  
ARG H    H N N 56  
ARG H2   H N N 57  
ARG HA   H N N 58  
ARG HB2  H N N 59  
ARG HB3  H N N 60  
ARG HG2  H N N 61  
ARG HG3  H N N 62  
ARG HD2  H N N 63  
ARG HD3  H N N 64  
ARG HE   H N N 65  
ARG HH11 H N N 66  
ARG HH12 H N N 67  
ARG HH21 H N N 68  
ARG HH22 H N N 69  
ARG HXT  H N N 70  
ASN N    N N N 71  
ASN CA   C N S 72  
ASN C    C N N 73  
ASN O    O N N 74  
ASN CB   C N N 75  
ASN CG   C N N 76  
ASN OD1  O N N 77  
ASN ND2  N N N 78  
ASN OXT  O N N 79  
ASN H    H N N 80  
ASN H2   H N N 81  
ASN HA   H N N 82  
ASN HB2  H N N 83  
ASN HB3  H N N 84  
ASN HD21 H N N 85  
ASN HD22 H N N 86  
ASN HXT  H N N 87  
ASP N    N N N 88  
ASP CA   C N S 89  
ASP C    C N N 90  
ASP O    O N N 91  
ASP CB   C N N 92  
ASP CG   C N N 93  
ASP OD1  O N N 94  
ASP OD2  O N N 95  
ASP OXT  O N N 96  
ASP H    H N N 97  
ASP H2   H N N 98  
ASP HA   H N N 99  
ASP HB2  H N N 100 
ASP HB3  H N N 101 
ASP HD2  H N N 102 
ASP HXT  H N N 103 
CYS N    N N N 104 
CYS CA   C N R 105 
CYS C    C N N 106 
CYS O    O N N 107 
CYS CB   C N N 108 
CYS SG   S N N 109 
CYS OXT  O N N 110 
CYS H    H N N 111 
CYS H2   H N N 112 
CYS HA   H N N 113 
CYS HB2  H N N 114 
CYS HB3  H N N 115 
CYS HG   H N N 116 
CYS HXT  H N N 117 
FUC C1   C N R 118 
FUC C2   C N S 119 
FUC C3   C N R 120 
FUC C4   C N S 121 
FUC C5   C N S 122 
FUC C6   C N N 123 
FUC O1   O N N 124 
FUC O2   O N N 125 
FUC O3   O N N 126 
FUC O4   O N N 127 
FUC O5   O N N 128 
FUC H1   H N N 129 
FUC H2   H N N 130 
FUC H3   H N N 131 
FUC H4   H N N 132 
FUC H5   H N N 133 
FUC H61  H N N 134 
FUC H62  H N N 135 
FUC H63  H N N 136 
FUC HO1  H N N 137 
FUC HO2  H N N 138 
FUC HO3  H N N 139 
FUC HO4  H N N 140 
GLA C1   C N S 141 
GLA C2   C N R 142 
GLA C3   C N S 143 
GLA C4   C N R 144 
GLA C5   C N R 145 
GLA C6   C N N 146 
GLA O1   O N N 147 
GLA O2   O N N 148 
GLA O3   O N N 149 
GLA O4   O N N 150 
GLA O5   O N N 151 
GLA O6   O N N 152 
GLA H1   H N N 153 
GLA H2   H N N 154 
GLA H3   H N N 155 
GLA H4   H N N 156 
GLA H5   H N N 157 
GLA H61  H N N 158 
GLA H62  H N N 159 
GLA HO1  H N N 160 
GLA HO2  H N N 161 
GLA HO3  H N N 162 
GLA HO4  H N N 163 
GLA HO6  H N N 164 
GLN N    N N N 165 
GLN CA   C N S 166 
GLN C    C N N 167 
GLN O    O N N 168 
GLN CB   C N N 169 
GLN CG   C N N 170 
GLN CD   C N N 171 
GLN OE1  O N N 172 
GLN NE2  N N N 173 
GLN OXT  O N N 174 
GLN H    H N N 175 
GLN H2   H N N 176 
GLN HA   H N N 177 
GLN HB2  H N N 178 
GLN HB3  H N N 179 
GLN HG2  H N N 180 
GLN HG3  H N N 181 
GLN HE21 H N N 182 
GLN HE22 H N N 183 
GLN HXT  H N N 184 
GLU N    N N N 185 
GLU CA   C N S 186 
GLU C    C N N 187 
GLU O    O N N 188 
GLU CB   C N N 189 
GLU CG   C N N 190 
GLU CD   C N N 191 
GLU OE1  O N N 192 
GLU OE2  O N N 193 
GLU OXT  O N N 194 
GLU H    H N N 195 
GLU H2   H N N 196 
GLU HA   H N N 197 
GLU HB2  H N N 198 
GLU HB3  H N N 199 
GLU HG2  H N N 200 
GLU HG3  H N N 201 
GLU HE2  H N N 202 
GLU HXT  H N N 203 
GLY N    N N N 204 
GLY CA   C N N 205 
GLY C    C N N 206 
GLY O    O N N 207 
GLY OXT  O N N 208 
GLY H    H N N 209 
GLY H2   H N N 210 
GLY HA2  H N N 211 
GLY HA3  H N N 212 
GLY HXT  H N N 213 
HOH O    O N N 214 
HOH H1   H N N 215 
HOH H2   H N N 216 
ILE N    N N N 217 
ILE CA   C N S 218 
ILE C    C N N 219 
ILE O    O N N 220 
ILE CB   C N S 221 
ILE CG1  C N N 222 
ILE CG2  C N N 223 
ILE CD1  C N N 224 
ILE OXT  O N N 225 
ILE H    H N N 226 
ILE H2   H N N 227 
ILE HA   H N N 228 
ILE HB   H N N 229 
ILE HG12 H N N 230 
ILE HG13 H N N 231 
ILE HG21 H N N 232 
ILE HG22 H N N 233 
ILE HG23 H N N 234 
ILE HD11 H N N 235 
ILE HD12 H N N 236 
ILE HD13 H N N 237 
ILE HXT  H N N 238 
LEU N    N N N 239 
LEU CA   C N S 240 
LEU C    C N N 241 
LEU O    O N N 242 
LEU CB   C N N 243 
LEU CG   C N N 244 
LEU CD1  C N N 245 
LEU CD2  C N N 246 
LEU OXT  O N N 247 
LEU H    H N N 248 
LEU H2   H N N 249 
LEU HA   H N N 250 
LEU HB2  H N N 251 
LEU HB3  H N N 252 
LEU HG   H N N 253 
LEU HD11 H N N 254 
LEU HD12 H N N 255 
LEU HD13 H N N 256 
LEU HD21 H N N 257 
LEU HD22 H N N 258 
LEU HD23 H N N 259 
LEU HXT  H N N 260 
LYS N    N N N 261 
LYS CA   C N S 262 
LYS C    C N N 263 
LYS O    O N N 264 
LYS CB   C N N 265 
LYS CG   C N N 266 
LYS CD   C N N 267 
LYS CE   C N N 268 
LYS NZ   N N N 269 
LYS OXT  O N N 270 
LYS H    H N N 271 
LYS H2   H N N 272 
LYS HA   H N N 273 
LYS HB2  H N N 274 
LYS HB3  H N N 275 
LYS HG2  H N N 276 
LYS HG3  H N N 277 
LYS HD2  H N N 278 
LYS HD3  H N N 279 
LYS HE2  H N N 280 
LYS HE3  H N N 281 
LYS HZ1  H N N 282 
LYS HZ2  H N N 283 
LYS HZ3  H N N 284 
LYS HXT  H N N 285 
MET N    N N N 286 
MET CA   C N S 287 
MET C    C N N 288 
MET O    O N N 289 
MET CB   C N N 290 
MET CG   C N N 291 
MET SD   S N N 292 
MET CE   C N N 293 
MET OXT  O N N 294 
MET H    H N N 295 
MET H2   H N N 296 
MET HA   H N N 297 
MET HB2  H N N 298 
MET HB3  H N N 299 
MET HG2  H N N 300 
MET HG3  H N N 301 
MET HE1  H N N 302 
MET HE2  H N N 303 
MET HE3  H N N 304 
MET HXT  H N N 305 
PHE N    N N N 306 
PHE CA   C N S 307 
PHE C    C N N 308 
PHE O    O N N 309 
PHE CB   C N N 310 
PHE CG   C Y N 311 
PHE CD1  C Y N 312 
PHE CD2  C Y N 313 
PHE CE1  C Y N 314 
PHE CE2  C Y N 315 
PHE CZ   C Y N 316 
PHE OXT  O N N 317 
PHE H    H N N 318 
PHE H2   H N N 319 
PHE HA   H N N 320 
PHE HB2  H N N 321 
PHE HB3  H N N 322 
PHE HD1  H N N 323 
PHE HD2  H N N 324 
PHE HE1  H N N 325 
PHE HE2  H N N 326 
PHE HZ   H N N 327 
PHE HXT  H N N 328 
PRO N    N N N 329 
PRO CA   C N S 330 
PRO C    C N N 331 
PRO O    O N N 332 
PRO CB   C N N 333 
PRO CG   C N N 334 
PRO CD   C N N 335 
PRO OXT  O N N 336 
PRO H    H N N 337 
PRO HA   H N N 338 
PRO HB2  H N N 339 
PRO HB3  H N N 340 
PRO HG2  H N N 341 
PRO HG3  H N N 342 
PRO HD2  H N N 343 
PRO HD3  H N N 344 
PRO HXT  H N N 345 
SER N    N N N 346 
SER CA   C N S 347 
SER C    C N N 348 
SER O    O N N 349 
SER CB   C N N 350 
SER OG   O N N 351 
SER OXT  O N N 352 
SER H    H N N 353 
SER H2   H N N 354 
SER HA   H N N 355 
SER HB2  H N N 356 
SER HB3  H N N 357 
SER HG   H N N 358 
SER HXT  H N N 359 
THR N    N N N 360 
THR CA   C N S 361 
THR C    C N N 362 
THR O    O N N 363 
THR CB   C N R 364 
THR OG1  O N N 365 
THR CG2  C N N 366 
THR OXT  O N N 367 
THR H    H N N 368 
THR H2   H N N 369 
THR HA   H N N 370 
THR HB   H N N 371 
THR HG1  H N N 372 
THR HG21 H N N 373 
THR HG22 H N N 374 
THR HG23 H N N 375 
THR HXT  H N N 376 
TRP N    N N N 377 
TRP CA   C N S 378 
TRP C    C N N 379 
TRP O    O N N 380 
TRP CB   C N N 381 
TRP CG   C Y N 382 
TRP CD1  C Y N 383 
TRP CD2  C Y N 384 
TRP NE1  N Y N 385 
TRP CE2  C Y N 386 
TRP CE3  C Y N 387 
TRP CZ2  C Y N 388 
TRP CZ3  C Y N 389 
TRP CH2  C Y N 390 
TRP OXT  O N N 391 
TRP H    H N N 392 
TRP H2   H N N 393 
TRP HA   H N N 394 
TRP HB2  H N N 395 
TRP HB3  H N N 396 
TRP HD1  H N N 397 
TRP HE1  H N N 398 
TRP HE3  H N N 399 
TRP HZ2  H N N 400 
TRP HZ3  H N N 401 
TRP HH2  H N N 402 
TRP HXT  H N N 403 
TYR N    N N N 404 
TYR CA   C N S 405 
TYR C    C N N 406 
TYR O    O N N 407 
TYR CB   C N N 408 
TYR CG   C Y N 409 
TYR CD1  C Y N 410 
TYR CD2  C Y N 411 
TYR CE1  C Y N 412 
TYR CE2  C Y N 413 
TYR CZ   C Y N 414 
TYR OH   O N N 415 
TYR OXT  O N N 416 
TYR H    H N N 417 
TYR H2   H N N 418 
TYR HA   H N N 419 
TYR HB2  H N N 420 
TYR HB3  H N N 421 
TYR HD1  H N N 422 
TYR HD2  H N N 423 
TYR HE1  H N N 424 
TYR HE2  H N N 425 
TYR HH   H N N 426 
TYR HXT  H N N 427 
VAL N    N N N 428 
VAL CA   C N S 429 
VAL C    C N N 430 
VAL O    O N N 431 
VAL CB   C N N 432 
VAL CG1  C N N 433 
VAL CG2  C N N 434 
VAL OXT  O N N 435 
VAL H    H N N 436 
VAL H2   H N N 437 
VAL HA   H N N 438 
VAL HB   H N N 439 
VAL HG11 H N N 440 
VAL HG12 H N N 441 
VAL HG13 H N N 442 
VAL HG21 H N N 443 
VAL HG22 H N N 444 
VAL HG23 H N N 445 
VAL HXT  H N N 446 
# 
loop_
_chem_comp_bond.comp_id 
_chem_comp_bond.atom_id_1 
_chem_comp_bond.atom_id_2 
_chem_comp_bond.value_order 
_chem_comp_bond.pdbx_aromatic_flag 
_chem_comp_bond.pdbx_stereo_config 
_chem_comp_bond.pdbx_ordinal 
A2G O5  C5   sing N N 1   
A2G C1  O5   sing N N 2   
A2G C1  C2   sing N N 3   
A2G C1  H1   sing N N 4   
A2G O1  C1   sing N N 5   
A2G O1  HO1  sing N N 6   
A2G C2  C3   sing N N 7   
A2G C2  H2   sing N N 8   
A2G N2  C2   sing N N 9   
A2G N2  HN2  sing N N 10  
A2G C3  C4   sing N N 11  
A2G C3  O3   sing N N 12  
A2G C3  H3   sing N N 13  
A2G O3  HO3  sing N N 14  
A2G C4  O4   sing N N 15  
A2G C4  H4   sing N N 16  
A2G O4  HO4  sing N N 17  
A2G C5  C4   sing N N 18  
A2G C5  C6   sing N N 19  
A2G C5  H5   sing N N 20  
A2G C6  O6   sing N N 21  
A2G C6  H61  sing N N 22  
A2G C7  N2   sing N N 23  
A2G O7  C7   doub N N 24  
A2G C8  C7   sing N N 25  
A2G C8  H81  sing N N 26  
A2G C8  H82  sing N N 27  
A2G C8  H83  sing N N 28  
A2G C6  H62  sing N N 29  
A2G O6  HO6  sing N N 30  
ALA N   CA   sing N N 31  
ALA N   H    sing N N 32  
ALA N   H2   sing N N 33  
ALA CA  C    sing N N 34  
ALA CA  CB   sing N N 35  
ALA CA  HA   sing N N 36  
ALA C   O    doub N N 37  
ALA C   OXT  sing N N 38  
ALA CB  HB1  sing N N 39  
ALA CB  HB2  sing N N 40  
ALA CB  HB3  sing N N 41  
ALA OXT HXT  sing N N 42  
ARG N   CA   sing N N 43  
ARG N   H    sing N N 44  
ARG N   H2   sing N N 45  
ARG CA  C    sing N N 46  
ARG CA  CB   sing N N 47  
ARG CA  HA   sing N N 48  
ARG C   O    doub N N 49  
ARG C   OXT  sing N N 50  
ARG CB  CG   sing N N 51  
ARG CB  HB2  sing N N 52  
ARG CB  HB3  sing N N 53  
ARG CG  CD   sing N N 54  
ARG CG  HG2  sing N N 55  
ARG CG  HG3  sing N N 56  
ARG CD  NE   sing N N 57  
ARG CD  HD2  sing N N 58  
ARG CD  HD3  sing N N 59  
ARG NE  CZ   sing N N 60  
ARG NE  HE   sing N N 61  
ARG CZ  NH1  sing N N 62  
ARG CZ  NH2  doub N N 63  
ARG NH1 HH11 sing N N 64  
ARG NH1 HH12 sing N N 65  
ARG NH2 HH21 sing N N 66  
ARG NH2 HH22 sing N N 67  
ARG OXT HXT  sing N N 68  
ASN N   CA   sing N N 69  
ASN N   H    sing N N 70  
ASN N   H2   sing N N 71  
ASN CA  C    sing N N 72  
ASN CA  CB   sing N N 73  
ASN CA  HA   sing N N 74  
ASN C   O    doub N N 75  
ASN C   OXT  sing N N 76  
ASN CB  CG   sing N N 77  
ASN CB  HB2  sing N N 78  
ASN CB  HB3  sing N N 79  
ASN CG  OD1  doub N N 80  
ASN CG  ND2  sing N N 81  
ASN ND2 HD21 sing N N 82  
ASN ND2 HD22 sing N N 83  
ASN OXT HXT  sing N N 84  
ASP N   CA   sing N N 85  
ASP N   H    sing N N 86  
ASP N   H2   sing N N 87  
ASP CA  C    sing N N 88  
ASP CA  CB   sing N N 89  
ASP CA  HA   sing N N 90  
ASP C   O    doub N N 91  
ASP C   OXT  sing N N 92  
ASP CB  CG   sing N N 93  
ASP CB  HB2  sing N N 94  
ASP CB  HB3  sing N N 95  
ASP CG  OD1  doub N N 96  
ASP CG  OD2  sing N N 97  
ASP OD2 HD2  sing N N 98  
ASP OXT HXT  sing N N 99  
CYS N   CA   sing N N 100 
CYS N   H    sing N N 101 
CYS N   H2   sing N N 102 
CYS CA  C    sing N N 103 
CYS CA  CB   sing N N 104 
CYS CA  HA   sing N N 105 
CYS C   O    doub N N 106 
CYS C   OXT  sing N N 107 
CYS CB  SG   sing N N 108 
CYS CB  HB2  sing N N 109 
CYS CB  HB3  sing N N 110 
CYS SG  HG   sing N N 111 
CYS OXT HXT  sing N N 112 
FUC C1  C2   sing N N 113 
FUC C1  O1   sing N N 114 
FUC C1  O5   sing N N 115 
FUC C1  H1   sing N N 116 
FUC C2  C3   sing N N 117 
FUC C2  O2   sing N N 118 
FUC C2  H2   sing N N 119 
FUC C3  C4   sing N N 120 
FUC C3  O3   sing N N 121 
FUC C3  H3   sing N N 122 
FUC C4  C5   sing N N 123 
FUC C4  O4   sing N N 124 
FUC C4  H4   sing N N 125 
FUC C5  C6   sing N N 126 
FUC C5  O5   sing N N 127 
FUC C5  H5   sing N N 128 
FUC C6  H61  sing N N 129 
FUC C6  H62  sing N N 130 
FUC C6  H63  sing N N 131 
FUC O1  HO1  sing N N 132 
FUC O2  HO2  sing N N 133 
FUC O3  HO3  sing N N 134 
FUC O4  HO4  sing N N 135 
GLA C1  C2   sing N N 136 
GLA C1  O1   sing N N 137 
GLA C1  O5   sing N N 138 
GLA C1  H1   sing N N 139 
GLA C2  C3   sing N N 140 
GLA C2  O2   sing N N 141 
GLA C2  H2   sing N N 142 
GLA C3  C4   sing N N 143 
GLA C3  O3   sing N N 144 
GLA C3  H3   sing N N 145 
GLA C4  C5   sing N N 146 
GLA C4  O4   sing N N 147 
GLA C4  H4   sing N N 148 
GLA C5  C6   sing N N 149 
GLA C5  O5   sing N N 150 
GLA C5  H5   sing N N 151 
GLA C6  O6   sing N N 152 
GLA C6  H61  sing N N 153 
GLA C6  H62  sing N N 154 
GLA O1  HO1  sing N N 155 
GLA O2  HO2  sing N N 156 
GLA O3  HO3  sing N N 157 
GLA O4  HO4  sing N N 158 
GLA O6  HO6  sing N N 159 
GLN N   CA   sing N N 160 
GLN N   H    sing N N 161 
GLN N   H2   sing N N 162 
GLN CA  C    sing N N 163 
GLN CA  CB   sing N N 164 
GLN CA  HA   sing N N 165 
GLN C   O    doub N N 166 
GLN C   OXT  sing N N 167 
GLN CB  CG   sing N N 168 
GLN CB  HB2  sing N N 169 
GLN CB  HB3  sing N N 170 
GLN CG  CD   sing N N 171 
GLN CG  HG2  sing N N 172 
GLN CG  HG3  sing N N 173 
GLN CD  OE1  doub N N 174 
GLN CD  NE2  sing N N 175 
GLN NE2 HE21 sing N N 176 
GLN NE2 HE22 sing N N 177 
GLN OXT HXT  sing N N 178 
GLU N   CA   sing N N 179 
GLU N   H    sing N N 180 
GLU N   H2   sing N N 181 
GLU CA  C    sing N N 182 
GLU CA  CB   sing N N 183 
GLU CA  HA   sing N N 184 
GLU C   O    doub N N 185 
GLU C   OXT  sing N N 186 
GLU CB  CG   sing N N 187 
GLU CB  HB2  sing N N 188 
GLU CB  HB3  sing N N 189 
GLU CG  CD   sing N N 190 
GLU CG  HG2  sing N N 191 
GLU CG  HG3  sing N N 192 
GLU CD  OE1  doub N N 193 
GLU CD  OE2  sing N N 194 
GLU OE2 HE2  sing N N 195 
GLU OXT HXT  sing N N 196 
GLY N   CA   sing N N 197 
GLY N   H    sing N N 198 
GLY N   H2   sing N N 199 
GLY CA  C    sing N N 200 
GLY CA  HA2  sing N N 201 
GLY CA  HA3  sing N N 202 
GLY C   O    doub N N 203 
GLY C   OXT  sing N N 204 
GLY OXT HXT  sing N N 205 
HOH O   H1   sing N N 206 
HOH O   H2   sing N N 207 
ILE N   CA   sing N N 208 
ILE N   H    sing N N 209 
ILE N   H2   sing N N 210 
ILE CA  C    sing N N 211 
ILE CA  CB   sing N N 212 
ILE CA  HA   sing N N 213 
ILE C   O    doub N N 214 
ILE C   OXT  sing N N 215 
ILE CB  CG1  sing N N 216 
ILE CB  CG2  sing N N 217 
ILE CB  HB   sing N N 218 
ILE CG1 CD1  sing N N 219 
ILE CG1 HG12 sing N N 220 
ILE CG1 HG13 sing N N 221 
ILE CG2 HG21 sing N N 222 
ILE CG2 HG22 sing N N 223 
ILE CG2 HG23 sing N N 224 
ILE CD1 HD11 sing N N 225 
ILE CD1 HD12 sing N N 226 
ILE CD1 HD13 sing N N 227 
ILE OXT HXT  sing N N 228 
LEU N   CA   sing N N 229 
LEU N   H    sing N N 230 
LEU N   H2   sing N N 231 
LEU CA  C    sing N N 232 
LEU CA  CB   sing N N 233 
LEU CA  HA   sing N N 234 
LEU C   O    doub N N 235 
LEU C   OXT  sing N N 236 
LEU CB  CG   sing N N 237 
LEU CB  HB2  sing N N 238 
LEU CB  HB3  sing N N 239 
LEU CG  CD1  sing N N 240 
LEU CG  CD2  sing N N 241 
LEU CG  HG   sing N N 242 
LEU CD1 HD11 sing N N 243 
LEU CD1 HD12 sing N N 244 
LEU CD1 HD13 sing N N 245 
LEU CD2 HD21 sing N N 246 
LEU CD2 HD22 sing N N 247 
LEU CD2 HD23 sing N N 248 
LEU OXT HXT  sing N N 249 
LYS N   CA   sing N N 250 
LYS N   H    sing N N 251 
LYS N   H2   sing N N 252 
LYS CA  C    sing N N 253 
LYS CA  CB   sing N N 254 
LYS CA  HA   sing N N 255 
LYS C   O    doub N N 256 
LYS C   OXT  sing N N 257 
LYS CB  CG   sing N N 258 
LYS CB  HB2  sing N N 259 
LYS CB  HB3  sing N N 260 
LYS CG  CD   sing N N 261 
LYS CG  HG2  sing N N 262 
LYS CG  HG3  sing N N 263 
LYS CD  CE   sing N N 264 
LYS CD  HD2  sing N N 265 
LYS CD  HD3  sing N N 266 
LYS CE  NZ   sing N N 267 
LYS CE  HE2  sing N N 268 
LYS CE  HE3  sing N N 269 
LYS NZ  HZ1  sing N N 270 
LYS NZ  HZ2  sing N N 271 
LYS NZ  HZ3  sing N N 272 
LYS OXT HXT  sing N N 273 
MET N   CA   sing N N 274 
MET N   H    sing N N 275 
MET N   H2   sing N N 276 
MET CA  C    sing N N 277 
MET CA  CB   sing N N 278 
MET CA  HA   sing N N 279 
MET C   O    doub N N 280 
MET C   OXT  sing N N 281 
MET CB  CG   sing N N 282 
MET CB  HB2  sing N N 283 
MET CB  HB3  sing N N 284 
MET CG  SD   sing N N 285 
MET CG  HG2  sing N N 286 
MET CG  HG3  sing N N 287 
MET SD  CE   sing N N 288 
MET CE  HE1  sing N N 289 
MET CE  HE2  sing N N 290 
MET CE  HE3  sing N N 291 
MET OXT HXT  sing N N 292 
PHE N   CA   sing N N 293 
PHE N   H    sing N N 294 
PHE N   H2   sing N N 295 
PHE CA  C    sing N N 296 
PHE CA  CB   sing N N 297 
PHE CA  HA   sing N N 298 
PHE C   O    doub N N 299 
PHE C   OXT  sing N N 300 
PHE CB  CG   sing N N 301 
PHE CB  HB2  sing N N 302 
PHE CB  HB3  sing N N 303 
PHE CG  CD1  doub Y N 304 
PHE CG  CD2  sing Y N 305 
PHE CD1 CE1  sing Y N 306 
PHE CD1 HD1  sing N N 307 
PHE CD2 CE2  doub Y N 308 
PHE CD2 HD2  sing N N 309 
PHE CE1 CZ   doub Y N 310 
PHE CE1 HE1  sing N N 311 
PHE CE2 CZ   sing Y N 312 
PHE CE2 HE2  sing N N 313 
PHE CZ  HZ   sing N N 314 
PHE OXT HXT  sing N N 315 
PRO N   CA   sing N N 316 
PRO N   CD   sing N N 317 
PRO N   H    sing N N 318 
PRO CA  C    sing N N 319 
PRO CA  CB   sing N N 320 
PRO CA  HA   sing N N 321 
PRO C   O    doub N N 322 
PRO C   OXT  sing N N 323 
PRO CB  CG   sing N N 324 
PRO CB  HB2  sing N N 325 
PRO CB  HB3  sing N N 326 
PRO CG  CD   sing N N 327 
PRO CG  HG2  sing N N 328 
PRO CG  HG3  sing N N 329 
PRO CD  HD2  sing N N 330 
PRO CD  HD3  sing N N 331 
PRO OXT HXT  sing N N 332 
SER N   CA   sing N N 333 
SER N   H    sing N N 334 
SER N   H2   sing N N 335 
SER CA  C    sing N N 336 
SER CA  CB   sing N N 337 
SER CA  HA   sing N N 338 
SER C   O    doub N N 339 
SER C   OXT  sing N N 340 
SER CB  OG   sing N N 341 
SER CB  HB2  sing N N 342 
SER CB  HB3  sing N N 343 
SER OG  HG   sing N N 344 
SER OXT HXT  sing N N 345 
THR N   CA   sing N N 346 
THR N   H    sing N N 347 
THR N   H2   sing N N 348 
THR CA  C    sing N N 349 
THR CA  CB   sing N N 350 
THR CA  HA   sing N N 351 
THR C   O    doub N N 352 
THR C   OXT  sing N N 353 
THR CB  OG1  sing N N 354 
THR CB  CG2  sing N N 355 
THR CB  HB   sing N N 356 
THR OG1 HG1  sing N N 357 
THR CG2 HG21 sing N N 358 
THR CG2 HG22 sing N N 359 
THR CG2 HG23 sing N N 360 
THR OXT HXT  sing N N 361 
TRP N   CA   sing N N 362 
TRP N   H    sing N N 363 
TRP N   H2   sing N N 364 
TRP CA  C    sing N N 365 
TRP CA  CB   sing N N 366 
TRP CA  HA   sing N N 367 
TRP C   O    doub N N 368 
TRP C   OXT  sing N N 369 
TRP CB  CG   sing N N 370 
TRP CB  HB2  sing N N 371 
TRP CB  HB3  sing N N 372 
TRP CG  CD1  doub Y N 373 
TRP CG  CD2  sing Y N 374 
TRP CD1 NE1  sing Y N 375 
TRP CD1 HD1  sing N N 376 
TRP CD2 CE2  doub Y N 377 
TRP CD2 CE3  sing Y N 378 
TRP NE1 CE2  sing Y N 379 
TRP NE1 HE1  sing N N 380 
TRP CE2 CZ2  sing Y N 381 
TRP CE3 CZ3  doub Y N 382 
TRP CE3 HE3  sing N N 383 
TRP CZ2 CH2  doub Y N 384 
TRP CZ2 HZ2  sing N N 385 
TRP CZ3 CH2  sing Y N 386 
TRP CZ3 HZ3  sing N N 387 
TRP CH2 HH2  sing N N 388 
TRP OXT HXT  sing N N 389 
TYR N   CA   sing N N 390 
TYR N   H    sing N N 391 
TYR N   H2   sing N N 392 
TYR CA  C    sing N N 393 
TYR CA  CB   sing N N 394 
TYR CA  HA   sing N N 395 
TYR C   O    doub N N 396 
TYR C   OXT  sing N N 397 
TYR CB  CG   sing N N 398 
TYR CB  HB2  sing N N 399 
TYR CB  HB3  sing N N 400 
TYR CG  CD1  doub Y N 401 
TYR CG  CD2  sing Y N 402 
TYR CD1 CE1  sing Y N 403 
TYR CD1 HD1  sing N N 404 
TYR CD2 CE2  doub Y N 405 
TYR CD2 HD2  sing N N 406 
TYR CE1 CZ   doub Y N 407 
TYR CE1 HE1  sing N N 408 
TYR CE2 CZ   sing Y N 409 
TYR CE2 HE2  sing N N 410 
TYR CZ  OH   sing N N 411 
TYR OH  HH   sing N N 412 
TYR OXT HXT  sing N N 413 
VAL N   CA   sing N N 414 
VAL N   H    sing N N 415 
VAL N   H2   sing N N 416 
VAL CA  C    sing N N 417 
VAL CA  CB   sing N N 418 
VAL CA  HA   sing N N 419 
VAL C   O    doub N N 420 
VAL C   OXT  sing N N 421 
VAL CB  CG1  sing N N 422 
VAL CB  CG2  sing N N 423 
VAL CB  HB   sing N N 424 
VAL CG1 HG11 sing N N 425 
VAL CG1 HG12 sing N N 426 
VAL CG1 HG13 sing N N 427 
VAL CG2 HG21 sing N N 428 
VAL CG2 HG22 sing N N 429 
VAL CG2 HG23 sing N N 430 
VAL OXT HXT  sing N N 431 
# 
loop_
_pdbx_branch_scheme.asym_id 
_pdbx_branch_scheme.entity_id 
_pdbx_branch_scheme.mon_id 
_pdbx_branch_scheme.num 
_pdbx_branch_scheme.pdb_asym_id 
_pdbx_branch_scheme.pdb_mon_id 
_pdbx_branch_scheme.pdb_seq_num 
_pdbx_branch_scheme.auth_asym_id 
_pdbx_branch_scheme.auth_mon_id 
_pdbx_branch_scheme.auth_seq_num 
_pdbx_branch_scheme.hetero 
B 2 GLA 1 B GLA 1 B GAL 2 n 
B 2 FUC 2 B FUC 2 B FUC 3 n 
B 2 A2G 3 B A2G 3 B NGA 1 n 
# 
loop_
_pdbx_chem_comp_identifier.comp_id 
_pdbx_chem_comp_identifier.type 
_pdbx_chem_comp_identifier.program 
_pdbx_chem_comp_identifier.program_version 
_pdbx_chem_comp_identifier.identifier 
A2G 'CONDENSED IUPAC CARBOHYDRATE SYMBOL' GMML     1.0 DGalpNAca                        
A2G 'COMMON NAME'                         GMML     1.0 N-acetyl-a-D-galactopyranosamine 
A2G 'IUPAC CARBOHYDRATE SYMBOL'           PDB-CARE 1.0 a-D-GalpNAc                      
A2G 'SNFG CARBOHYDRATE SYMBOL'            GMML     1.0 GalNAc                           
FUC 'CONDENSED IUPAC CARBOHYDRATE SYMBOL' GMML     1.0 LFucpa                           
FUC 'COMMON NAME'                         GMML     1.0 a-L-fucopyranose                 
FUC 'IUPAC CARBOHYDRATE SYMBOL'           PDB-CARE 1.0 a-L-Fucp                         
FUC 'SNFG CARBOHYDRATE SYMBOL'            GMML     1.0 Fuc                              
GLA 'CONDENSED IUPAC CARBOHYDRATE SYMBOL' GMML     1.0 DGalpa                           
GLA 'COMMON NAME'                         GMML     1.0 a-D-galactopyranose              
GLA 'IUPAC CARBOHYDRATE SYMBOL'           PDB-CARE 1.0 a-D-Galp                         
GLA 'SNFG CARBOHYDRATE SYMBOL'            GMML     1.0 Gal                              
# 
_pdbx_entity_branch.entity_id   2 
_pdbx_entity_branch.type        oligosaccharide 
# 
loop_
_pdbx_entity_branch_descriptor.ordinal 
_pdbx_entity_branch_descriptor.entity_id 
_pdbx_entity_branch_descriptor.descriptor 
_pdbx_entity_branch_descriptor.type 
_pdbx_entity_branch_descriptor.program 
_pdbx_entity_branch_descriptor.program_version 
1 2 'LFucpa1-2[DGalpNAca1-3]DGalpa1-ROH'                                                        'Glycam Condensed Sequence' GMML 
1.0   
2 2 'WURCS=2.0/3,3,2/[a2112h-1a_1-5][a1221m-1a_1-5][a2112h-1a_1-5_2*NCC/3=O]/1-2-3/a2-b1_a3-c1' WURCS                       
PDB2Glycan 1.1.0 
3 2 '[][a-D-Galp]{[(2+1)][a-L-Fucp]{}[(3+1)][a-D-GalpNAc]{}}'                                   LINUCS                      
PDB-CARE   ?     
# 
loop_
_pdbx_entity_branch_link.link_id 
_pdbx_entity_branch_link.entity_id 
_pdbx_entity_branch_link.entity_branch_list_num_1 
_pdbx_entity_branch_link.comp_id_1 
_pdbx_entity_branch_link.atom_id_1 
_pdbx_entity_branch_link.leaving_atom_id_1 
_pdbx_entity_branch_link.entity_branch_list_num_2 
_pdbx_entity_branch_link.comp_id_2 
_pdbx_entity_branch_link.atom_id_2 
_pdbx_entity_branch_link.leaving_atom_id_2 
_pdbx_entity_branch_link.value_order 
_pdbx_entity_branch_link.details 
1 2 2 FUC C1 O1 1 GLA O2 HO2 sing ? 
2 2 3 A2G C1 O1 1 GLA O3 HO3 sing ? 
# 
loop_
_pdbx_entity_branch_list.entity_id 
_pdbx_entity_branch_list.comp_id 
_pdbx_entity_branch_list.num 
_pdbx_entity_branch_list.hetero 
2 GLA 1 n 
2 FUC 2 n 
2 A2G 3 n 
# 
_pdbx_entity_nonpoly.entity_id   3 
_pdbx_entity_nonpoly.name        water 
_pdbx_entity_nonpoly.comp_id     HOH 
# 
_pdbx_initial_refinement_model.id               1 
_pdbx_initial_refinement_model.entity_id_list   ? 
_pdbx_initial_refinement_model.type             'experimental model' 
_pdbx_initial_refinement_model.source_name      PDB 
_pdbx_initial_refinement_model.accession_code   1KQR 
_pdbx_initial_refinement_model.details          ? 
# 
